data_1I9C
#
_entry.id   1I9C
#
_cell.length_a   64.348
_cell.length_b   113.139
_cell.length_c   108.439
_cell.angle_alpha   90.00
_cell.angle_beta   96.00
_cell.angle_gamma   90.00
#
_symmetry.space_group_name_H-M   'P 1 21 1'
#
loop_
_entity.id
_entity.type
_entity.pdbx_description
1 polymer 'GLUTAMATE MUTASE'
2 polymer 'GLUTAMATE MUTASE'
3 non-polymer COBALAMIN
4 non-polymer "5'-DEOXYADENOSINE"
5 non-polymer 'GLUTAMIC ACID'
6 non-polymer '(2S,3S)-3-methyl-aspartic acid'
7 water water
#
loop_
_entity_poly.entity_id
_entity_poly.type
_entity_poly.pdbx_seq_one_letter_code
_entity_poly.pdbx_strand_id
1 'polypeptide(L)'
;MEKKTIVLGVIGSDCHAVGNKILDHAFTNAGFNVVNIGVLSPQENFIKAAIETKADAILVSSLYGQGEIDCKGLRQKCDE
AGLEGILLYVGGNIVVGKQHWPDVEKRFKDMGYDRVYAPGTPPEVGIADLKKDLNIE
;
A,C
2 'polypeptide(L)'
;MELKNKKWTDEEFHKQREEVLQQWPTGKEVDLQEAVDYLKKIPAEKNFAEKLVLAKKKGITMAQPRAGVALLDEHIELLR
YLQDEGGADFLPSTIDAYTRQNRYDECENGIKESEKAGRSLLNGFPGVNFGVKGCRKVLEAVNLPLQARHGTPDSRLLAE
IIHAGGWTSNEGGGISYNVPYAKNVTIEKSLLDWQYCDRLVGFYEEQGVHINREPFGPLTGTLVPPSMSNAVGITEALLA
AEQGVKNITVGYGECGNMIQDIAALRCLEEQTNEYLKAYGYNDVFVTTVFHQWMGGFPQDESKAFGVIVTATTIAALAGA
TKVIVKTPHEAIGIPTKEANAAGIKATKMALNMLEGQRMPMSKELETEMAVIKAETKCILDKMFELGKGDLAIGTVKAFE
TGVMDIPFGPSKYNAGKMMPVRDNLGCVRYLEFGNVPFTEEIKNYNRERLQERAKFEGRDVSFQMVIDDIFAVGKGRLIG
RPE
;
B,D
#
loop_
_chem_comp.id
_chem_comp.type
_chem_comp.name
_chem_comp.formula
5AD non-polymer 5'-DEOXYADENOSINE 'C10 H13 N5 O3'
B12 non-polymer COBALAMIN 'C62 H89 Co N13 O14 P 2'
#
# COMPACT_ATOMS: atom_id res chain seq x y z
N MET A 1 -17.43 -41.86 -1.96
CA MET A 1 -18.80 -41.51 -1.62
C MET A 1 -19.81 -41.96 -2.67
N GLU A 2 -20.93 -42.46 -2.19
CA GLU A 2 -22.12 -42.84 -2.95
C GLU A 2 -22.61 -41.69 -3.82
N LYS A 3 -22.93 -41.91 -5.09
CA LYS A 3 -23.37 -40.79 -5.94
C LYS A 3 -24.77 -40.30 -5.57
N LYS A 4 -24.93 -38.99 -5.60
CA LYS A 4 -26.10 -38.16 -5.42
C LYS A 4 -26.09 -36.98 -6.41
N THR A 5 -27.28 -36.41 -6.63
CA THR A 5 -27.48 -35.31 -7.55
C THR A 5 -27.77 -33.99 -6.84
N ILE A 6 -27.12 -32.93 -7.30
CA ILE A 6 -27.46 -31.58 -6.85
C ILE A 6 -27.68 -30.68 -8.06
N VAL A 7 -28.55 -29.69 -7.89
CA VAL A 7 -28.71 -28.61 -8.85
C VAL A 7 -27.82 -27.46 -8.36
N LEU A 8 -27.06 -26.85 -9.25
CA LEU A 8 -26.18 -25.75 -8.92
C LEU A 8 -26.43 -24.57 -9.86
N GLY A 9 -26.54 -23.39 -9.27
CA GLY A 9 -26.79 -22.20 -10.06
C GLY A 9 -26.50 -20.92 -9.28
N VAL A 10 -26.58 -19.81 -10.00
CA VAL A 10 -26.47 -18.46 -9.46
C VAL A 10 -27.80 -17.74 -9.76
N ILE A 11 -28.44 -17.19 -8.75
CA ILE A 11 -29.85 -16.80 -8.77
C ILE A 11 -30.03 -15.37 -9.18
N GLY A 12 -31.17 -15.09 -9.82
CA GLY A 12 -31.65 -13.76 -10.07
C GLY A 12 -30.94 -13.10 -11.25
N SER A 13 -30.58 -11.83 -11.07
CA SER A 13 -29.93 -11.10 -12.16
C SER A 13 -28.41 -11.07 -12.02
N ASP A 14 -27.88 -12.04 -11.30
CA ASP A 14 -26.47 -12.17 -10.94
C ASP A 14 -25.69 -12.89 -12.03
N CYS A 15 -24.60 -12.30 -12.52
CA CYS A 15 -23.84 -12.91 -13.59
C CYS A 15 -22.50 -13.48 -13.16
N HIS A 16 -22.20 -13.50 -11.86
CA HIS A 16 -20.90 -14.01 -11.45
C HIS A 16 -20.81 -15.51 -11.79
N ALA A 17 -19.71 -15.86 -12.44
CA ALA A 17 -19.54 -17.18 -13.02
C ALA A 17 -18.34 -17.96 -12.51
N VAL A 18 -17.31 -17.33 -11.94
CA VAL A 18 -16.12 -18.13 -11.63
C VAL A 18 -16.37 -19.08 -10.48
N GLY A 19 -17.07 -18.61 -9.44
CA GLY A 19 -17.35 -19.49 -8.31
C GLY A 19 -18.17 -20.70 -8.72
N ASN A 20 -19.04 -20.46 -9.69
CA ASN A 20 -19.91 -21.51 -10.21
C ASN A 20 -19.07 -22.63 -10.84
N LYS A 21 -18.12 -22.23 -11.67
CA LYS A 21 -17.19 -23.16 -12.30
C LYS A 21 -16.44 -23.94 -11.24
N ILE A 22 -15.93 -23.28 -10.20
CA ILE A 22 -15.17 -23.99 -9.18
C ILE A 22 -16.02 -24.93 -8.34
N LEU A 23 -17.22 -24.46 -8.01
CA LEU A 23 -18.12 -25.29 -7.21
C LEU A 23 -18.50 -26.56 -7.98
N ASP A 24 -18.79 -26.38 -9.27
CA ASP A 24 -19.08 -27.52 -10.15
C ASP A 24 -17.94 -28.52 -10.10
N HIS A 25 -16.75 -28.07 -10.44
CA HIS A 25 -15.51 -28.86 -10.35
C HIS A 25 -15.35 -29.60 -9.05
N ALA A 26 -15.38 -28.90 -7.91
CA ALA A 26 -15.12 -29.50 -6.61
C ALA A 26 -16.23 -30.48 -6.23
N PHE A 27 -17.50 -30.15 -6.47
CA PHE A 27 -18.58 -31.09 -6.12
C PHE A 27 -18.55 -32.30 -7.02
N THR A 28 -18.23 -32.08 -8.29
CA THR A 28 -18.10 -33.20 -9.22
C THR A 28 -16.97 -34.11 -8.78
N ASN A 29 -15.86 -33.46 -8.40
CA ASN A 29 -14.70 -34.24 -8.00
C ASN A 29 -14.95 -35.04 -6.74
N ALA A 30 -15.91 -34.63 -5.93
CA ALA A 30 -16.25 -35.31 -4.71
C ALA A 30 -17.26 -36.44 -4.88
N GLY A 31 -17.74 -36.66 -6.08
CA GLY A 31 -18.58 -37.77 -6.48
C GLY A 31 -20.03 -37.40 -6.70
N PHE A 32 -20.42 -36.13 -6.58
CA PHE A 32 -21.77 -35.73 -6.92
C PHE A 32 -22.06 -35.59 -8.41
N ASN A 33 -23.31 -35.82 -8.79
CA ASN A 33 -23.82 -35.47 -10.12
C ASN A 33 -24.27 -34.02 -10.09
N VAL A 34 -23.49 -33.10 -10.66
CA VAL A 34 -23.83 -31.68 -10.55
C VAL A 34 -24.64 -31.22 -11.77
N VAL A 35 -25.87 -30.82 -11.51
CA VAL A 35 -26.74 -30.27 -12.54
C VAL A 35 -26.57 -28.75 -12.52
N ASN A 36 -25.73 -28.25 -13.41
CA ASN A 36 -25.34 -26.84 -13.34
C ASN A 36 -26.17 -25.98 -14.28
N ILE A 37 -27.08 -25.18 -13.74
CA ILE A 37 -27.96 -24.34 -14.53
C ILE A 37 -27.38 -22.95 -14.74
N GLY A 38 -26.21 -22.71 -14.14
CA GLY A 38 -25.44 -21.54 -14.46
C GLY A 38 -26.03 -20.25 -13.93
N VAL A 39 -25.54 -19.16 -14.49
CA VAL A 39 -25.82 -17.83 -13.97
C VAL A 39 -27.19 -17.29 -14.40
N LEU A 40 -27.58 -16.21 -13.74
CA LEU A 40 -28.76 -15.45 -14.11
C LEU A 40 -30.01 -16.35 -14.12
N SER A 41 -30.14 -17.19 -13.12
CA SER A 41 -31.19 -18.20 -13.05
C SER A 41 -32.33 -17.77 -12.15
N PRO A 42 -33.57 -17.65 -12.60
CA PRO A 42 -34.71 -17.43 -11.69
C PRO A 42 -35.00 -18.67 -10.84
N GLN A 43 -35.75 -18.58 -9.73
CA GLN A 43 -36.14 -19.74 -8.94
C GLN A 43 -36.62 -20.93 -9.78
N GLU A 44 -37.52 -20.62 -10.71
CA GLU A 44 -38.16 -21.65 -11.51
C GLU A 44 -37.17 -22.55 -12.24
N ASN A 45 -35.98 -22.03 -12.57
CA ASN A 45 -35.04 -22.87 -13.31
C ASN A 45 -34.38 -23.87 -12.40
N PHE A 46 -34.21 -23.47 -11.15
CA PHE A 46 -33.62 -24.40 -10.19
C PHE A 46 -34.59 -25.57 -9.97
N ILE A 47 -35.85 -25.21 -9.82
CA ILE A 47 -36.93 -26.15 -9.47
C ILE A 47 -37.18 -27.15 -10.60
N LYS A 48 -37.24 -26.66 -11.82
CA LYS A 48 -37.34 -27.47 -13.03
C LYS A 48 -36.22 -28.48 -13.12
N ALA A 49 -34.99 -28.04 -12.83
CA ALA A 49 -33.85 -28.92 -12.92
C ALA A 49 -33.89 -30.02 -11.87
N ALA A 50 -34.29 -29.62 -10.67
CA ALA A 50 -34.41 -30.53 -9.54
C ALA A 50 -35.39 -31.66 -9.86
N ILE A 51 -36.54 -31.31 -10.43
CA ILE A 51 -37.56 -32.28 -10.80
C ILE A 51 -37.13 -33.18 -11.93
N GLU A 52 -36.64 -32.56 -13.01
CA GLU A 52 -36.18 -33.35 -14.15
C GLU A 52 -35.09 -34.35 -13.75
N THR A 53 -34.25 -33.96 -12.79
CA THR A 53 -33.10 -34.80 -12.46
C THR A 53 -33.27 -35.49 -11.11
N LYS A 54 -34.41 -35.31 -10.45
CA LYS A 54 -34.66 -35.92 -9.14
C LYS A 54 -33.57 -35.60 -8.13
N ALA A 55 -33.17 -34.34 -8.07
CA ALA A 55 -32.09 -33.84 -7.25
C ALA A 55 -32.28 -34.09 -5.76
N ASP A 56 -31.19 -34.37 -5.07
CA ASP A 56 -31.16 -34.53 -3.62
C ASP A 56 -31.02 -33.21 -2.89
N ALA A 57 -30.44 -32.25 -3.63
CA ALA A 57 -30.25 -30.95 -3.04
C ALA A 57 -30.09 -29.88 -4.12
N ILE A 58 -30.41 -28.68 -3.68
CA ILE A 58 -30.28 -27.48 -4.49
C ILE A 58 -29.32 -26.51 -3.79
N LEU A 59 -28.22 -26.24 -4.49
CA LEU A 59 -27.26 -25.29 -3.98
C LEU A 59 -27.41 -24.00 -4.78
N VAL A 60 -27.89 -22.99 -4.11
CA VAL A 60 -28.10 -21.64 -4.61
C VAL A 60 -26.89 -20.79 -4.27
N SER A 61 -26.17 -20.36 -5.31
CA SER A 61 -25.10 -19.39 -5.10
C SER A 61 -25.62 -17.99 -5.35
N SER A 62 -25.28 -17.03 -4.52
CA SER A 62 -25.65 -15.64 -4.74
C SER A 62 -24.47 -14.75 -4.37
N LEU A 63 -23.88 -14.10 -5.36
CA LEU A 63 -22.71 -13.32 -5.08
C LEU A 63 -22.99 -11.82 -5.02
N TYR A 64 -23.99 -11.37 -5.79
CA TYR A 64 -24.10 -9.96 -6.13
C TYR A 64 -24.77 -9.08 -5.08
N GLY A 65 -25.30 -9.67 -4.02
CA GLY A 65 -25.87 -9.00 -2.90
C GLY A 65 -27.39 -8.97 -2.90
N GLN A 66 -28.04 -9.11 -4.06
CA GLN A 66 -29.50 -8.99 -4.09
C GLN A 66 -30.17 -10.32 -3.79
N GLY A 67 -29.40 -11.35 -3.42
CA GLY A 67 -30.02 -12.63 -3.12
C GLY A 67 -30.96 -12.57 -1.92
N GLU A 68 -30.88 -11.56 -1.08
CA GLU A 68 -31.80 -11.43 0.06
C GLU A 68 -33.21 -11.23 -0.50
N ILE A 69 -33.30 -10.53 -1.62
CA ILE A 69 -34.57 -10.41 -2.34
C ILE A 69 -34.84 -11.67 -3.16
N ASP A 70 -33.86 -12.12 -3.93
CA ASP A 70 -34.11 -13.17 -4.89
C ASP A 70 -34.38 -14.53 -4.25
N CYS A 71 -33.91 -14.74 -3.04
CA CYS A 71 -33.97 -16.03 -2.40
C CYS A 71 -35.28 -16.27 -1.67
N LYS A 72 -36.01 -15.21 -1.38
CA LYS A 72 -37.31 -15.33 -0.73
C LYS A 72 -38.25 -16.15 -1.59
N GLY A 73 -38.88 -17.16 -0.98
CA GLY A 73 -39.93 -17.91 -1.64
C GLY A 73 -39.60 -19.26 -2.21
N LEU A 74 -38.31 -19.60 -2.38
CA LEU A 74 -37.93 -20.84 -3.04
C LEU A 74 -38.50 -22.05 -2.31
N ARG A 75 -38.39 -22.11 -0.99
CA ARG A 75 -38.93 -23.25 -0.24
C ARG A 75 -40.39 -23.47 -0.56
N GLN A 76 -41.17 -22.42 -0.62
CA GLN A 76 -42.61 -22.55 -0.94
C GLN A 76 -42.83 -23.12 -2.33
N LYS A 77 -42.05 -22.60 -3.30
CA LYS A 77 -42.24 -23.12 -4.65
C LYS A 77 -41.80 -24.58 -4.73
N CYS A 78 -40.83 -24.94 -3.89
CA CYS A 78 -40.34 -26.30 -3.93
C CYS A 78 -41.42 -27.23 -3.35
N ASP A 79 -42.03 -26.77 -2.26
CA ASP A 79 -43.12 -27.56 -1.68
C ASP A 79 -44.26 -27.69 -2.68
N GLU A 80 -44.64 -26.60 -3.34
CA GLU A 80 -45.74 -26.64 -4.30
C GLU A 80 -45.39 -27.56 -5.47
N ALA A 81 -44.09 -27.65 -5.75
CA ALA A 81 -43.58 -28.45 -6.84
C ALA A 81 -43.49 -29.93 -6.49
N GLY A 82 -43.73 -30.28 -5.23
CA GLY A 82 -43.62 -31.66 -4.80
C GLY A 82 -42.22 -32.04 -4.32
N LEU A 83 -41.41 -31.06 -3.96
CA LEU A 83 -40.04 -31.24 -3.49
C LEU A 83 -39.93 -31.05 -2.00
N GLU A 84 -40.97 -31.50 -1.28
CA GLU A 84 -40.92 -31.30 0.17
C GLU A 84 -39.70 -32.07 0.72
N GLY A 85 -39.05 -31.44 1.67
CA GLY A 85 -37.87 -31.77 2.39
C GLY A 85 -36.57 -31.71 1.63
N ILE A 86 -36.60 -31.30 0.36
CA ILE A 86 -35.33 -31.17 -0.38
C ILE A 86 -34.39 -30.22 0.35
N LEU A 87 -33.11 -30.56 0.36
CA LEU A 87 -32.06 -29.75 0.95
C LEU A 87 -31.89 -28.49 0.11
N LEU A 88 -31.86 -27.35 0.78
CA LEU A 88 -31.70 -26.04 0.16
C LEU A 88 -30.53 -25.36 0.86
N TYR A 89 -29.46 -25.13 0.10
CA TYR A 89 -28.30 -24.40 0.60
C TYR A 89 -28.16 -23.08 -0.13
N VAL A 90 -27.63 -22.11 0.59
CA VAL A 90 -27.41 -20.78 0.01
C VAL A 90 -26.07 -20.27 0.55
N GLY A 91 -25.28 -19.76 -0.39
CA GLY A 91 -23.96 -19.29 -0.10
C GLY A 91 -23.44 -18.29 -1.10
N GLY A 92 -22.28 -17.74 -0.77
CA GLY A 92 -21.66 -16.68 -1.52
C GLY A 92 -21.44 -15.40 -0.74
N ASN A 93 -21.99 -14.31 -1.29
CA ASN A 93 -22.04 -12.99 -0.68
C ASN A 93 -23.50 -12.55 -0.76
N ILE A 94 -24.31 -13.11 0.13
CA ILE A 94 -25.74 -13.26 -0.01
C ILE A 94 -26.54 -12.04 0.38
N VAL A 95 -25.98 -11.10 1.13
CA VAL A 95 -26.57 -9.83 1.43
C VAL A 95 -25.68 -8.71 0.90
N VAL A 96 -26.28 -7.53 0.83
CA VAL A 96 -25.59 -6.30 0.52
C VAL A 96 -24.80 -5.80 1.72
N GLY A 97 -23.48 -5.91 1.62
CA GLY A 97 -22.51 -5.41 2.53
C GLY A 97 -22.14 -6.35 3.66
N LYS A 98 -21.14 -5.89 4.37
CA LYS A 98 -20.71 -6.50 5.63
C LYS A 98 -21.86 -6.35 6.62
N GLN A 99 -22.30 -7.47 7.13
CA GLN A 99 -23.35 -7.54 8.14
C GLN A 99 -22.99 -8.52 9.26
N HIS A 100 -23.59 -8.36 10.43
CA HIS A 100 -23.43 -9.32 11.53
C HIS A 100 -23.95 -10.70 11.14
N TRP A 101 -23.05 -11.67 10.99
CA TRP A 101 -23.37 -12.92 10.36
C TRP A 101 -24.49 -13.71 11.04
N PRO A 102 -24.55 -13.83 12.36
CA PRO A 102 -25.71 -14.49 13.00
C PRO A 102 -27.04 -13.91 12.57
N ASP A 103 -27.12 -12.60 12.35
CA ASP A 103 -28.37 -12.01 11.85
C ASP A 103 -28.73 -12.52 10.47
N VAL A 104 -27.73 -12.60 9.60
CA VAL A 104 -27.94 -13.04 8.21
C VAL A 104 -28.32 -14.50 8.16
N GLU A 105 -27.68 -15.35 8.96
CA GLU A 105 -28.02 -16.77 8.91
C GLU A 105 -29.48 -17.01 9.28
N LYS A 106 -29.93 -16.30 10.31
CA LYS A 106 -31.30 -16.46 10.80
C LYS A 106 -32.32 -15.97 9.77
N ARG A 107 -32.01 -14.87 9.09
CA ARG A 107 -32.83 -14.33 8.01
C ARG A 107 -33.07 -15.36 6.92
N PHE A 108 -31.99 -16.03 6.49
CA PHE A 108 -32.16 -16.99 5.41
C PHE A 108 -32.70 -18.34 5.85
N LYS A 109 -32.35 -18.79 7.04
CA LYS A 109 -32.98 -20.01 7.57
C LYS A 109 -34.48 -19.81 7.81
N ASP A 110 -34.89 -18.62 8.26
CA ASP A 110 -36.29 -18.31 8.42
C ASP A 110 -37.02 -18.32 7.07
N MET A 111 -36.28 -18.06 6.01
CA MET A 111 -36.69 -18.12 4.62
C MET A 111 -36.83 -19.54 4.11
N GLY A 112 -36.37 -20.52 4.88
CA GLY A 112 -36.48 -21.89 4.47
C GLY A 112 -35.20 -22.55 3.99
N TYR A 113 -34.04 -21.90 4.08
CA TYR A 113 -32.78 -22.54 3.74
C TYR A 113 -32.30 -23.40 4.92
N ASP A 114 -31.85 -24.60 4.58
CA ASP A 114 -31.31 -25.58 5.51
C ASP A 114 -29.94 -25.10 5.97
N ARG A 115 -29.13 -24.62 5.04
CA ARG A 115 -27.78 -24.16 5.38
C ARG A 115 -27.46 -22.83 4.68
N VAL A 116 -26.86 -21.94 5.44
CA VAL A 116 -26.52 -20.59 4.99
C VAL A 116 -25.04 -20.32 5.15
N TYR A 117 -24.37 -19.93 4.05
CA TYR A 117 -22.92 -19.78 4.11
C TYR A 117 -22.41 -18.36 3.88
N ALA A 118 -21.42 -17.97 4.67
CA ALA A 118 -20.84 -16.63 4.71
C ALA A 118 -19.84 -16.41 3.58
N PRO A 119 -19.43 -15.18 3.33
CA PRO A 119 -18.41 -14.98 2.27
C PRO A 119 -17.15 -15.81 2.47
N GLY A 120 -16.60 -16.28 1.36
CA GLY A 120 -15.33 -16.97 1.39
C GLY A 120 -15.41 -18.41 1.87
N THR A 121 -16.59 -19.02 1.72
CA THR A 121 -16.76 -20.39 2.21
C THR A 121 -16.07 -21.39 1.29
N PRO A 122 -15.21 -22.24 1.78
CA PRO A 122 -14.60 -23.22 0.84
C PRO A 122 -15.62 -24.26 0.36
N PRO A 123 -15.48 -24.71 -0.89
CA PRO A 123 -16.37 -25.77 -1.41
C PRO A 123 -16.41 -27.00 -0.49
N GLU A 124 -15.27 -27.35 0.09
CA GLU A 124 -15.06 -28.53 0.90
C GLU A 124 -15.96 -28.51 2.13
N VAL A 125 -16.24 -27.30 2.63
CA VAL A 125 -17.18 -27.18 3.74
C VAL A 125 -18.59 -27.61 3.35
N GLY A 126 -19.12 -27.10 2.25
CA GLY A 126 -20.42 -27.52 1.76
C GLY A 126 -20.41 -28.97 1.34
N ILE A 127 -19.27 -29.50 0.89
CA ILE A 127 -19.25 -30.91 0.52
C ILE A 127 -19.39 -31.75 1.77
N ALA A 128 -18.75 -31.35 2.86
CA ALA A 128 -18.85 -32.13 4.12
C ALA A 128 -20.25 -32.10 4.72
N ASP A 129 -20.82 -30.91 4.74
CA ASP A 129 -22.18 -30.70 5.22
C ASP A 129 -23.16 -31.48 4.35
N LEU A 130 -22.93 -31.48 3.04
CA LEU A 130 -23.87 -32.17 2.17
C LEU A 130 -23.78 -33.68 2.34
N LYS A 131 -22.58 -34.20 2.56
CA LYS A 131 -22.45 -35.64 2.81
C LYS A 131 -23.09 -36.06 4.12
N LYS A 132 -22.87 -35.22 5.10
CA LYS A 132 -23.40 -35.49 6.44
C LYS A 132 -24.91 -35.43 6.38
N ASP A 133 -25.44 -34.42 5.69
CA ASP A 133 -26.88 -34.23 5.59
C ASP A 133 -27.52 -35.35 4.80
N LEU A 134 -26.78 -35.94 3.85
CA LEU A 134 -27.39 -37.01 3.09
C LEU A 134 -27.01 -38.39 3.66
N ASN A 135 -26.33 -38.38 4.78
CA ASN A 135 -25.92 -39.52 5.60
C ASN A 135 -25.01 -40.43 4.77
N ILE A 136 -23.98 -39.81 4.21
CA ILE A 136 -23.04 -40.50 3.35
C ILE A 136 -21.61 -40.05 3.61
N GLU A 137 -21.28 -39.60 4.82
CA GLU A 137 -19.87 -39.28 5.05
C GLU A 137 -19.04 -40.54 4.82
N MET B 1 -32.33 -3.74 -37.29
CA MET B 1 -31.23 -3.00 -37.94
C MET B 1 -30.10 -3.95 -38.31
N GLU B 2 -29.44 -3.69 -39.43
CA GLU B 2 -28.27 -4.47 -39.79
C GLU B 2 -27.03 -3.88 -39.11
N LEU B 3 -26.15 -4.75 -38.67
CA LEU B 3 -24.90 -4.31 -38.07
C LEU B 3 -23.83 -4.08 -39.14
N LYS B 4 -23.32 -2.87 -39.14
CA LYS B 4 -22.24 -2.39 -39.98
C LYS B 4 -21.43 -1.39 -39.17
N ASN B 5 -20.14 -1.35 -39.44
CA ASN B 5 -19.38 -0.35 -38.67
C ASN B 5 -19.48 1.00 -39.40
N LYS B 6 -20.66 1.59 -39.29
CA LYS B 6 -20.92 2.82 -40.01
C LYS B 6 -21.76 3.72 -39.13
N LYS B 7 -21.38 4.98 -39.07
CA LYS B 7 -22.20 5.89 -38.28
C LYS B 7 -23.66 5.90 -38.68
N TRP B 8 -24.56 5.80 -37.69
CA TRP B 8 -25.97 5.87 -37.96
C TRP B 8 -26.36 7.25 -38.51
N THR B 9 -27.29 7.26 -39.46
CA THR B 9 -27.74 8.59 -39.86
C THR B 9 -28.64 9.20 -38.80
N ASP B 10 -28.89 10.48 -38.96
CA ASP B 10 -29.69 11.19 -37.96
C ASP B 10 -31.07 10.54 -37.89
N GLU B 11 -31.58 10.12 -39.05
CA GLU B 11 -32.94 9.60 -39.13
C GLU B 11 -33.15 8.25 -38.45
N GLU B 12 -32.26 7.31 -38.62
CA GLU B 12 -32.05 6.00 -38.09
C GLU B 12 -31.97 6.20 -36.56
N PHE B 13 -31.09 7.14 -36.18
CA PHE B 13 -30.90 7.30 -34.73
C PHE B 13 -32.18 7.82 -34.12
N HIS B 14 -32.83 8.82 -34.71
CA HIS B 14 -34.08 9.32 -34.18
C HIS B 14 -35.15 8.24 -34.13
N LYS B 15 -35.20 7.36 -35.14
CA LYS B 15 -36.26 6.34 -35.07
C LYS B 15 -36.05 5.43 -33.87
N GLN B 16 -34.81 5.02 -33.66
CA GLN B 16 -34.44 4.18 -32.53
C GLN B 16 -34.75 4.86 -31.22
N ARG B 17 -34.43 6.16 -31.15
CA ARG B 17 -34.74 6.93 -29.97
C ARG B 17 -36.21 6.90 -29.61
N GLU B 18 -37.09 7.07 -30.59
CA GLU B 18 -38.51 7.10 -30.22
C GLU B 18 -38.94 5.76 -29.65
N GLU B 19 -38.31 4.68 -30.12
CA GLU B 19 -38.59 3.37 -29.54
C GLU B 19 -38.03 3.24 -28.11
N VAL B 20 -36.76 3.60 -27.94
CA VAL B 20 -36.04 3.43 -26.66
C VAL B 20 -36.69 4.18 -25.51
N LEU B 21 -37.14 5.40 -25.81
CA LEU B 21 -37.67 6.25 -24.76
C LEU B 21 -38.99 5.72 -24.23
N GLN B 22 -39.64 4.78 -24.93
CA GLN B 22 -40.90 4.20 -24.43
C GLN B 22 -40.67 3.04 -23.47
N GLN B 23 -39.43 2.68 -23.19
CA GLN B 23 -39.23 1.46 -22.42
C GLN B 23 -39.48 1.60 -20.93
N TRP B 24 -39.58 2.80 -20.39
CA TRP B 24 -39.96 3.07 -19.00
C TRP B 24 -40.52 4.48 -18.96
N PRO B 25 -41.51 4.77 -18.14
CA PRO B 25 -42.11 6.11 -18.13
C PRO B 25 -41.16 7.27 -17.91
N THR B 26 -40.00 7.09 -17.27
CA THR B 26 -39.03 8.16 -17.14
C THR B 26 -38.44 8.62 -18.47
N GLY B 27 -38.57 7.82 -19.51
CA GLY B 27 -38.08 8.18 -20.84
C GLY B 27 -38.74 9.47 -21.33
N LYS B 28 -39.91 9.76 -20.82
CA LYS B 28 -40.67 10.97 -21.10
C LYS B 28 -40.02 12.21 -20.54
N GLU B 29 -39.13 12.09 -19.56
CA GLU B 29 -38.34 13.22 -19.06
C GLU B 29 -37.18 13.58 -19.98
N VAL B 30 -36.88 12.77 -20.99
CA VAL B 30 -35.72 13.13 -21.83
C VAL B 30 -36.12 14.03 -23.00
N ASP B 31 -35.64 15.25 -22.97
CA ASP B 31 -35.81 16.22 -24.05
C ASP B 31 -34.45 16.67 -24.57
N LEU B 32 -34.03 16.22 -25.75
CA LEU B 32 -32.65 16.54 -26.15
C LEU B 32 -32.42 18.03 -26.28
N GLN B 33 -33.43 18.80 -26.67
CA GLN B 33 -33.18 20.26 -26.76
C GLN B 33 -32.84 20.84 -25.39
N GLU B 34 -33.69 20.52 -24.42
CA GLU B 34 -33.51 21.06 -23.06
C GLU B 34 -32.22 20.53 -22.46
N ALA B 35 -31.92 19.27 -22.73
CA ALA B 35 -30.76 18.59 -22.18
C ALA B 35 -29.47 19.22 -22.67
N VAL B 36 -29.35 19.54 -23.98
CA VAL B 36 -28.11 20.21 -24.38
C VAL B 36 -27.94 21.52 -23.64
N ASP B 37 -29.01 22.30 -23.44
CA ASP B 37 -28.77 23.58 -22.76
C ASP B 37 -28.41 23.36 -21.29
N TYR B 38 -29.00 22.34 -20.63
CA TYR B 38 -28.64 21.98 -19.26
C TYR B 38 -27.18 21.59 -19.15
N LEU B 39 -26.76 20.69 -20.04
CA LEU B 39 -25.39 20.22 -20.08
C LEU B 39 -24.37 21.31 -20.33
N LYS B 40 -24.70 22.24 -21.23
CA LYS B 40 -23.77 23.34 -21.47
C LYS B 40 -23.66 24.30 -20.30
N LYS B 41 -24.55 24.17 -19.32
CA LYS B 41 -24.45 25.08 -18.17
C LYS B 41 -23.67 24.45 -17.02
N ILE B 42 -23.21 23.22 -17.21
CA ILE B 42 -22.39 22.57 -16.18
C ILE B 42 -21.02 23.18 -16.13
N PRO B 43 -20.50 23.56 -14.96
CA PRO B 43 -19.14 24.10 -15.01
C PRO B 43 -18.07 23.08 -15.44
N ALA B 44 -17.01 23.56 -16.07
CA ALA B 44 -15.97 22.65 -16.58
C ALA B 44 -15.43 21.71 -15.51
N GLU B 45 -15.41 22.18 -14.27
CA GLU B 45 -14.94 21.35 -13.16
C GLU B 45 -15.82 20.14 -12.92
N LYS B 46 -17.03 20.13 -13.49
CA LYS B 46 -17.95 19.03 -13.28
C LYS B 46 -18.21 18.29 -14.59
N ASN B 47 -17.44 18.61 -15.62
CA ASN B 47 -17.50 17.86 -16.88
C ASN B 47 -16.37 16.85 -16.94
N PHE B 48 -16.75 15.57 -17.02
CA PHE B 48 -15.81 14.47 -17.00
C PHE B 48 -14.83 14.55 -18.15
N ALA B 49 -15.31 14.90 -19.36
CA ALA B 49 -14.37 14.93 -20.46
C ALA B 49 -13.27 15.97 -20.31
N GLU B 50 -13.71 17.15 -19.87
CA GLU B 50 -12.85 18.32 -19.76
C GLU B 50 -11.80 18.11 -18.69
N LYS B 51 -12.24 17.54 -17.56
CA LYS B 51 -11.36 17.28 -16.42
C LYS B 51 -10.30 16.23 -16.77
N LEU B 52 -10.67 15.18 -17.50
CA LEU B 52 -9.67 14.26 -18.04
C LEU B 52 -8.61 14.92 -18.90
N VAL B 53 -9.02 15.92 -19.70
CA VAL B 53 -8.06 16.64 -20.53
C VAL B 53 -7.05 17.37 -19.64
N LEU B 54 -7.57 17.97 -18.59
CA LEU B 54 -6.77 18.66 -17.58
C LEU B 54 -5.80 17.71 -16.90
N ALA B 55 -6.30 16.53 -16.51
CA ALA B 55 -5.45 15.55 -15.86
C ALA B 55 -4.30 15.11 -16.76
N LYS B 56 -4.60 14.86 -18.04
CA LYS B 56 -3.56 14.51 -18.99
C LYS B 56 -2.50 15.59 -19.06
N LYS B 57 -2.99 16.83 -19.10
CA LYS B 57 -2.06 17.94 -19.26
C LYS B 57 -1.15 18.07 -18.04
N LYS B 58 -1.66 17.74 -16.86
CA LYS B 58 -0.88 17.90 -15.64
C LYS B 58 -0.01 16.70 -15.32
N GLY B 59 -0.19 15.59 -16.02
CA GLY B 59 0.51 14.35 -15.78
C GLY B 59 0.20 13.76 -14.43
N ILE B 60 -1.06 13.91 -14.03
CA ILE B 60 -1.48 13.33 -12.75
C ILE B 60 -2.46 12.18 -12.96
N THR B 61 -2.43 11.27 -11.99
CA THR B 61 -3.36 10.14 -11.99
C THR B 61 -4.51 10.57 -11.09
N MET B 62 -5.72 10.50 -11.60
CA MET B 62 -6.90 10.80 -10.82
C MET B 62 -7.59 9.56 -10.27
N ALA B 63 -8.09 9.64 -9.05
CA ALA B 63 -8.66 8.49 -8.34
C ALA B 63 -10.18 8.53 -8.36
N GLN B 64 -10.79 7.40 -8.66
CA GLN B 64 -12.23 7.32 -8.81
C GLN B 64 -12.71 6.06 -8.11
N PRO B 65 -13.64 6.17 -7.17
CA PRO B 65 -14.24 4.98 -6.57
C PRO B 65 -15.44 4.45 -7.35
N ARG B 66 -15.97 3.37 -6.82
CA ARG B 66 -17.26 2.81 -7.21
C ARG B 66 -18.23 3.06 -6.07
N ALA B 67 -19.51 3.20 -6.39
CA ALA B 67 -20.44 3.56 -5.32
C ALA B 67 -21.85 3.72 -5.82
N GLY B 68 -22.80 3.19 -5.07
CA GLY B 68 -24.20 3.34 -5.40
C GLY B 68 -25.11 2.58 -4.45
N VAL B 69 -26.24 3.22 -4.14
CA VAL B 69 -27.26 2.61 -3.32
C VAL B 69 -28.64 2.92 -3.88
N ALA B 70 -29.65 2.23 -3.35
CA ALA B 70 -30.98 2.30 -3.96
C ALA B 70 -31.67 3.65 -3.82
N LEU B 71 -31.58 4.32 -2.69
CA LEU B 71 -32.40 5.50 -2.46
C LEU B 71 -31.67 6.79 -2.82
N LEU B 72 -32.43 7.77 -3.31
CA LEU B 72 -31.75 8.95 -3.86
C LEU B 72 -31.01 9.76 -2.82
N ASP B 73 -31.64 10.05 -1.67
CA ASP B 73 -30.93 10.92 -0.73
C ASP B 73 -29.68 10.27 -0.15
N GLU B 74 -29.80 8.97 0.09
CA GLU B 74 -28.76 8.14 0.65
C GLU B 74 -27.54 8.05 -0.28
N HIS B 75 -27.86 7.94 -1.55
CA HIS B 75 -26.92 7.89 -2.65
C HIS B 75 -26.11 9.18 -2.71
N ILE B 76 -26.83 10.28 -2.61
CA ILE B 76 -26.23 11.59 -2.60
C ILE B 76 -25.30 11.78 -1.40
N GLU B 77 -25.75 11.36 -0.23
CA GLU B 77 -24.98 11.47 1.01
C GLU B 77 -23.72 10.65 0.91
N LEU B 78 -23.83 9.50 0.27
CA LEU B 78 -22.66 8.63 0.04
C LEU B 78 -21.65 9.30 -0.86
N LEU B 79 -22.07 9.75 -2.04
CA LEU B 79 -21.14 10.41 -2.91
C LEU B 79 -20.54 11.66 -2.27
N ARG B 80 -21.33 12.39 -1.48
CA ARG B 80 -20.77 13.60 -0.89
C ARG B 80 -19.64 13.27 0.08
N TYR B 81 -19.83 12.17 0.81
CA TYR B 81 -18.81 11.69 1.72
C TYR B 81 -17.52 11.32 0.98
N LEU B 82 -17.68 10.63 -0.14
CA LEU B 82 -16.53 10.13 -0.91
C LEU B 82 -15.73 11.29 -1.50
N GLN B 83 -16.48 12.32 -1.89
CA GLN B 83 -15.90 13.57 -2.36
C GLN B 83 -15.15 14.28 -1.22
N ASP B 84 -15.87 14.54 -0.15
CA ASP B 84 -15.41 15.36 0.96
C ASP B 84 -14.44 14.65 1.88
N GLU B 85 -14.86 13.52 2.45
CA GLU B 85 -13.97 12.81 3.37
C GLU B 85 -12.99 11.92 2.62
N GLY B 86 -13.38 11.33 1.50
CA GLY B 86 -12.46 10.50 0.74
C GLY B 86 -11.48 11.25 -0.14
N GLY B 87 -11.88 12.40 -0.70
CA GLY B 87 -10.94 13.12 -1.56
C GLY B 87 -11.00 12.64 -2.99
N ALA B 88 -12.09 12.01 -3.42
CA ALA B 88 -12.17 11.52 -4.81
C ALA B 88 -11.98 12.63 -5.84
N ASP B 89 -11.45 12.27 -7.01
CA ASP B 89 -11.30 13.23 -8.11
C ASP B 89 -12.41 13.21 -9.14
N PHE B 90 -13.05 12.08 -9.28
CA PHE B 90 -14.20 11.78 -10.10
C PHE B 90 -15.22 11.00 -9.28
N LEU B 91 -16.49 11.14 -9.61
CA LEU B 91 -17.51 10.37 -8.92
C LEU B 91 -18.16 9.37 -9.86
N PRO B 92 -18.42 8.22 -9.29
CA PRO B 92 -19.22 7.25 -10.02
C PRO B 92 -20.69 7.43 -9.69
N SER B 93 -21.54 6.68 -10.35
CA SER B 93 -22.77 6.13 -9.82
C SER B 93 -22.91 4.72 -10.41
N THR B 94 -22.74 3.74 -9.56
CA THR B 94 -22.77 2.32 -9.90
C THR B 94 -24.24 1.92 -9.88
N ILE B 95 -24.69 1.45 -11.03
CA ILE B 95 -26.07 1.10 -11.30
C ILE B 95 -26.34 -0.30 -10.80
N ASP B 96 -27.48 -0.56 -10.19
CA ASP B 96 -27.83 -1.89 -9.70
C ASP B 96 -28.02 -2.90 -10.82
N ALA B 97 -27.96 -4.19 -10.49
CA ALA B 97 -27.98 -5.22 -11.52
C ALA B 97 -29.36 -5.50 -12.08
N TYR B 98 -30.43 -5.07 -11.40
CA TYR B 98 -31.76 -5.25 -11.99
C TYR B 98 -31.86 -4.30 -13.19
N THR B 99 -31.36 -3.08 -12.99
CA THR B 99 -31.33 -2.10 -14.09
C THR B 99 -30.57 -2.64 -15.30
N ARG B 100 -29.43 -3.24 -14.97
CA ARG B 100 -28.53 -3.80 -15.96
C ARG B 100 -29.22 -4.86 -16.82
N GLN B 101 -30.23 -5.49 -16.23
CA GLN B 101 -30.94 -6.50 -17.00
C GLN B 101 -32.30 -5.96 -17.47
N ASN B 102 -32.50 -4.67 -17.38
CA ASN B 102 -33.66 -3.92 -17.80
C ASN B 102 -34.92 -4.35 -17.04
N ARG B 103 -34.77 -4.70 -15.78
CA ARG B 103 -35.87 -5.13 -14.93
C ARG B 103 -36.28 -4.01 -13.97
N TYR B 104 -36.82 -2.91 -14.49
CA TYR B 104 -37.14 -1.72 -13.69
C TYR B 104 -38.22 -2.00 -12.68
N ASP B 105 -39.00 -3.05 -12.95
CA ASP B 105 -40.00 -3.50 -12.00
C ASP B 105 -39.35 -3.99 -10.71
N GLU B 106 -38.26 -4.73 -10.89
CA GLU B 106 -37.55 -5.24 -9.72
C GLU B 106 -36.81 -4.13 -9.00
N CYS B 107 -36.30 -3.17 -9.77
CA CYS B 107 -35.72 -1.97 -9.17
C CYS B 107 -36.71 -1.32 -8.21
N GLU B 108 -37.92 -1.17 -8.72
CA GLU B 108 -38.93 -0.44 -7.94
C GLU B 108 -39.25 -1.19 -6.65
N ASN B 109 -39.43 -2.50 -6.75
CA ASN B 109 -39.62 -3.28 -5.53
C ASN B 109 -38.44 -3.07 -4.58
N GLY B 110 -37.24 -3.04 -5.15
CA GLY B 110 -36.02 -2.95 -4.34
C GLY B 110 -35.87 -1.60 -3.68
N ILE B 111 -36.45 -0.59 -4.37
CA ILE B 111 -36.45 0.73 -3.79
C ILE B 111 -37.36 0.75 -2.57
N LYS B 112 -38.55 0.19 -2.73
CA LYS B 112 -39.48 0.13 -1.60
C LYS B 112 -38.94 -0.69 -0.44
N GLU B 113 -38.30 -1.82 -0.75
CA GLU B 113 -37.80 -2.71 0.27
C GLU B 113 -36.66 -2.06 1.05
N SER B 114 -35.86 -1.26 0.36
CA SER B 114 -34.77 -0.53 0.98
C SER B 114 -35.25 0.58 1.88
N GLU B 115 -36.34 1.21 1.45
CA GLU B 115 -36.93 2.27 2.29
C GLU B 115 -37.40 1.67 3.60
N LYS B 116 -38.02 0.50 3.48
CA LYS B 116 -38.62 -0.20 4.62
C LYS B 116 -37.56 -0.73 5.57
N ALA B 117 -36.47 -1.22 5.00
CA ALA B 117 -35.42 -1.88 5.77
C ALA B 117 -34.45 -0.89 6.37
N GLY B 118 -34.36 0.32 5.84
CA GLY B 118 -33.44 1.32 6.36
C GLY B 118 -32.04 1.09 5.83
N ARG B 119 -31.94 0.36 4.71
CA ARG B 119 -30.61 0.07 4.18
C ARG B 119 -30.82 -0.39 2.75
N SER B 120 -29.76 -0.34 1.95
CA SER B 120 -29.95 -0.69 0.55
C SER B 120 -29.99 -2.20 0.33
N LEU B 121 -31.09 -2.62 -0.32
CA LEU B 121 -31.15 -4.03 -0.73
C LEU B 121 -30.80 -4.18 -2.20
N LEU B 122 -30.54 -3.07 -2.87
CA LEU B 122 -30.01 -3.07 -4.23
C LEU B 122 -28.50 -2.87 -4.16
N ASN B 123 -27.79 -3.45 -5.10
CA ASN B 123 -26.33 -3.33 -5.13
C ASN B 123 -25.87 -2.14 -5.96
N GLY B 124 -26.79 -1.19 -6.17
CA GLY B 124 -26.48 0.00 -6.92
C GLY B 124 -27.66 0.96 -6.97
N PHE B 125 -27.47 2.03 -7.70
CA PHE B 125 -28.36 3.14 -7.99
C PHE B 125 -29.17 2.87 -9.25
N PRO B 126 -30.50 2.72 -9.09
CA PRO B 126 -31.40 2.52 -10.23
C PRO B 126 -31.74 3.79 -10.98
N GLY B 127 -30.83 4.14 -11.91
CA GLY B 127 -30.94 5.39 -12.60
C GLY B 127 -32.15 5.48 -13.52
N VAL B 128 -32.61 4.38 -14.09
CA VAL B 128 -33.75 4.49 -15.01
C VAL B 128 -34.99 4.86 -14.21
N ASN B 129 -35.08 4.25 -13.03
CA ASN B 129 -36.25 4.48 -12.19
C ASN B 129 -36.22 5.86 -11.55
N PHE B 130 -35.05 6.40 -11.25
CA PHE B 130 -34.96 7.72 -10.66
C PHE B 130 -35.11 8.81 -11.70
N GLY B 131 -34.83 8.42 -12.95
CA GLY B 131 -35.10 9.25 -14.08
C GLY B 131 -34.16 10.43 -14.21
N VAL B 132 -34.53 11.34 -15.10
CA VAL B 132 -33.65 12.49 -15.33
C VAL B 132 -33.72 13.39 -14.11
N LYS B 133 -34.91 13.54 -13.52
CA LYS B 133 -35.02 14.41 -12.35
C LYS B 133 -34.09 13.98 -11.22
N GLY B 134 -34.05 12.69 -10.92
CA GLY B 134 -33.17 12.19 -9.87
C GLY B 134 -31.69 12.25 -10.17
N CYS B 135 -31.30 11.89 -11.38
CA CYS B 135 -29.92 11.95 -11.85
C CYS B 135 -29.39 13.38 -11.76
N ARG B 136 -30.20 14.36 -12.16
CA ARG B 136 -29.81 15.76 -12.01
C ARG B 136 -29.66 16.18 -10.55
N LYS B 137 -30.49 15.67 -9.66
CA LYS B 137 -30.34 16.04 -8.25
C LYS B 137 -29.01 15.52 -7.72
N VAL B 138 -28.62 14.33 -8.18
CA VAL B 138 -27.27 13.84 -7.85
C VAL B 138 -26.19 14.79 -8.29
N LEU B 139 -26.24 15.18 -9.56
CA LEU B 139 -25.21 16.06 -10.09
C LEU B 139 -25.18 17.38 -9.34
N GLU B 140 -26.36 17.94 -9.11
CA GLU B 140 -26.42 19.25 -8.46
C GLU B 140 -25.93 19.23 -7.01
N ALA B 141 -25.98 18.10 -6.35
CA ALA B 141 -25.53 17.94 -4.97
C ALA B 141 -24.03 17.73 -4.85
N VAL B 142 -23.33 17.39 -5.91
CA VAL B 142 -21.88 17.20 -5.86
C VAL B 142 -21.11 18.29 -6.59
N ASN B 143 -19.77 18.26 -6.44
CA ASN B 143 -18.95 19.25 -7.10
C ASN B 143 -17.88 18.59 -7.97
N LEU B 144 -18.14 17.36 -8.37
CA LEU B 144 -17.19 16.63 -9.20
C LEU B 144 -17.93 16.07 -10.43
N PRO B 145 -17.21 15.74 -11.49
CA PRO B 145 -17.86 15.14 -12.67
C PRO B 145 -18.46 13.77 -12.31
N LEU B 146 -19.58 13.44 -12.93
CA LEU B 146 -20.25 12.17 -12.72
C LEU B 146 -20.21 11.24 -13.94
N GLN B 147 -20.00 9.96 -13.64
CA GLN B 147 -19.98 8.88 -14.61
C GLN B 147 -20.83 7.68 -14.22
N ALA B 148 -21.62 7.19 -15.17
CA ALA B 148 -22.39 5.97 -14.96
C ALA B 148 -21.42 4.79 -15.07
N ARG B 149 -21.28 3.98 -14.01
CA ARG B 149 -20.48 2.77 -14.06
C ARG B 149 -21.40 1.57 -13.86
N HIS B 150 -21.28 0.54 -14.68
CA HIS B 150 -22.32 -0.52 -14.59
C HIS B 150 -21.89 -1.79 -15.30
N GLY B 151 -22.66 -2.39 -16.19
CA GLY B 151 -22.40 -3.63 -16.90
C GLY B 151 -23.72 -4.09 -17.51
N THR B 152 -24.16 -3.36 -18.52
CA THR B 152 -25.51 -3.42 -19.07
C THR B 152 -25.46 -3.74 -20.56
N PRO B 153 -25.88 -4.94 -20.97
CA PRO B 153 -25.91 -5.23 -22.40
C PRO B 153 -26.80 -4.30 -23.22
N ASP B 154 -27.97 -3.93 -22.73
CA ASP B 154 -28.84 -2.97 -23.42
C ASP B 154 -29.02 -1.75 -22.50
N SER B 155 -28.18 -0.78 -22.77
CA SER B 155 -27.98 0.41 -21.99
C SER B 155 -28.58 1.65 -22.64
N ARG B 156 -29.40 1.47 -23.68
CA ARG B 156 -29.86 2.63 -24.45
C ARG B 156 -30.68 3.60 -23.64
N LEU B 157 -31.70 3.12 -22.94
CA LEU B 157 -32.51 4.00 -22.10
C LEU B 157 -31.70 4.60 -20.96
N LEU B 158 -30.88 3.77 -20.32
CA LEU B 158 -30.04 4.27 -19.23
C LEU B 158 -29.21 5.47 -19.68
N ALA B 159 -28.56 5.29 -20.82
CA ALA B 159 -27.71 6.33 -21.41
C ALA B 159 -28.51 7.58 -21.69
N GLU B 160 -29.70 7.48 -22.24
CA GLU B 160 -30.47 8.70 -22.49
C GLU B 160 -30.75 9.44 -21.18
N ILE B 161 -31.10 8.70 -20.14
CA ILE B 161 -31.42 9.30 -18.83
C ILE B 161 -30.22 9.88 -18.13
N ILE B 162 -29.11 9.15 -17.91
CA ILE B 162 -27.98 9.74 -17.20
C ILE B 162 -27.32 10.90 -17.94
N HIS B 163 -27.29 10.88 -19.27
CA HIS B 163 -26.70 12.02 -19.97
C HIS B 163 -27.62 13.24 -19.91
N ALA B 164 -28.91 13.03 -20.08
CA ALA B 164 -29.83 14.16 -19.91
C ALA B 164 -29.83 14.63 -18.47
N GLY B 165 -29.43 13.72 -17.58
CA GLY B 165 -29.31 14.00 -16.16
C GLY B 165 -28.02 14.69 -15.83
N GLY B 166 -27.20 15.02 -16.84
CA GLY B 166 -26.02 15.78 -16.54
C GLY B 166 -24.80 14.97 -16.20
N TRP B 167 -24.88 13.66 -16.38
CA TRP B 167 -23.70 12.83 -16.12
C TRP B 167 -22.90 12.77 -17.41
N THR B 168 -21.65 13.23 -17.35
CA THR B 168 -20.87 13.46 -18.57
C THR B 168 -19.85 12.41 -18.92
N SER B 169 -20.09 11.20 -18.46
CA SER B 169 -19.41 10.00 -18.91
C SER B 169 -20.30 8.78 -18.71
N ASN B 170 -20.17 7.83 -19.61
CA ASN B 170 -20.81 6.53 -19.63
C ASN B 170 -19.73 5.46 -19.90
N GLU B 171 -19.63 4.52 -18.97
CA GLU B 171 -18.73 3.37 -19.13
C GLU B 171 -19.41 2.30 -19.98
N GLY B 172 -18.63 1.47 -20.66
CA GLY B 172 -19.20 0.33 -21.34
C GLY B 172 -18.85 0.20 -22.80
N GLY B 173 -19.41 -0.87 -23.37
CA GLY B 173 -19.18 -1.22 -24.77
C GLY B 173 -19.85 -2.54 -25.10
N GLY B 174 -19.94 -2.81 -26.41
CA GLY B 174 -20.76 -3.89 -26.88
C GLY B 174 -20.24 -5.28 -26.58
N ILE B 175 -18.93 -5.40 -26.37
CA ILE B 175 -18.27 -6.62 -25.94
C ILE B 175 -18.18 -6.65 -24.41
N SER B 176 -17.60 -5.57 -23.86
CA SER B 176 -17.22 -5.59 -22.47
C SER B 176 -18.40 -5.46 -21.54
N TYR B 177 -19.55 -4.96 -22.01
CA TYR B 177 -20.75 -4.96 -21.18
C TYR B 177 -21.74 -6.02 -21.65
N ASN B 178 -21.18 -6.94 -22.39
CA ASN B 178 -21.94 -8.17 -22.68
C ASN B 178 -21.21 -9.38 -22.10
N VAL B 179 -20.07 -9.78 -22.64
CA VAL B 179 -19.51 -11.07 -22.29
C VAL B 179 -19.28 -11.31 -20.79
N PRO B 180 -18.83 -10.39 -19.98
CA PRO B 180 -18.68 -10.65 -18.52
C PRO B 180 -19.97 -10.56 -17.72
N TYR B 181 -21.07 -10.10 -18.33
CA TYR B 181 -22.28 -9.67 -17.69
C TYR B 181 -23.61 -10.24 -18.17
N ALA B 182 -23.60 -11.20 -19.08
CA ALA B 182 -24.81 -11.75 -19.66
C ALA B 182 -24.60 -13.16 -20.16
N LYS B 183 -25.69 -13.94 -20.26
CA LYS B 183 -25.50 -15.30 -20.81
C LYS B 183 -26.12 -15.45 -22.20
N ASN B 184 -27.23 -14.79 -22.48
CA ASN B 184 -28.03 -15.01 -23.69
C ASN B 184 -28.10 -13.85 -24.67
N VAL B 185 -27.27 -12.81 -24.54
CA VAL B 185 -27.34 -11.70 -25.48
C VAL B 185 -26.37 -11.91 -26.63
N THR B 186 -26.81 -11.90 -27.88
CA THR B 186 -25.88 -12.13 -28.97
C THR B 186 -24.88 -10.97 -29.01
N ILE B 187 -23.69 -11.22 -29.50
CA ILE B 187 -22.71 -10.15 -29.74
C ILE B 187 -23.21 -9.14 -30.76
N GLU B 188 -23.98 -9.59 -31.74
CA GLU B 188 -24.53 -8.63 -32.71
C GLU B 188 -25.47 -7.66 -32.02
N LYS B 189 -26.36 -8.15 -31.17
CA LYS B 189 -27.30 -7.24 -30.51
C LYS B 189 -26.63 -6.26 -29.57
N SER B 190 -25.71 -6.71 -28.73
CA SER B 190 -25.05 -5.75 -27.84
C SER B 190 -24.19 -4.77 -28.64
N LEU B 191 -23.52 -5.20 -29.72
CA LEU B 191 -22.80 -4.22 -30.54
C LEU B 191 -23.77 -3.18 -31.08
N LEU B 192 -24.94 -3.59 -31.57
CA LEU B 192 -25.93 -2.64 -32.06
C LEU B 192 -26.45 -1.68 -31.01
N ASP B 193 -26.76 -2.25 -29.84
CA ASP B 193 -27.26 -1.44 -28.73
C ASP B 193 -26.16 -0.52 -28.21
N TRP B 194 -24.90 -0.94 -28.22
CA TRP B 194 -23.87 0.01 -27.82
C TRP B 194 -23.60 1.02 -28.91
N GLN B 195 -23.86 0.68 -30.18
CA GLN B 195 -23.76 1.71 -31.23
C GLN B 195 -24.68 2.88 -30.90
N TYR B 196 -25.86 2.55 -30.38
CA TYR B 196 -26.79 3.60 -29.95
C TYR B 196 -26.09 4.47 -28.91
N CYS B 197 -25.52 3.87 -27.87
CA CYS B 197 -24.96 4.68 -26.78
C CYS B 197 -23.85 5.59 -27.28
N ASP B 198 -23.08 5.08 -28.22
CA ASP B 198 -21.99 5.84 -28.80
C ASP B 198 -22.53 6.98 -29.68
N ARG B 199 -23.59 6.63 -30.41
CA ARG B 199 -24.26 7.53 -31.33
C ARG B 199 -24.88 8.72 -30.60
N LEU B 200 -25.34 8.46 -29.39
CA LEU B 200 -25.95 9.49 -28.57
C LEU B 200 -24.89 10.49 -28.12
N VAL B 201 -23.75 9.99 -27.67
CA VAL B 201 -22.60 10.85 -27.41
C VAL B 201 -22.17 11.60 -28.66
N GLY B 202 -22.26 10.93 -29.81
CA GLY B 202 -21.91 11.59 -31.06
C GLY B 202 -22.84 12.78 -31.32
N PHE B 203 -24.13 12.58 -31.12
CA PHE B 203 -25.10 13.66 -31.25
C PHE B 203 -24.69 14.84 -30.37
N TYR B 204 -24.44 14.50 -29.10
CA TYR B 204 -24.12 15.55 -28.13
C TYR B 204 -22.87 16.31 -28.56
N GLU B 205 -21.83 15.61 -29.01
CA GLU B 205 -20.60 16.21 -29.45
C GLU B 205 -20.86 17.12 -30.67
N GLU B 206 -21.71 16.71 -31.57
CA GLU B 206 -22.11 17.52 -32.72
C GLU B 206 -22.74 18.83 -32.25
N GLN B 207 -23.26 18.84 -31.02
CA GLN B 207 -23.90 20.04 -30.50
C GLN B 207 -22.90 20.84 -29.66
N GLY B 208 -21.65 20.39 -29.51
CA GLY B 208 -20.69 21.12 -28.69
C GLY B 208 -20.70 20.70 -27.23
N VAL B 209 -21.31 19.55 -26.95
CA VAL B 209 -21.33 19.04 -25.58
C VAL B 209 -20.33 17.90 -25.43
N HIS B 210 -19.39 17.99 -24.51
CA HIS B 210 -18.35 16.98 -24.41
C HIS B 210 -18.69 15.93 -23.37
N ILE B 211 -18.66 14.68 -23.83
CA ILE B 211 -19.02 13.54 -23.00
C ILE B 211 -18.04 12.39 -23.24
N ASN B 212 -17.49 11.89 -22.13
CA ASN B 212 -16.52 10.82 -22.09
C ASN B 212 -17.19 9.44 -22.23
N ARG B 213 -16.50 8.55 -22.91
CA ARG B 213 -16.84 7.15 -23.02
C ARG B 213 -15.65 6.27 -22.58
N GLU B 214 -15.96 5.25 -21.79
CA GLU B 214 -14.96 4.34 -21.25
C GLU B 214 -15.29 2.87 -21.42
N PRO B 215 -14.71 2.27 -22.45
CA PRO B 215 -14.76 0.80 -22.57
C PRO B 215 -14.28 0.12 -21.30
N PHE B 216 -14.97 -0.93 -20.85
CA PHE B 216 -14.61 -1.64 -19.64
C PHE B 216 -13.50 -2.67 -19.82
N GLY B 217 -12.27 -2.32 -19.51
CA GLY B 217 -11.07 -3.10 -19.76
C GLY B 217 -10.98 -4.43 -19.04
N PRO B 218 -11.18 -4.49 -17.72
CA PRO B 218 -10.99 -5.73 -16.98
C PRO B 218 -11.91 -6.88 -17.34
N LEU B 219 -13.03 -6.70 -18.02
CA LEU B 219 -13.88 -7.81 -18.46
C LEU B 219 -14.24 -8.72 -17.30
N THR B 220 -13.85 -10.00 -17.30
CA THR B 220 -14.22 -10.82 -16.14
C THR B 220 -13.31 -10.66 -14.93
N GLY B 221 -12.27 -9.84 -15.01
CA GLY B 221 -11.43 -9.62 -13.86
C GLY B 221 -10.62 -10.82 -13.40
N THR B 222 -10.54 -11.84 -14.25
CA THR B 222 -9.97 -13.12 -13.85
C THR B 222 -8.96 -13.64 -14.86
N LEU B 223 -7.70 -13.30 -14.60
CA LEU B 223 -6.56 -13.72 -15.41
C LEU B 223 -6.76 -13.45 -16.88
N VAL B 224 -7.23 -12.26 -17.24
CA VAL B 224 -7.34 -11.94 -18.67
C VAL B 224 -6.00 -11.51 -19.23
N PRO B 225 -5.48 -12.22 -20.23
CA PRO B 225 -4.19 -11.79 -20.80
C PRO B 225 -4.29 -10.36 -21.33
N PRO B 226 -3.30 -9.54 -21.10
CA PRO B 226 -3.27 -8.18 -21.67
C PRO B 226 -3.65 -8.08 -23.14
N SER B 227 -3.15 -8.96 -24.00
CA SER B 227 -3.44 -8.83 -25.43
C SER B 227 -4.91 -9.05 -25.77
N MET B 228 -5.63 -9.94 -25.10
CA MET B 228 -7.06 -10.16 -25.31
C MET B 228 -7.86 -8.96 -24.80
N SER B 229 -7.56 -8.50 -23.59
CA SER B 229 -8.22 -7.31 -23.04
C SER B 229 -7.98 -6.08 -23.91
N ASN B 230 -6.75 -5.82 -24.35
CA ASN B 230 -6.43 -4.66 -25.18
C ASN B 230 -7.09 -4.74 -26.54
N ALA B 231 -7.18 -5.94 -27.13
CA ALA B 231 -7.91 -6.03 -28.40
C ALA B 231 -9.36 -5.62 -28.23
N VAL B 232 -9.94 -5.96 -27.08
CA VAL B 232 -11.34 -5.58 -26.88
C VAL B 232 -11.50 -4.08 -26.73
N GLY B 233 -10.63 -3.46 -25.93
CA GLY B 233 -10.75 -2.01 -25.74
C GLY B 233 -10.46 -1.20 -27.01
N ILE B 234 -9.45 -1.60 -27.78
CA ILE B 234 -9.14 -0.93 -29.04
C ILE B 234 -10.34 -1.03 -29.96
N THR B 235 -10.91 -2.24 -30.03
CA THR B 235 -12.10 -2.42 -30.85
C THR B 235 -13.25 -1.50 -30.42
N GLU B 236 -13.52 -1.45 -29.13
CA GLU B 236 -14.63 -0.63 -28.66
C GLU B 236 -14.34 0.85 -28.89
N ALA B 237 -13.07 1.24 -28.83
CA ALA B 237 -12.68 2.61 -29.14
C ALA B 237 -12.94 2.94 -30.60
N LEU B 238 -12.59 2.02 -31.48
CA LEU B 238 -12.84 2.22 -32.90
C LEU B 238 -14.33 2.27 -33.24
N LEU B 239 -15.11 1.41 -32.57
CA LEU B 239 -16.52 1.37 -32.88
C LEU B 239 -17.23 2.61 -32.32
N ALA B 240 -16.76 3.10 -31.18
CA ALA B 240 -17.32 4.35 -30.65
C ALA B 240 -16.97 5.53 -31.55
N ALA B 241 -15.72 5.56 -31.99
CA ALA B 241 -15.29 6.72 -32.79
C ALA B 241 -16.11 6.82 -34.08
N GLU B 242 -16.47 5.67 -34.64
CA GLU B 242 -17.26 5.67 -35.87
C GLU B 242 -18.61 6.36 -35.66
N GLN B 243 -19.19 6.23 -34.46
CA GLN B 243 -20.45 6.89 -34.18
C GLN B 243 -20.33 8.35 -33.74
N GLY B 244 -19.12 8.87 -33.69
CA GLY B 244 -18.85 10.26 -33.39
C GLY B 244 -18.34 10.56 -32.00
N VAL B 245 -17.89 9.58 -31.23
CA VAL B 245 -17.33 9.81 -29.90
C VAL B 245 -15.96 10.43 -30.04
N LYS B 246 -15.70 11.44 -29.20
CA LYS B 246 -14.49 12.23 -29.28
C LYS B 246 -13.61 12.17 -28.03
N ASN B 247 -14.14 11.66 -26.92
CA ASN B 247 -13.34 11.62 -25.68
C ASN B 247 -13.49 10.20 -25.11
N ILE B 248 -12.39 9.45 -25.15
CA ILE B 248 -12.41 8.03 -24.86
C ILE B 248 -11.30 7.67 -23.85
N THR B 249 -11.70 7.01 -22.79
CA THR B 249 -10.82 6.41 -21.82
C THR B 249 -10.75 4.90 -22.01
N VAL B 250 -9.56 4.45 -22.46
CA VAL B 250 -9.40 3.00 -22.57
C VAL B 250 -8.86 2.44 -21.25
N GLY B 251 -9.29 1.23 -20.92
CA GLY B 251 -9.06 0.65 -19.62
C GLY B 251 -8.32 -0.67 -19.61
N TYR B 252 -7.64 -0.92 -18.48
CA TYR B 252 -6.89 -2.15 -18.24
C TYR B 252 -7.01 -2.56 -16.77
N GLY B 253 -7.26 -3.82 -16.52
CA GLY B 253 -7.29 -4.40 -15.20
C GLY B 253 -5.92 -4.99 -14.82
N GLU B 254 -5.43 -4.59 -13.64
CA GLU B 254 -4.19 -5.15 -13.10
C GLU B 254 -4.10 -6.67 -13.16
N CYS B 255 -2.98 -7.20 -13.65
CA CYS B 255 -2.68 -8.63 -13.62
C CYS B 255 -1.68 -8.89 -12.48
N GLY B 256 -0.86 -7.92 -12.13
CA GLY B 256 -0.07 -7.99 -10.91
C GLY B 256 1.41 -7.94 -11.03
N ASN B 257 1.92 -8.39 -12.18
CA ASN B 257 3.32 -8.17 -12.51
C ASN B 257 3.47 -6.72 -12.95
N MET B 258 4.27 -5.92 -12.26
CA MET B 258 4.35 -4.51 -12.59
C MET B 258 4.80 -4.23 -14.03
N ILE B 259 5.83 -4.87 -14.53
CA ILE B 259 6.27 -4.65 -15.91
C ILE B 259 5.23 -5.10 -16.91
N GLN B 260 4.62 -6.27 -16.70
CA GLN B 260 3.52 -6.63 -17.61
C GLN B 260 2.38 -5.61 -17.58
N ASP B 261 2.04 -5.12 -16.38
CA ASP B 261 0.91 -4.19 -16.25
C ASP B 261 1.21 -2.88 -16.93
N ILE B 262 2.43 -2.36 -16.73
CA ILE B 262 2.78 -1.07 -17.33
C ILE B 262 2.94 -1.24 -18.84
N ALA B 263 3.55 -2.36 -19.26
CA ALA B 263 3.56 -2.64 -20.69
C ALA B 263 2.13 -2.68 -21.26
N ALA B 264 1.20 -3.30 -20.55
CA ALA B 264 -0.15 -3.46 -21.06
C ALA B 264 -0.86 -2.12 -21.22
N LEU B 265 -0.69 -1.24 -20.23
CA LEU B 265 -1.36 0.04 -20.33
C LEU B 265 -0.74 0.90 -21.40
N ARG B 266 0.59 0.92 -21.49
CA ARG B 266 1.20 1.69 -22.57
C ARG B 266 0.87 1.16 -23.97
N CYS B 267 0.83 -0.14 -24.17
CA CYS B 267 0.48 -0.71 -25.47
C CYS B 267 -0.97 -0.37 -25.82
N LEU B 268 -1.82 -0.44 -24.80
CA LEU B 268 -3.23 -0.13 -25.00
C LEU B 268 -3.36 1.31 -25.47
N GLU B 269 -2.65 2.24 -24.81
CA GLU B 269 -2.84 3.66 -25.16
C GLU B 269 -2.26 3.93 -26.54
N GLU B 270 -1.05 3.43 -26.74
CA GLU B 270 -0.36 3.62 -28.00
C GLU B 270 -1.06 2.95 -29.17
N GLN B 271 -1.55 1.73 -29.00
CA GLN B 271 -2.21 1.07 -30.14
C GLN B 271 -3.58 1.65 -30.33
N THR B 272 -4.22 2.13 -29.24
CA THR B 272 -5.51 2.78 -29.48
C THR B 272 -5.32 4.02 -30.35
N ASN B 273 -4.34 4.87 -30.05
CA ASN B 273 -4.14 6.07 -30.84
C ASN B 273 -3.74 5.72 -32.28
N GLU B 274 -2.90 4.70 -32.42
CA GLU B 274 -2.43 4.25 -33.74
C GLU B 274 -3.58 3.80 -34.64
N TYR B 275 -4.48 2.99 -34.08
CA TYR B 275 -5.62 2.43 -34.79
C TYR B 275 -6.63 3.55 -35.11
N LEU B 276 -6.84 4.45 -34.14
CA LEU B 276 -7.77 5.53 -34.43
C LEU B 276 -7.31 6.36 -35.63
N LYS B 277 -6.03 6.70 -35.61
CA LYS B 277 -5.41 7.50 -36.65
C LYS B 277 -5.35 6.75 -37.97
N ALA B 278 -5.07 5.45 -37.93
CA ALA B 278 -4.95 4.73 -39.19
C ALA B 278 -6.30 4.63 -39.87
N TYR B 279 -7.39 4.70 -39.10
CA TYR B 279 -8.71 4.56 -39.70
C TYR B 279 -9.39 5.91 -39.85
N GLY B 280 -8.62 6.96 -39.69
CA GLY B 280 -9.09 8.30 -39.94
C GLY B 280 -9.77 9.08 -38.85
N TYR B 281 -9.77 8.59 -37.62
CA TYR B 281 -10.38 9.36 -36.52
C TYR B 281 -9.25 10.18 -35.90
N ASN B 282 -9.23 11.47 -36.24
CA ASN B 282 -8.05 12.26 -35.95
C ASN B 282 -8.26 13.34 -34.89
N ASP B 283 -9.43 13.34 -34.31
CA ASP B 283 -9.82 14.31 -33.30
C ASP B 283 -10.29 13.61 -32.03
N VAL B 284 -9.68 12.48 -31.70
CA VAL B 284 -10.17 11.75 -30.55
C VAL B 284 -9.16 11.92 -29.41
N PHE B 285 -9.68 12.30 -28.25
CA PHE B 285 -8.82 12.54 -27.10
C PHE B 285 -8.82 11.28 -26.23
N VAL B 286 -7.65 10.65 -26.11
CA VAL B 286 -7.63 9.33 -25.49
C VAL B 286 -6.94 9.39 -24.11
N THR B 287 -7.57 8.76 -23.15
CA THR B 287 -7.00 8.64 -21.82
C THR B 287 -7.08 7.17 -21.43
N THR B 288 -6.44 6.81 -20.36
CA THR B 288 -6.28 5.50 -19.77
C THR B 288 -6.77 5.46 -18.31
N VAL B 289 -7.35 4.31 -18.01
CA VAL B 289 -7.77 4.00 -16.65
C VAL B 289 -7.19 2.63 -16.29
N PHE B 290 -6.61 2.61 -15.10
CA PHE B 290 -6.05 1.40 -14.53
C PHE B 290 -6.94 0.92 -13.39
N HIS B 291 -7.46 -0.30 -13.46
CA HIS B 291 -8.29 -0.82 -12.37
C HIS B 291 -7.44 -1.65 -11.40
N GLN B 292 -7.55 -1.28 -10.12
CA GLN B 292 -6.90 -2.08 -9.10
C GLN B 292 -7.48 -3.49 -9.14
N TRP B 293 -6.68 -4.49 -8.90
CA TRP B 293 -6.93 -5.92 -8.80
C TRP B 293 -8.42 -6.25 -8.76
N MET B 294 -8.93 -6.78 -9.87
CA MET B 294 -10.35 -7.06 -10.01
C MET B 294 -10.74 -8.50 -9.69
N GLY B 295 -9.78 -9.30 -9.23
CA GLY B 295 -10.01 -10.66 -8.77
C GLY B 295 -10.34 -10.71 -7.30
N GLY B 296 -10.43 -11.94 -6.80
CA GLY B 296 -10.76 -12.10 -5.39
C GLY B 296 -9.70 -11.44 -4.50
N PHE B 297 -10.18 -10.69 -3.54
CA PHE B 297 -9.45 -10.04 -2.49
C PHE B 297 -9.27 -10.89 -1.23
N PRO B 298 -8.21 -10.60 -0.50
CA PRO B 298 -8.10 -11.20 0.84
C PRO B 298 -9.11 -10.54 1.76
N GLN B 299 -9.63 -11.29 2.73
CA GLN B 299 -10.62 -10.79 3.66
C GLN B 299 -10.05 -9.86 4.72
N ASP B 300 -8.80 -10.09 5.10
CA ASP B 300 -8.17 -9.23 6.09
C ASP B 300 -7.95 -7.83 5.53
N GLU B 301 -8.33 -6.83 6.33
CA GLU B 301 -8.33 -5.46 5.86
C GLU B 301 -6.91 -4.95 5.66
N SER B 302 -5.94 -5.36 6.48
CA SER B 302 -4.59 -4.87 6.25
C SER B 302 -4.01 -5.43 4.97
N LYS B 303 -4.28 -6.69 4.68
CA LYS B 303 -3.84 -7.31 3.41
C LYS B 303 -4.51 -6.63 2.23
N ALA B 304 -5.80 -6.32 2.40
CA ALA B 304 -6.55 -5.59 1.37
C ALA B 304 -5.83 -4.29 0.97
N PHE B 305 -5.39 -3.53 1.98
CA PHE B 305 -4.60 -2.34 1.72
C PHE B 305 -3.32 -2.70 0.99
N GLY B 306 -2.76 -3.88 1.31
CA GLY B 306 -1.57 -4.25 0.53
C GLY B 306 -1.82 -4.33 -0.95
N VAL B 307 -3.01 -4.79 -1.30
CA VAL B 307 -3.40 -4.96 -2.69
C VAL B 307 -3.74 -3.59 -3.29
N ILE B 308 -4.57 -2.86 -2.56
CA ILE B 308 -4.98 -1.55 -3.04
C ILE B 308 -3.80 -0.64 -3.37
N VAL B 309 -2.80 -0.63 -2.50
CA VAL B 309 -1.71 0.33 -2.65
C VAL B 309 -0.65 -0.18 -3.60
N THR B 310 -0.39 -1.48 -3.66
CA THR B 310 0.54 -1.94 -4.67
C THR B 310 -0.04 -1.64 -6.04
N ALA B 311 -1.31 -1.95 -6.19
CA ALA B 311 -1.99 -1.69 -7.46
C ALA B 311 -1.86 -0.21 -7.83
N THR B 312 -2.05 0.67 -6.87
CA THR B 312 -1.94 2.10 -7.18
C THR B 312 -0.57 2.52 -7.63
N THR B 313 0.45 1.91 -6.99
CA THR B 313 1.83 2.23 -7.38
C THR B 313 2.09 1.90 -8.84
N ILE B 314 1.55 0.74 -9.30
CA ILE B 314 1.66 0.36 -10.70
C ILE B 314 0.94 1.34 -11.59
N ALA B 315 -0.27 1.77 -11.19
CA ALA B 315 -1.00 2.74 -11.98
C ALA B 315 -0.21 4.04 -12.15
N ALA B 316 0.31 4.53 -11.04
CA ALA B 316 1.10 5.75 -10.93
C ALA B 316 2.28 5.67 -11.89
N LEU B 317 3.07 4.62 -11.76
CA LEU B 317 4.28 4.49 -12.56
C LEU B 317 3.95 4.23 -14.03
N ALA B 318 2.75 3.72 -14.29
CA ALA B 318 2.30 3.52 -15.67
C ALA B 318 1.92 4.82 -16.37
N GLY B 319 1.65 5.84 -15.61
CA GLY B 319 1.10 7.12 -16.02
C GLY B 319 -0.38 7.04 -16.37
N ALA B 320 -1.12 6.20 -15.66
CA ALA B 320 -2.56 6.11 -15.83
C ALA B 320 -3.23 7.45 -15.57
N THR B 321 -4.20 7.80 -16.42
CA THR B 321 -4.92 9.06 -16.23
C THR B 321 -5.87 8.97 -15.04
N LYS B 322 -6.35 7.76 -14.82
CA LYS B 322 -7.33 7.42 -13.81
C LYS B 322 -7.02 6.07 -13.18
N VAL B 323 -7.33 5.93 -11.89
CA VAL B 323 -7.20 4.67 -11.15
C VAL B 323 -8.54 4.44 -10.45
N ILE B 324 -9.11 3.24 -10.60
CA ILE B 324 -10.34 2.89 -9.91
C ILE B 324 -10.06 2.21 -8.57
N VAL B 325 -10.60 2.76 -7.50
CA VAL B 325 -10.31 2.43 -6.11
C VAL B 325 -11.10 1.23 -5.62
N LYS B 326 -10.41 0.25 -5.04
CA LYS B 326 -10.95 -0.87 -4.32
C LYS B 326 -10.93 -0.53 -2.83
N THR B 327 -11.69 -1.30 -2.06
CA THR B 327 -11.80 -1.08 -0.62
C THR B 327 -11.46 -2.28 0.22
N PRO B 328 -11.18 -2.06 1.50
CA PRO B 328 -10.95 -3.19 2.41
C PRO B 328 -12.13 -4.13 2.61
N HIS B 329 -13.37 -3.79 2.29
CA HIS B 329 -14.57 -4.61 2.26
C HIS B 329 -14.76 -5.48 1.04
N GLU B 330 -13.85 -5.43 0.07
CA GLU B 330 -14.05 -6.09 -1.20
C GLU B 330 -14.42 -7.56 -1.13
N ALA B 331 -13.77 -8.33 -0.26
CA ALA B 331 -14.03 -9.75 -0.16
C ALA B 331 -15.41 -10.02 0.45
N ILE B 332 -15.98 -9.07 1.16
CA ILE B 332 -17.21 -9.28 1.94
C ILE B 332 -18.48 -8.73 1.32
N GLY B 333 -18.47 -7.45 0.97
CA GLY B 333 -19.66 -6.86 0.39
C GLY B 333 -19.49 -5.39 0.07
N ILE B 334 -20.56 -4.83 -0.50
CA ILE B 334 -20.54 -3.45 -0.92
C ILE B 334 -20.06 -2.56 0.21
N PRO B 335 -18.98 -1.80 -0.06
CA PRO B 335 -18.35 -1.07 1.05
C PRO B 335 -19.27 -0.02 1.68
N THR B 336 -19.12 0.13 2.98
CA THR B 336 -19.76 1.29 3.62
C THR B 336 -19.01 2.54 3.18
N LYS B 337 -19.60 3.73 3.38
CA LYS B 337 -18.93 4.95 2.95
C LYS B 337 -17.55 5.09 3.61
N GLU B 338 -17.41 4.60 4.84
CA GLU B 338 -16.12 4.69 5.54
C GLU B 338 -15.01 3.81 4.96
N ALA B 339 -15.22 2.58 4.56
CA ALA B 339 -14.37 1.60 3.92
C ALA B 339 -13.96 2.15 2.55
N ASN B 340 -14.96 2.75 1.90
CA ASN B 340 -14.68 3.41 0.62
C ASN B 340 -13.77 4.62 0.76
N ALA B 341 -14.07 5.55 1.65
CA ALA B 341 -13.14 6.67 1.88
C ALA B 341 -11.76 6.17 2.28
N ALA B 342 -11.72 5.09 3.07
CA ALA B 342 -10.42 4.49 3.42
C ALA B 342 -9.63 4.07 2.19
N GLY B 343 -10.26 3.36 1.27
CA GLY B 343 -9.63 2.94 0.03
C GLY B 343 -9.21 4.17 -0.76
N ILE B 344 -10.06 5.21 -0.84
CA ILE B 344 -9.68 6.39 -1.64
C ILE B 344 -8.50 7.11 -0.99
N LYS B 345 -8.50 7.24 0.32
CA LYS B 345 -7.41 7.95 0.99
C LYS B 345 -6.10 7.20 0.84
N ALA B 346 -6.15 5.88 0.92
CA ALA B 346 -4.93 5.08 0.81
C ALA B 346 -4.36 5.22 -0.60
N THR B 347 -5.29 5.19 -1.55
CA THR B 347 -4.94 5.34 -2.97
C THR B 347 -4.35 6.71 -3.25
N LYS B 348 -5.02 7.78 -2.80
CA LYS B 348 -4.52 9.11 -3.12
C LYS B 348 -3.22 9.39 -2.40
N MET B 349 -3.01 8.81 -1.22
CA MET B 349 -1.72 9.01 -0.54
C MET B 349 -0.59 8.42 -1.37
N ALA B 350 -0.87 7.21 -1.86
CA ALA B 350 0.14 6.52 -2.68
C ALA B 350 0.50 7.32 -3.91
N LEU B 351 -0.52 7.85 -4.60
CA LEU B 351 -0.32 8.66 -5.78
C LEU B 351 0.51 9.91 -5.44
N ASN B 352 0.19 10.51 -4.30
CA ASN B 352 0.84 11.76 -3.90
C ASN B 352 2.27 11.45 -3.44
N MET B 353 2.48 10.21 -2.97
CA MET B 353 3.82 9.79 -2.56
C MET B 353 4.69 9.51 -3.78
N LEU B 354 4.07 9.47 -4.95
CA LEU B 354 4.76 9.08 -6.17
C LEU B 354 4.66 10.15 -7.24
N GLU B 355 4.27 11.36 -6.84
CA GLU B 355 4.07 12.49 -7.74
C GLU B 355 5.16 12.62 -8.81
N GLY B 356 4.77 12.49 -10.07
CA GLY B 356 5.62 12.73 -11.21
C GLY B 356 6.47 11.55 -11.59
N GLN B 357 6.52 10.51 -10.77
CA GLN B 357 7.33 9.33 -11.07
C GLN B 357 6.71 8.43 -12.11
N ARG B 358 7.59 7.95 -12.99
CA ARG B 358 7.23 7.01 -14.04
C ARG B 358 8.23 5.89 -14.18
N MET B 359 7.75 4.70 -14.51
CA MET B 359 8.64 3.59 -14.81
C MET B 359 9.51 3.96 -16.02
N PRO B 360 10.82 4.00 -15.87
CA PRO B 360 11.68 4.28 -17.04
C PRO B 360 11.70 3.11 -18.00
N MET B 361 12.10 3.35 -19.25
CA MET B 361 12.16 2.27 -20.22
C MET B 361 13.30 1.33 -19.84
N SER B 362 13.07 0.06 -20.13
CA SER B 362 14.13 -0.92 -20.04
C SER B 362 13.95 -2.01 -21.10
N LYS B 363 14.96 -2.87 -21.19
CA LYS B 363 14.89 -3.98 -22.14
C LYS B 363 13.71 -4.87 -21.83
N GLU B 364 13.56 -5.17 -20.54
CA GLU B 364 12.46 -6.00 -20.09
C GLU B 364 11.09 -5.49 -20.53
N LEU B 365 10.82 -4.23 -20.32
CA LEU B 365 9.65 -3.48 -20.69
C LEU B 365 9.49 -3.49 -22.21
N GLU B 366 10.56 -3.14 -22.94
CA GLU B 366 10.42 -3.06 -24.41
C GLU B 366 10.02 -4.44 -24.93
N THR B 367 10.62 -5.51 -24.39
CA THR B 367 10.34 -6.87 -24.82
C THR B 367 8.88 -7.26 -24.57
N GLU B 368 8.41 -6.95 -23.36
CA GLU B 368 7.02 -7.21 -23.02
C GLU B 368 6.08 -6.38 -23.90
N MET B 369 6.35 -5.10 -24.14
CA MET B 369 5.46 -4.36 -25.01
C MET B 369 5.41 -4.96 -26.41
N ALA B 370 6.56 -5.39 -26.93
CA ALA B 370 6.62 -5.99 -28.25
C ALA B 370 5.77 -7.26 -28.27
N VAL B 371 5.84 -8.04 -27.20
CA VAL B 371 5.00 -9.25 -27.17
C VAL B 371 3.53 -8.89 -27.20
N ILE B 372 3.15 -7.97 -26.32
CA ILE B 372 1.76 -7.55 -26.22
C ILE B 372 1.24 -6.97 -27.52
N LYS B 373 1.96 -6.03 -28.13
CA LYS B 373 1.49 -5.44 -29.40
C LYS B 373 1.30 -6.51 -30.49
N ALA B 374 2.23 -7.46 -30.55
CA ALA B 374 2.19 -8.51 -31.55
C ALA B 374 0.98 -9.43 -31.41
N GLU B 375 0.75 -9.89 -30.18
CA GLU B 375 -0.40 -10.72 -29.85
C GLU B 375 -1.70 -10.01 -30.20
N THR B 376 -1.77 -8.74 -29.77
CA THR B 376 -2.93 -7.91 -30.03
C THR B 376 -3.16 -7.71 -31.54
N LYS B 377 -2.09 -7.49 -32.28
CA LYS B 377 -2.20 -7.32 -33.74
C LYS B 377 -2.74 -8.58 -34.42
N CYS B 378 -2.28 -9.74 -33.95
CA CYS B 378 -2.74 -11.01 -34.46
C CYS B 378 -4.26 -11.13 -34.40
N ILE B 379 -4.80 -10.72 -33.24
CA ILE B 379 -6.22 -10.79 -33.02
C ILE B 379 -7.01 -9.78 -33.85
N LEU B 380 -6.59 -8.54 -33.83
CA LEU B 380 -7.23 -7.48 -34.60
C LEU B 380 -7.17 -7.73 -36.10
N ASP B 381 -6.02 -8.16 -36.56
CA ASP B 381 -5.80 -8.52 -37.95
C ASP B 381 -6.82 -9.55 -38.40
N LYS B 382 -7.00 -10.59 -37.58
CA LYS B 382 -7.94 -11.65 -37.92
C LYS B 382 -9.36 -11.11 -37.91
N MET B 383 -9.65 -10.22 -36.97
CA MET B 383 -11.01 -9.67 -36.88
C MET B 383 -11.39 -8.91 -38.13
N PHE B 384 -10.46 -8.07 -38.60
CA PHE B 384 -10.70 -7.31 -39.81
C PHE B 384 -10.83 -8.21 -41.03
N GLU B 385 -10.00 -9.25 -41.07
CA GLU B 385 -10.07 -10.28 -42.10
C GLU B 385 -11.44 -10.94 -42.03
N LEU B 386 -11.93 -11.40 -40.87
CA LEU B 386 -13.24 -12.01 -40.85
C LEU B 386 -14.35 -11.05 -41.26
N GLY B 387 -14.26 -9.77 -40.93
CA GLY B 387 -15.36 -8.84 -41.24
C GLY B 387 -15.22 -8.23 -42.63
N LYS B 388 -14.26 -8.75 -43.38
CA LYS B 388 -13.88 -8.20 -44.68
C LYS B 388 -13.73 -6.69 -44.62
N GLY B 389 -13.02 -6.20 -43.60
CA GLY B 389 -12.77 -4.80 -43.45
C GLY B 389 -13.65 -4.13 -42.42
N ASP B 390 -14.76 -4.76 -42.05
CA ASP B 390 -15.72 -4.19 -41.11
C ASP B 390 -15.47 -4.77 -39.72
N LEU B 391 -14.95 -3.96 -38.79
CA LEU B 391 -14.56 -4.53 -37.49
C LEU B 391 -15.74 -4.98 -36.66
N ALA B 392 -16.94 -4.43 -36.91
CA ALA B 392 -18.08 -4.87 -36.12
C ALA B 392 -18.56 -6.26 -36.53
N ILE B 393 -18.74 -6.43 -37.84
CA ILE B 393 -19.03 -7.80 -38.33
C ILE B 393 -17.92 -8.75 -37.93
N GLY B 394 -16.66 -8.32 -38.00
CA GLY B 394 -15.50 -9.14 -37.65
C GLY B 394 -15.50 -9.54 -36.18
N THR B 395 -16.04 -8.70 -35.31
CA THR B 395 -16.15 -9.01 -33.89
C THR B 395 -17.12 -10.15 -33.65
N VAL B 396 -18.30 -10.03 -34.28
CA VAL B 396 -19.28 -11.12 -34.22
C VAL B 396 -18.63 -12.41 -34.71
N LYS B 397 -17.95 -12.34 -35.86
CA LYS B 397 -17.37 -13.61 -36.34
C LYS B 397 -16.18 -14.08 -35.50
N ALA B 398 -15.44 -13.14 -34.91
CA ALA B 398 -14.34 -13.52 -34.03
C ALA B 398 -14.87 -14.32 -32.85
N PHE B 399 -16.00 -13.87 -32.27
CA PHE B 399 -16.56 -14.59 -31.14
C PHE B 399 -17.11 -15.94 -31.60
N GLU B 400 -17.67 -15.99 -32.79
CA GLU B 400 -18.26 -17.23 -33.27
C GLU B 400 -17.18 -18.29 -33.49
N THR B 401 -15.98 -17.86 -33.83
CA THR B 401 -14.92 -18.79 -34.20
C THR B 401 -13.87 -18.85 -33.09
N GLY B 402 -14.04 -18.10 -32.01
CA GLY B 402 -13.14 -18.18 -30.88
C GLY B 402 -11.82 -17.49 -31.10
N VAL B 403 -11.74 -16.64 -32.10
CA VAL B 403 -10.61 -15.72 -32.31
C VAL B 403 -10.50 -14.74 -31.16
N MET B 404 -11.64 -14.21 -30.70
CA MET B 404 -11.73 -13.45 -29.44
C MET B 404 -12.47 -14.32 -28.44
N ASP B 405 -11.87 -14.53 -27.28
CA ASP B 405 -12.30 -15.47 -26.26
C ASP B 405 -11.93 -14.92 -24.88
N ILE B 406 -12.93 -14.60 -24.05
CA ILE B 406 -12.68 -13.94 -22.76
C ILE B 406 -12.73 -14.95 -21.63
N PRO B 407 -11.70 -15.15 -20.82
CA PRO B 407 -11.75 -16.17 -19.76
C PRO B 407 -12.91 -16.05 -18.79
N PHE B 408 -13.60 -17.16 -18.59
CA PHE B 408 -14.69 -17.37 -17.66
C PHE B 408 -15.89 -16.53 -18.03
N GLY B 409 -15.98 -15.99 -19.25
CA GLY B 409 -17.18 -15.21 -19.58
C GLY B 409 -18.44 -16.08 -19.53
N PRO B 410 -19.51 -15.66 -18.85
CA PRO B 410 -20.76 -16.41 -18.84
C PRO B 410 -21.48 -16.44 -20.18
N SER B 411 -21.24 -15.52 -21.09
CA SER B 411 -21.87 -15.49 -22.39
C SER B 411 -21.78 -16.80 -23.17
N LYS B 412 -22.92 -17.27 -23.67
CA LYS B 412 -22.86 -18.54 -24.38
C LYS B 412 -22.32 -18.35 -25.79
N TYR B 413 -22.12 -17.09 -26.18
CA TYR B 413 -21.51 -16.66 -27.41
C TYR B 413 -19.99 -16.55 -27.30
N ASN B 414 -19.47 -16.77 -26.10
CA ASN B 414 -18.05 -16.87 -25.81
C ASN B 414 -17.59 -18.32 -25.94
N ALA B 415 -16.48 -18.56 -26.63
CA ALA B 415 -16.04 -19.93 -26.89
C ALA B 415 -15.65 -20.66 -25.63
N GLY B 416 -14.97 -20.00 -24.69
CA GLY B 416 -14.63 -20.70 -23.46
C GLY B 416 -13.51 -21.71 -23.70
N LYS B 417 -12.76 -21.55 -24.80
CA LYS B 417 -11.70 -22.49 -25.10
C LYS B 417 -10.34 -22.02 -24.59
N MET B 418 -10.08 -20.72 -24.71
CA MET B 418 -8.77 -20.21 -24.30
C MET B 418 -8.67 -20.26 -22.78
N MET B 419 -7.50 -20.62 -22.25
CA MET B 419 -7.28 -20.72 -20.82
C MET B 419 -6.01 -19.99 -20.40
N PRO B 420 -6.14 -19.03 -19.50
CA PRO B 420 -4.98 -18.27 -19.03
C PRO B 420 -4.35 -18.87 -17.78
N VAL B 421 -3.09 -18.54 -17.52
CA VAL B 421 -2.43 -18.99 -16.31
C VAL B 421 -1.20 -18.12 -16.12
N ARG B 422 -0.72 -18.00 -14.88
CA ARG B 422 0.45 -17.17 -14.64
C ARG B 422 1.77 -17.91 -14.90
N ASP B 423 2.79 -17.19 -15.30
CA ASP B 423 4.17 -17.69 -15.51
C ASP B 423 4.92 -17.52 -14.17
N ASN B 424 6.22 -17.79 -14.18
CA ASN B 424 6.96 -17.88 -12.91
C ASN B 424 7.21 -16.53 -12.27
N LEU B 425 7.03 -15.42 -13.01
CA LEU B 425 7.10 -14.10 -12.40
C LEU B 425 5.73 -13.44 -12.20
N GLY B 426 4.68 -14.25 -12.32
CA GLY B 426 3.33 -13.82 -12.15
C GLY B 426 2.72 -13.19 -13.37
N CYS B 427 3.38 -13.19 -14.53
CA CYS B 427 2.71 -12.60 -15.69
C CYS B 427 1.61 -13.54 -16.18
N VAL B 428 0.46 -12.99 -16.56
CA VAL B 428 -0.62 -13.83 -17.07
C VAL B 428 -0.25 -14.25 -18.49
N ARG B 429 -0.37 -15.54 -18.77
CA ARG B 429 0.02 -16.00 -20.12
C ARG B 429 -1.06 -16.88 -20.70
N TYR B 430 -0.87 -17.34 -21.93
CA TYR B 430 -1.82 -18.27 -22.51
C TYR B 430 -1.43 -19.72 -22.23
N LEU B 431 -2.30 -20.49 -21.62
CA LEU B 431 -1.99 -21.90 -21.32
C LEU B 431 -2.57 -22.79 -22.41
N GLU B 432 -3.86 -22.59 -22.68
CA GLU B 432 -4.50 -23.20 -23.85
C GLU B 432 -4.91 -22.10 -24.82
N PHE B 433 -4.55 -22.23 -26.09
CA PHE B 433 -4.76 -21.13 -27.04
C PHE B 433 -6.14 -21.15 -27.67
N GLY B 434 -6.80 -22.30 -27.66
CA GLY B 434 -8.09 -22.43 -28.31
C GLY B 434 -7.92 -21.97 -29.74
N ASN B 435 -8.80 -21.09 -30.22
CA ASN B 435 -8.70 -20.61 -31.58
C ASN B 435 -8.12 -19.22 -31.74
N VAL B 436 -7.47 -18.74 -30.67
CA VAL B 436 -6.82 -17.44 -30.74
C VAL B 436 -5.72 -17.48 -31.80
N PRO B 437 -5.71 -16.57 -32.79
CA PRO B 437 -4.85 -16.78 -33.97
C PRO B 437 -3.41 -16.30 -33.93
N PHE B 438 -2.68 -16.81 -32.98
CA PHE B 438 -1.25 -16.54 -32.80
C PHE B 438 -0.40 -17.41 -33.73
N THR B 439 0.75 -16.83 -34.04
CA THR B 439 1.79 -17.49 -34.80
C THR B 439 2.49 -18.48 -33.88
N GLU B 440 3.23 -19.42 -34.47
CA GLU B 440 3.94 -20.35 -33.60
C GLU B 440 4.94 -19.62 -32.73
N GLU B 441 5.58 -18.56 -33.27
CA GLU B 441 6.57 -17.91 -32.41
C GLU B 441 6.00 -17.37 -31.11
N ILE B 442 4.83 -16.76 -31.16
CA ILE B 442 4.08 -16.18 -30.07
C ILE B 442 3.63 -17.27 -29.12
N LYS B 443 3.14 -18.38 -29.67
CA LYS B 443 2.74 -19.47 -28.78
C LYS B 443 3.95 -20.00 -28.02
N ASN B 444 5.09 -20.12 -28.72
CA ASN B 444 6.31 -20.68 -28.18
C ASN B 444 6.81 -19.87 -27.00
N TYR B 445 6.63 -18.55 -27.07
CA TYR B 445 7.12 -17.69 -26.01
C TYR B 445 6.27 -17.84 -24.73
N ASN B 446 4.96 -17.95 -24.93
CA ASN B 446 4.07 -18.28 -23.83
C ASN B 446 4.47 -19.63 -23.23
N ARG B 447 4.67 -20.65 -24.07
CA ARG B 447 5.08 -21.95 -23.53
C ARG B 447 6.39 -21.89 -22.76
N GLU B 448 7.35 -21.16 -23.33
CA GLU B 448 8.67 -21.01 -22.68
C GLU B 448 8.54 -20.40 -21.30
N ARG B 449 7.72 -19.34 -21.24
CA ARG B 449 7.53 -18.65 -19.97
C ARG B 449 6.89 -19.58 -18.94
N LEU B 450 5.92 -20.38 -19.42
CA LEU B 450 5.19 -21.22 -18.47
C LEU B 450 6.05 -22.38 -17.99
N GLN B 451 6.96 -22.83 -18.85
CA GLN B 451 7.81 -23.95 -18.44
C GLN B 451 8.66 -23.57 -17.25
N GLU B 452 9.07 -22.30 -17.18
CA GLU B 452 9.87 -21.85 -16.07
C GLU B 452 9.11 -22.03 -14.75
N ARG B 453 7.81 -21.81 -14.77
CA ARG B 453 6.95 -22.09 -13.64
C ARG B 453 6.87 -23.58 -13.27
N ALA B 454 6.69 -24.42 -14.27
CA ALA B 454 6.71 -25.87 -14.06
C ALA B 454 8.00 -26.34 -13.40
N LYS B 455 9.14 -25.86 -13.90
CA LYS B 455 10.46 -26.20 -13.39
C LYS B 455 10.58 -25.79 -11.92
N PHE B 456 10.18 -24.54 -11.66
CA PHE B 456 10.30 -24.01 -10.31
C PHE B 456 9.34 -24.71 -9.35
N GLU B 457 8.09 -24.95 -9.72
CA GLU B 457 7.15 -25.57 -8.79
C GLU B 457 7.20 -27.08 -8.80
N GLY B 458 7.87 -27.71 -9.76
CA GLY B 458 7.94 -29.17 -9.67
C GLY B 458 6.65 -29.83 -10.12
N ARG B 459 5.87 -29.14 -10.95
CA ARG B 459 4.62 -29.77 -11.40
C ARG B 459 4.33 -29.28 -12.80
N ASP B 460 3.60 -30.06 -13.62
CA ASP B 460 3.33 -29.58 -14.96
C ASP B 460 2.34 -28.42 -14.93
N VAL B 461 2.40 -27.50 -15.90
CA VAL B 461 1.40 -26.44 -15.94
C VAL B 461 0.04 -27.05 -16.28
N SER B 462 -1.03 -26.58 -15.65
CA SER B 462 -2.28 -27.29 -15.73
C SER B 462 -3.44 -26.42 -15.28
N PHE B 463 -4.65 -26.94 -15.47
CA PHE B 463 -5.81 -26.24 -14.96
C PHE B 463 -5.81 -26.20 -13.44
N GLN B 464 -5.22 -27.14 -12.72
CA GLN B 464 -5.05 -26.96 -11.28
C GLN B 464 -4.28 -25.69 -10.95
N MET B 465 -3.26 -25.30 -11.69
CA MET B 465 -2.51 -24.09 -11.51
C MET B 465 -3.42 -22.86 -11.73
N VAL B 466 -4.30 -23.00 -12.72
CA VAL B 466 -5.31 -21.97 -12.96
C VAL B 466 -6.17 -21.74 -11.74
N ILE B 467 -6.67 -22.81 -11.14
CA ILE B 467 -7.48 -22.68 -9.92
C ILE B 467 -6.69 -22.05 -8.79
N ASP B 468 -5.45 -22.52 -8.63
CA ASP B 468 -4.55 -21.98 -7.60
C ASP B 468 -4.38 -20.47 -7.79
N ASP B 469 -4.20 -20.04 -9.02
CA ASP B 469 -4.04 -18.63 -9.36
C ASP B 469 -5.32 -17.83 -9.08
N ILE B 470 -6.48 -18.41 -9.35
CA ILE B 470 -7.77 -17.76 -9.05
C ILE B 470 -7.92 -17.48 -7.56
N PHE B 471 -7.40 -18.34 -6.71
CA PHE B 471 -7.49 -18.16 -5.27
C PHE B 471 -6.32 -17.45 -4.61
N ALA B 472 -5.21 -17.27 -5.30
CA ALA B 472 -3.94 -16.90 -4.69
C ALA B 472 -4.00 -15.60 -3.92
N VAL B 473 -4.55 -14.57 -4.58
CA VAL B 473 -4.55 -13.28 -3.91
C VAL B 473 -5.41 -13.27 -2.66
N GLY B 474 -6.59 -13.90 -2.71
CA GLY B 474 -7.38 -13.98 -1.49
C GLY B 474 -6.69 -14.78 -0.40
N LYS B 475 -5.76 -15.66 -0.79
CA LYS B 475 -5.04 -16.40 0.26
C LYS B 475 -3.69 -15.74 0.54
N GLY B 476 -3.46 -14.52 0.05
CA GLY B 476 -2.29 -13.80 0.49
C GLY B 476 -1.13 -13.62 -0.44
N ARG B 477 -1.18 -14.04 -1.71
CA ARG B 477 -0.03 -13.89 -2.61
C ARG B 477 -0.47 -13.79 -4.07
N LEU B 478 0.43 -13.37 -4.96
CA LEU B 478 0.05 -13.20 -6.35
C LEU B 478 -0.02 -14.54 -7.09
N ILE B 479 0.98 -15.37 -6.90
CA ILE B 479 1.11 -16.60 -7.69
C ILE B 479 0.61 -17.80 -6.89
N GLY B 480 -0.22 -18.65 -7.48
CA GLY B 480 -0.70 -19.85 -6.78
C GLY B 480 0.37 -20.94 -6.76
N ARG B 481 1.35 -20.78 -5.87
CA ARG B 481 2.37 -21.75 -5.58
C ARG B 481 1.80 -22.97 -4.86
N PRO B 482 2.34 -24.16 -5.08
CA PRO B 482 1.90 -25.31 -4.26
C PRO B 482 1.95 -25.06 -2.75
N GLU B 483 0.98 -25.61 -2.06
CA GLU B 483 0.71 -25.68 -0.64
C GLU B 483 -0.75 -25.35 -0.32
N MET C 1 6.37 40.34 22.93
CA MET C 1 6.39 41.73 23.35
C MET C 1 7.49 41.95 24.40
N GLU C 2 8.08 43.13 24.36
CA GLU C 2 9.28 43.54 25.08
C GLU C 2 10.31 42.41 25.04
N LYS C 3 10.40 41.77 23.88
CA LYS C 3 11.08 40.49 23.73
C LYS C 3 10.77 39.59 24.93
N LYS C 4 9.76 38.73 24.82
CA LYS C 4 9.48 37.76 25.87
C LYS C 4 10.42 36.57 25.62
N THR C 5 10.86 35.94 26.69
CA THR C 5 11.82 34.84 26.66
C THR C 5 11.17 33.51 27.04
N ILE C 6 11.53 32.47 26.30
CA ILE C 6 11.14 31.11 26.60
C ILE C 6 12.36 30.19 26.66
N VAL C 7 12.30 29.22 27.56
CA VAL C 7 13.21 28.09 27.54
C VAL C 7 12.51 26.99 26.73
N LEU C 8 13.24 26.42 25.80
CA LEU C 8 12.76 25.38 24.91
C LEU C 8 13.75 24.23 24.98
N GLY C 9 13.22 23.02 25.19
CA GLY C 9 14.05 21.84 25.18
C GLY C 9 13.24 20.57 25.02
N VAL C 10 13.97 19.47 24.96
CA VAL C 10 13.43 18.12 24.95
C VAL C 10 13.93 17.38 26.21
N ILE C 11 12.99 16.89 26.98
CA ILE C 11 13.19 16.41 28.34
C ILE C 11 13.63 14.95 28.41
N GLY C 12 14.39 14.66 29.48
CA GLY C 12 14.69 13.30 29.85
C GLY C 12 15.82 12.69 29.04
N SER C 13 15.61 11.44 28.67
CA SER C 13 16.56 10.69 27.84
C SER C 13 16.20 10.67 26.36
N ASP C 14 15.45 11.68 25.93
CA ASP C 14 14.87 11.87 24.62
C ASP C 14 15.81 12.63 23.70
N CYS C 15 16.11 12.08 22.54
CA CYS C 15 17.07 12.66 21.60
C CYS C 15 16.46 13.27 20.36
N HIS C 16 15.13 13.26 20.24
CA HIS C 16 14.50 13.78 19.02
C HIS C 16 14.77 15.27 18.86
N ALA C 17 15.22 15.69 17.68
CA ALA C 17 15.75 17.03 17.50
C ALA C 17 15.08 17.84 16.40
N VAL C 18 14.35 17.19 15.49
CA VAL C 18 13.80 17.98 14.39
C VAL C 18 12.70 18.93 14.83
N GLY C 19 11.74 18.44 15.64
CA GLY C 19 10.72 19.32 16.15
C GLY C 19 11.30 20.53 16.87
N ASN C 20 12.37 20.28 17.59
CA ASN C 20 13.01 21.32 18.38
C ASN C 20 13.53 22.41 17.44
N LYS C 21 14.20 22.02 16.37
CA LYS C 21 14.72 23.01 15.40
C LYS C 21 13.57 23.84 14.86
N ILE C 22 12.46 23.21 14.51
CA ILE C 22 11.32 23.92 13.95
C ILE C 22 10.59 24.84 14.92
N LEU C 23 10.46 24.37 16.15
CA LEU C 23 9.83 25.13 17.22
C LEU C 23 10.69 26.37 17.48
N ASP C 24 11.99 26.16 17.55
CA ASP C 24 12.93 27.27 17.74
C ASP C 24 12.71 28.31 16.65
N HIS C 25 12.75 27.86 15.41
CA HIS C 25 12.59 28.76 14.26
C HIS C 25 11.25 29.46 14.27
N ALA C 26 10.14 28.76 14.55
CA ALA C 26 8.81 29.35 14.50
C ALA C 26 8.61 30.38 15.62
N PHE C 27 9.00 30.04 16.84
CA PHE C 27 8.84 30.98 17.96
C PHE C 27 9.79 32.15 17.79
N THR C 28 10.96 31.89 17.19
CA THR C 28 11.86 33.02 16.95
C THR C 28 11.22 33.97 15.95
N ASN C 29 10.65 33.37 14.90
CA ASN C 29 10.00 34.17 13.86
C ASN C 29 8.77 34.89 14.39
N ALA C 30 8.11 34.37 15.41
CA ALA C 30 7.00 35.08 16.04
C ALA C 30 7.45 36.17 17.01
N GLY C 31 8.73 36.33 17.25
CA GLY C 31 9.23 37.47 18.01
C GLY C 31 9.71 37.12 19.39
N PHE C 32 9.83 35.83 19.68
CA PHE C 32 10.31 35.46 21.00
C PHE C 32 11.83 35.32 21.02
N ASN C 33 12.33 35.54 22.22
CA ASN C 33 13.68 35.16 22.60
C ASN C 33 13.68 33.70 23.02
N VAL C 34 14.21 32.83 22.16
CA VAL C 34 14.20 31.42 22.45
C VAL C 34 15.52 30.93 23.03
N VAL C 35 15.41 30.48 24.28
CA VAL C 35 16.59 29.92 24.93
C VAL C 35 16.46 28.41 24.80
N ASN C 36 17.19 27.88 23.82
CA ASN C 36 17.05 26.49 23.44
C ASN C 36 18.14 25.63 24.05
N ILE C 37 17.79 24.85 25.04
CA ILE C 37 18.73 23.98 25.73
C ILE C 37 18.88 22.61 25.06
N GLY C 38 18.07 22.37 24.04
CA GLY C 38 18.25 21.23 23.18
C GLY C 38 17.75 19.93 23.78
N VAL C 39 18.23 18.84 23.19
CA VAL C 39 17.72 17.53 23.60
C VAL C 39 18.41 16.95 24.82
N LEU C 40 17.84 15.85 25.28
CA LEU C 40 18.32 15.06 26.40
C LEU C 40 18.47 15.93 27.65
N SER C 41 17.50 16.80 27.87
CA SER C 41 17.61 17.78 28.95
C SER C 41 16.89 17.36 30.22
N PRO C 42 17.58 17.20 31.35
CA PRO C 42 16.88 16.97 32.61
C PRO C 42 16.12 18.23 33.08
N GLN C 43 15.19 18.09 34.00
CA GLN C 43 14.42 19.21 34.55
C GLN C 43 15.27 20.36 35.04
N GLU C 44 16.34 20.01 35.73
CA GLU C 44 17.21 21.07 36.27
C GLU C 44 17.83 21.92 35.19
N ASN C 45 17.90 21.47 33.93
CA ASN C 45 18.49 22.35 32.92
C ASN C 45 17.44 23.33 32.40
N PHE C 46 16.19 22.91 32.46
CA PHE C 46 15.13 23.86 32.10
C PHE C 46 15.09 24.97 33.15
N ILE C 47 15.25 24.58 34.40
CA ILE C 47 15.10 25.54 35.50
C ILE C 47 16.27 26.49 35.58
N LYS C 48 17.49 25.95 35.42
CA LYS C 48 18.66 26.83 35.42
C LYS C 48 18.57 27.88 34.33
N ALA C 49 18.18 27.45 33.12
CA ALA C 49 18.13 28.40 32.02
C ALA C 49 17.04 29.44 32.22
N ALA C 50 15.90 29.00 32.73
CA ALA C 50 14.82 29.93 33.05
C ALA C 50 15.26 30.96 34.09
N ILE C 51 16.09 30.56 35.04
CA ILE C 51 16.59 31.47 36.06
C ILE C 51 17.52 32.51 35.45
N GLU C 52 18.56 32.04 34.78
CA GLU C 52 19.56 32.88 34.16
C GLU C 52 19.00 33.83 33.11
N THR C 53 17.91 33.47 32.45
CA THR C 53 17.46 34.34 31.37
C THR C 53 16.15 35.05 31.73
N LYS C 54 15.69 34.79 32.94
CA LYS C 54 14.44 35.42 33.42
C LYS C 54 13.31 35.16 32.43
N ALA C 55 13.23 33.91 32.01
CA ALA C 55 12.23 33.44 31.07
C ALA C 55 10.80 33.60 31.56
N ASP C 56 9.92 33.86 30.62
CA ASP C 56 8.50 34.04 30.86
C ASP C 56 7.77 32.71 30.79
N ALA C 57 8.40 31.76 30.09
CA ALA C 57 7.74 30.46 29.96
C ALA C 57 8.76 29.37 29.65
N ILE C 58 8.37 28.17 30.05
CA ILE C 58 9.18 26.99 29.75
C ILE C 58 8.37 26.07 28.83
N LEU C 59 8.91 25.78 27.66
CA LEU C 59 8.21 24.90 26.72
C LEU C 59 8.98 23.57 26.69
N VAL C 60 8.34 22.56 27.24
CA VAL C 60 8.85 21.21 27.36
C VAL C 60 8.24 20.39 26.23
N SER C 61 9.13 19.95 25.35
CA SER C 61 8.81 18.99 24.31
C SER C 61 9.20 17.60 24.78
N SER C 62 8.33 16.64 24.49
CA SER C 62 8.59 15.25 24.88
C SER C 62 8.04 14.35 23.76
N LEU C 63 8.93 13.78 22.96
CA LEU C 63 8.46 13.00 21.83
C LEU C 63 8.53 11.49 22.10
N TYR C 64 9.44 11.03 22.95
CA TYR C 64 9.79 9.62 23.02
C TYR C 64 8.87 8.77 23.89
N GLY C 65 7.92 9.37 24.57
CA GLY C 65 6.85 8.67 25.23
C GLY C 65 7.02 8.58 26.74
N GLN C 66 8.24 8.65 27.22
CA GLN C 66 8.49 8.51 28.68
C GLN C 66 8.32 9.84 29.41
N GLY C 67 7.81 10.86 28.72
CA GLY C 67 7.54 12.16 29.30
C GLY C 67 6.58 12.04 30.48
N GLU C 68 5.74 11.01 30.44
CA GLU C 68 4.83 10.84 31.57
C GLU C 68 5.64 10.66 32.86
N ILE C 69 6.75 9.94 32.77
CA ILE C 69 7.61 9.82 33.95
C ILE C 69 8.43 11.09 34.16
N ASP C 70 9.06 11.57 33.09
CA ASP C 70 10.05 12.62 33.17
C ASP C 70 9.51 13.98 33.61
N CYS C 71 8.27 14.25 33.25
CA CYS C 71 7.60 15.51 33.42
C CYS C 71 7.07 15.73 34.83
N LYS C 72 6.90 14.64 35.55
CA LYS C 72 6.39 14.72 36.92
C LYS C 72 7.32 15.60 37.73
N GLY C 73 6.77 16.55 38.49
CA GLY C 73 7.59 17.30 39.39
C GLY C 73 8.23 18.58 38.96
N LEU C 74 8.09 19.00 37.71
CA LEU C 74 8.75 20.20 37.25
C LEU C 74 8.21 21.44 37.98
N ARG C 75 6.88 21.45 38.12
CA ARG C 75 6.21 22.59 38.73
C ARG C 75 6.71 22.82 40.14
N GLN C 76 6.89 21.74 40.91
CA GLN C 76 7.40 21.91 42.27
C GLN C 76 8.84 22.39 42.25
N LYS C 77 9.69 21.86 41.37
CA LYS C 77 11.07 22.36 41.37
C LYS C 77 11.09 23.83 40.97
N CYS C 78 10.14 24.22 40.11
CA CYS C 78 10.11 25.61 39.67
C CYS C 78 9.77 26.56 40.81
N ASP C 79 8.78 26.13 41.58
CA ASP C 79 8.39 26.92 42.75
C ASP C 79 9.55 26.98 43.73
N GLU C 80 10.15 25.84 44.06
CA GLU C 80 11.30 25.80 44.95
C GLU C 80 12.47 26.65 44.44
N ALA C 81 12.48 26.90 43.14
CA ALA C 81 13.55 27.68 42.52
C ALA C 81 13.16 29.15 42.48
N GLY C 82 11.95 29.50 42.92
CA GLY C 82 11.59 30.91 42.83
C GLY C 82 10.95 31.28 41.52
N LEU C 83 10.41 30.29 40.81
CA LEU C 83 9.75 30.56 39.54
C LEU C 83 8.25 30.32 39.67
N GLU C 84 7.67 30.62 40.83
CA GLU C 84 6.22 30.53 40.97
C GLU C 84 5.51 31.29 39.86
N GLY C 85 4.41 30.74 39.34
CA GLY C 85 3.70 31.37 38.26
C GLY C 85 4.29 31.26 36.87
N ILE C 86 5.49 30.70 36.71
CA ILE C 86 6.06 30.65 35.36
C ILE C 86 5.10 29.81 34.50
N LEU C 87 4.96 30.14 33.23
CA LEU C 87 4.13 29.32 32.35
C LEU C 87 4.92 28.05 31.96
N LEU C 88 4.27 26.93 32.09
CA LEU C 88 4.76 25.60 31.75
C LEU C 88 3.90 24.93 30.68
N TYR C 89 4.50 24.76 29.51
CA TYR C 89 3.87 24.08 28.39
C TYR C 89 4.54 22.72 28.14
N VAL C 90 3.71 21.75 27.77
CA VAL C 90 4.24 20.43 27.43
C VAL C 90 3.53 19.92 26.18
N GLY C 91 4.33 19.41 25.24
CA GLY C 91 3.71 18.77 24.08
C GLY C 91 4.68 17.88 23.32
N GLY C 92 4.18 17.35 22.22
CA GLY C 92 4.84 16.34 21.44
C GLY C 92 4.03 15.06 21.33
N ASN C 93 4.64 13.97 21.80
CA ASN C 93 4.08 12.64 21.90
C ASN C 93 4.32 12.18 23.34
N ILE C 94 3.52 12.76 24.24
CA ILE C 94 3.92 12.83 25.63
C ILE C 94 3.62 11.59 26.46
N VAL C 95 2.84 10.66 25.98
CA VAL C 95 2.60 9.38 26.61
C VAL C 95 2.98 8.25 25.65
N VAL C 96 3.15 7.06 26.23
CA VAL C 96 3.44 5.85 25.47
C VAL C 96 2.15 5.35 24.84
N GLY C 97 2.09 5.51 23.51
CA GLY C 97 1.02 4.96 22.72
C GLY C 97 -0.14 5.93 22.52
N LYS C 98 -1.02 5.50 21.66
CA LYS C 98 -2.31 6.09 21.41
C LYS C 98 -3.19 5.96 22.66
N GLN C 99 -3.61 7.11 23.18
CA GLN C 99 -4.49 7.15 24.33
C GLN C 99 -5.61 8.17 24.10
N HIS C 100 -6.64 8.11 24.93
CA HIS C 100 -7.77 9.03 24.87
C HIS C 100 -7.26 10.39 25.34
N TRP C 101 -7.23 11.38 24.47
CA TRP C 101 -6.57 12.63 24.78
C TRP C 101 -7.12 13.36 25.99
N PRO C 102 -8.41 13.49 26.26
CA PRO C 102 -8.80 14.22 27.47
C PRO C 102 -8.23 13.63 28.74
N ASP C 103 -8.05 12.32 28.80
CA ASP C 103 -7.42 11.65 29.93
C ASP C 103 -5.95 12.04 30.08
N VAL C 104 -5.24 12.10 28.96
CA VAL C 104 -3.84 12.50 28.95
C VAL C 104 -3.70 13.97 29.37
N GLU C 105 -4.48 14.85 28.75
CA GLU C 105 -4.43 16.25 29.09
C GLU C 105 -4.56 16.50 30.59
N LYS C 106 -5.55 15.82 31.17
CA LYS C 106 -5.86 15.93 32.58
C LYS C 106 -4.68 15.55 33.45
N ARG C 107 -4.09 14.41 33.13
CA ARG C 107 -2.93 13.85 33.86
C ARG C 107 -1.78 14.83 33.94
N PHE C 108 -1.45 15.51 32.84
CA PHE C 108 -0.36 16.48 32.83
C PHE C 108 -0.76 17.80 33.48
N LYS C 109 -2.00 18.26 33.30
CA LYS C 109 -2.45 19.46 34.02
C LYS C 109 -2.35 19.23 35.53
N ASP C 110 -2.68 18.02 35.95
CA ASP C 110 -2.57 17.59 37.34
C ASP C 110 -1.13 17.69 37.82
N MET C 111 -0.20 17.54 36.87
CA MET C 111 1.22 17.63 37.22
C MET C 111 1.72 19.06 37.41
N GLY C 112 0.83 20.00 37.05
CA GLY C 112 1.08 21.40 37.14
C GLY C 112 1.35 22.09 35.82
N TYR C 113 1.16 21.46 34.67
CA TYR C 113 1.36 22.07 33.36
C TYR C 113 0.19 22.99 33.03
N ASP C 114 0.50 24.20 32.60
CA ASP C 114 -0.54 25.16 32.23
C ASP C 114 -1.24 24.74 30.95
N ARG C 115 -0.46 24.28 29.97
CA ARG C 115 -1.00 23.83 28.69
C ARG C 115 -0.32 22.56 28.22
N VAL C 116 -1.11 21.71 27.61
CA VAL C 116 -0.80 20.33 27.25
C VAL C 116 -1.27 20.05 25.83
N TYR C 117 -0.33 19.65 24.96
CA TYR C 117 -0.60 19.46 23.54
C TYR C 117 -0.42 18.06 22.99
N ALA C 118 -1.35 17.64 22.14
CA ALA C 118 -1.47 16.34 21.52
C ALA C 118 -0.49 16.16 20.36
N PRO C 119 -0.27 14.94 19.89
CA PRO C 119 0.58 14.75 18.71
C PRO C 119 0.11 15.59 17.53
N GLY C 120 1.08 16.09 16.77
CA GLY C 120 0.82 16.82 15.55
C GLY C 120 0.46 18.27 15.75
N THR C 121 0.72 18.80 16.93
CA THR C 121 0.34 20.19 17.17
C THR C 121 1.18 21.17 16.37
N PRO C 122 0.56 22.03 15.58
CA PRO C 122 1.36 23.02 14.83
C PRO C 122 1.93 24.05 15.80
N PRO C 123 3.18 24.48 15.60
CA PRO C 123 3.75 25.50 16.46
C PRO C 123 2.90 26.77 16.57
N GLU C 124 2.17 27.08 15.50
CA GLU C 124 1.37 28.30 15.47
C GLU C 124 0.34 28.32 16.59
N VAL C 125 -0.16 27.14 16.95
CA VAL C 125 -1.12 27.02 18.05
C VAL C 125 -0.50 27.42 19.39
N GLY C 126 0.67 26.86 19.68
CA GLY C 126 1.43 27.20 20.86
C GLY C 126 1.80 28.68 20.84
N ILE C 127 2.14 29.20 19.65
CA ILE C 127 2.50 30.61 19.58
C ILE C 127 1.29 31.46 19.93
N ALA C 128 0.11 31.09 19.44
CA ALA C 128 -1.08 31.90 19.72
C ALA C 128 -1.47 31.78 21.18
N ASP C 129 -1.34 30.58 21.76
CA ASP C 129 -1.68 30.43 23.17
C ASP C 129 -0.72 31.20 24.05
N LEU C 130 0.55 31.22 23.65
CA LEU C 130 1.54 31.87 24.50
C LEU C 130 1.37 33.39 24.45
N LYS C 131 1.01 33.93 23.28
CA LYS C 131 0.84 35.38 23.20
C LYS C 131 -0.39 35.76 24.04
N LYS C 132 -1.40 34.92 24.01
CA LYS C 132 -2.59 35.19 24.81
C LYS C 132 -2.25 35.18 26.29
N ASP C 133 -1.54 34.13 26.70
CA ASP C 133 -1.27 33.92 28.12
C ASP C 133 -0.36 35.00 28.68
N LEU C 134 0.44 35.59 27.80
CA LEU C 134 1.40 36.61 28.25
C LEU C 134 0.86 38.02 27.99
N ASN C 135 -0.36 38.08 27.51
CA ASN C 135 -1.16 39.26 27.28
C ASN C 135 -0.44 40.21 26.32
N ILE C 136 0.03 39.59 25.23
CA ILE C 136 0.77 40.32 24.22
C ILE C 136 0.25 40.04 22.81
N GLU C 137 -0.94 39.49 22.70
CA GLU C 137 -1.59 39.21 21.42
C GLU C 137 -1.44 40.37 20.43
N MET D 1 41.75 3.88 25.94
CA MET D 1 42.34 3.21 24.78
C MET D 1 42.50 4.21 23.65
N GLU D 2 43.52 4.00 22.82
CA GLU D 2 43.65 4.86 21.63
C GLU D 2 42.83 4.25 20.50
N LEU D 3 42.26 5.13 19.70
CA LEU D 3 41.43 4.69 18.59
C LEU D 3 42.28 4.46 17.35
N LYS D 4 42.26 3.22 16.88
CA LYS D 4 42.90 2.83 15.63
C LYS D 4 42.03 1.80 14.93
N ASN D 5 42.02 1.79 13.61
CA ASN D 5 41.20 0.75 12.98
C ASN D 5 41.97 -0.56 12.91
N LYS D 6 42.09 -1.19 14.05
CA LYS D 6 42.87 -2.42 14.16
C LYS D 6 42.14 -3.33 15.13
N LYS D 7 42.05 -4.58 14.74
CA LYS D 7 41.44 -5.59 15.58
C LYS D 7 42.02 -5.61 16.98
N TRP D 8 41.16 -5.55 17.99
CA TRP D 8 41.62 -5.56 19.37
C TRP D 8 42.26 -6.92 19.70
N THR D 9 43.39 -6.93 20.39
CA THR D 9 43.90 -8.28 20.74
C THR D 9 43.00 -8.90 21.80
N ASP D 10 43.13 -10.20 21.94
CA ASP D 10 42.37 -10.98 22.92
C ASP D 10 42.53 -10.38 24.31
N GLU D 11 43.71 -9.88 24.67
CA GLU D 11 43.96 -9.39 26.01
C GLU D 11 43.31 -8.05 26.35
N GLU D 12 43.33 -7.11 25.45
CA GLU D 12 42.78 -5.80 25.27
C GLU D 12 41.26 -6.03 25.46
N PHE D 13 40.74 -6.92 24.63
CA PHE D 13 39.28 -7.15 24.69
C PHE D 13 38.92 -7.68 26.08
N HIS D 14 39.62 -8.70 26.57
CA HIS D 14 39.28 -9.22 27.90
C HIS D 14 39.37 -8.16 28.98
N LYS D 15 40.39 -7.32 28.90
CA LYS D 15 40.55 -6.30 29.93
C LYS D 15 39.32 -5.40 29.91
N GLN D 16 38.85 -5.02 28.73
CA GLN D 16 37.68 -4.15 28.61
C GLN D 16 36.44 -4.88 29.12
N ARG D 17 36.38 -6.17 28.83
CA ARG D 17 35.25 -6.97 29.28
C ARG D 17 35.03 -6.98 30.79
N GLU D 18 36.13 -7.15 31.49
CA GLU D 18 35.99 -7.19 32.97
C GLU D 18 35.48 -5.86 33.50
N GLU D 19 35.78 -4.75 32.83
CA GLU D 19 35.28 -3.45 33.26
C GLU D 19 33.80 -3.32 32.91
N VAL D 20 33.43 -3.70 31.69
CA VAL D 20 32.05 -3.54 31.23
C VAL D 20 31.04 -4.34 32.00
N LEU D 21 31.43 -5.55 32.42
CA LEU D 21 30.45 -6.41 33.07
C LEU D 21 30.06 -5.94 34.47
N GLN D 22 30.83 -5.02 35.01
CA GLN D 22 30.60 -4.46 36.33
C GLN D 22 29.62 -3.30 36.29
N GLN D 23 29.18 -2.90 35.10
CA GLN D 23 28.35 -1.71 35.01
C GLN D 23 26.91 -1.91 35.46
N TRP D 24 26.46 -3.13 35.65
CA TRP D 24 25.17 -3.43 36.26
C TRP D 24 25.24 -4.86 36.81
N PRO D 25 24.63 -5.17 37.94
CA PRO D 25 24.70 -6.55 38.46
C PRO D 25 24.31 -7.66 37.51
N THR D 26 23.47 -7.45 36.48
CA THR D 26 23.20 -8.58 35.59
C THR D 26 24.41 -8.93 34.74
N GLY D 27 25.45 -8.10 34.71
CA GLY D 27 26.70 -8.45 34.07
C GLY D 27 27.26 -9.76 34.59
N LYS D 28 26.93 -10.10 35.84
CA LYS D 28 27.41 -11.33 36.48
C LYS D 28 26.85 -12.55 35.79
N GLU D 29 25.71 -12.43 35.13
CA GLU D 29 25.07 -13.51 34.40
C GLU D 29 25.79 -13.87 33.11
N VAL D 30 26.71 -13.02 32.63
CA VAL D 30 27.34 -13.36 31.37
C VAL D 30 28.56 -14.27 31.58
N ASP D 31 28.49 -15.50 31.09
CA ASP D 31 29.64 -16.40 31.06
C ASP D 31 29.98 -16.80 29.63
N LEU D 32 31.06 -16.33 29.01
CA LEU D 32 31.30 -16.59 27.60
C LEU D 32 31.38 -18.07 27.27
N GLN D 33 31.99 -18.85 28.18
CA GLN D 33 32.12 -20.28 27.87
C GLN D 33 30.72 -20.90 27.79
N GLU D 34 29.89 -20.55 28.76
CA GLU D 34 28.54 -21.08 28.83
C GLU D 34 27.69 -20.56 27.67
N ALA D 35 27.90 -19.28 27.35
CA ALA D 35 27.10 -18.61 26.33
C ALA D 35 27.36 -19.20 24.94
N VAL D 36 28.62 -19.52 24.64
CA VAL D 36 28.94 -20.15 23.39
C VAL D 36 28.15 -21.46 23.19
N ASP D 37 28.08 -22.30 24.21
CA ASP D 37 27.40 -23.59 24.12
C ASP D 37 25.89 -23.39 23.99
N TYR D 38 25.35 -22.43 24.72
CA TYR D 38 23.95 -22.04 24.57
C TYR D 38 23.61 -21.60 23.15
N LEU D 39 24.42 -20.67 22.64
CA LEU D 39 24.27 -20.15 21.29
C LEU D 39 24.34 -21.29 20.28
N LYS D 40 25.24 -22.25 20.45
CA LYS D 40 25.41 -23.30 19.44
C LYS D 40 24.25 -24.27 19.42
N LYS D 41 23.45 -24.26 20.46
CA LYS D 41 22.30 -25.12 20.59
C LYS D 41 21.03 -24.49 20.02
N ILE D 42 21.08 -23.23 19.63
CA ILE D 42 19.90 -22.60 19.02
C ILE D 42 19.70 -23.16 17.63
N PRO D 43 18.48 -23.52 17.26
CA PRO D 43 18.29 -24.07 15.91
C PRO D 43 18.53 -23.00 14.83
N ALA D 44 18.92 -23.49 13.65
CA ALA D 44 19.22 -22.58 12.55
C ALA D 44 18.04 -21.68 12.22
N GLU D 45 16.81 -22.11 12.49
CA GLU D 45 15.63 -21.33 12.21
C GLU D 45 15.56 -20.08 13.08
N LYS D 46 16.30 -20.08 14.17
CA LYS D 46 16.29 -19.01 15.15
C LYS D 46 17.63 -18.28 15.20
N ASN D 47 18.48 -18.56 14.21
CA ASN D 47 19.73 -17.83 14.11
C ASN D 47 19.60 -16.78 13.02
N PHE D 48 19.81 -15.53 13.39
CA PHE D 48 19.55 -14.41 12.48
C PHE D 48 20.48 -14.45 11.29
N ALA D 49 21.76 -14.74 11.56
CA ALA D 49 22.74 -14.72 10.47
C ALA D 49 22.48 -15.81 9.47
N GLU D 50 22.10 -16.98 9.99
CA GLU D 50 21.88 -18.13 9.12
C GLU D 50 20.60 -17.94 8.33
N LYS D 51 19.55 -17.39 8.92
CA LYS D 51 18.34 -17.09 8.18
C LYS D 51 18.52 -16.00 7.12
N LEU D 52 19.37 -15.00 7.35
CA LEU D 52 19.70 -14.04 6.30
C LEU D 52 20.31 -14.69 5.07
N VAL D 53 21.19 -15.66 5.31
CA VAL D 53 21.84 -16.40 4.22
C VAL D 53 20.80 -17.10 3.36
N LEU D 54 19.82 -17.74 4.01
CA LEU D 54 18.71 -18.40 3.36
C LEU D 54 17.84 -17.46 2.54
N ALA D 55 17.54 -16.29 3.10
CA ALA D 55 16.76 -15.29 2.41
C ALA D 55 17.46 -14.79 1.15
N LYS D 56 18.78 -14.63 1.22
CA LYS D 56 19.57 -14.21 0.08
C LYS D 56 19.58 -15.29 -0.98
N LYS D 57 19.74 -16.52 -0.54
CA LYS D 57 19.65 -17.67 -1.45
C LYS D 57 18.29 -17.76 -2.14
N LYS D 58 17.19 -17.46 -1.45
CA LYS D 58 15.85 -17.61 -1.99
C LYS D 58 15.36 -16.40 -2.78
N GLY D 59 16.06 -15.29 -2.73
CA GLY D 59 15.63 -14.10 -3.47
C GLY D 59 14.39 -13.46 -2.86
N ILE D 60 14.19 -13.64 -1.57
CA ILE D 60 13.01 -13.09 -0.93
C ILE D 60 13.34 -11.96 0.05
N THR D 61 12.35 -11.08 0.21
CA THR D 61 12.49 -9.96 1.13
C THR D 61 11.80 -10.42 2.42
N MET D 62 12.49 -10.31 3.54
CA MET D 62 11.91 -10.69 4.82
C MET D 62 11.40 -9.47 5.58
N ALA D 63 10.31 -9.65 6.31
CA ALA D 63 9.70 -8.55 7.06
C ALA D 63 9.98 -8.62 8.55
N GLN D 64 10.36 -7.46 9.09
CA GLN D 64 10.70 -7.37 10.51
C GLN D 64 10.10 -6.11 11.09
N PRO D 65 9.32 -6.23 12.15
CA PRO D 65 8.79 -5.07 12.86
C PRO D 65 9.76 -4.59 13.95
N ARG D 66 9.34 -3.56 14.65
CA ARG D 66 9.92 -2.94 15.83
C ARG D 66 8.95 -3.20 16.97
N ALA D 67 9.47 -3.50 18.16
CA ALA D 67 8.56 -3.86 19.24
C ALA D 67 9.30 -4.05 20.56
N GLY D 68 8.70 -3.51 21.61
CA GLY D 68 9.20 -3.72 22.95
C GLY D 68 8.43 -2.97 23.98
N VAL D 69 8.31 -3.60 25.14
CA VAL D 69 7.63 -3.07 26.30
C VAL D 69 8.41 -3.44 27.57
N ALA D 70 8.04 -2.77 28.66
CA ALA D 70 8.83 -2.83 29.87
C ALA D 70 8.81 -4.21 30.51
N LEU D 71 7.69 -4.89 30.58
CA LEU D 71 7.63 -6.12 31.38
C LEU D 71 7.84 -7.35 30.53
N LEU D 72 8.53 -8.32 31.14
CA LEU D 72 8.99 -9.53 30.48
C LEU D 72 7.83 -10.33 29.90
N ASP D 73 6.80 -10.66 30.69
CA ASP D 73 5.76 -11.52 30.13
C ASP D 73 5.01 -10.81 29.01
N GLU D 74 4.76 -9.54 29.18
CA GLU D 74 4.01 -8.74 28.21
C GLU D 74 4.76 -8.62 26.88
N HIS D 75 6.06 -8.48 27.03
CA HIS D 75 6.98 -8.37 25.91
C HIS D 75 6.96 -9.65 25.08
N ILE D 76 7.06 -10.79 25.76
CA ILE D 76 6.91 -12.08 25.10
C ILE D 76 5.56 -12.25 24.41
N GLU D 77 4.51 -11.80 25.08
CA GLU D 77 3.16 -11.93 24.54
C GLU D 77 3.03 -11.17 23.21
N LEU D 78 3.56 -9.96 23.28
CA LEU D 78 3.64 -9.07 22.12
C LEU D 78 4.47 -9.71 21.01
N LEU D 79 5.69 -10.18 21.29
CA LEU D 79 6.41 -10.82 20.18
C LEU D 79 5.69 -12.03 19.63
N ARG D 80 5.02 -12.79 20.51
CA ARG D 80 4.35 -13.98 20.01
C ARG D 80 3.22 -13.61 19.05
N TYR D 81 2.47 -12.57 19.36
CA TYR D 81 1.45 -12.00 18.51
C TYR D 81 1.98 -11.58 17.15
N LEU D 82 3.15 -10.91 17.16
CA LEU D 82 3.66 -10.39 15.88
C LEU D 82 4.10 -11.55 14.99
N GLN D 83 4.64 -12.55 15.68
CA GLN D 83 5.07 -13.79 15.05
C GLN D 83 3.87 -14.50 14.43
N ASP D 84 2.90 -14.77 15.27
CA ASP D 84 1.77 -15.64 14.95
C ASP D 84 0.70 -14.91 14.17
N GLU D 85 0.16 -13.81 14.71
CA GLU D 85 -0.84 -13.06 13.96
C GLU D 85 -0.21 -12.18 12.90
N GLY D 86 0.98 -11.61 13.08
CA GLY D 86 1.56 -10.73 12.09
C GLY D 86 2.19 -11.45 10.92
N GLY D 87 2.79 -12.63 11.16
CA GLY D 87 3.55 -13.30 10.14
C GLY D 87 4.96 -12.78 9.98
N ALA D 88 5.51 -12.12 10.99
CA ALA D 88 6.89 -11.64 10.94
C ALA D 88 7.89 -12.73 10.57
N ASP D 89 8.91 -12.39 9.81
CA ASP D 89 10.01 -13.25 9.42
C ASP D 89 11.15 -13.20 10.43
N PHE D 90 11.34 -12.05 11.05
CA PHE D 90 12.33 -11.82 12.07
C PHE D 90 11.66 -11.06 13.22
N LEU D 91 12.19 -11.25 14.41
CA LEU D 91 11.72 -10.51 15.57
C LEU D 91 12.79 -9.57 16.10
N PRO D 92 12.30 -8.38 16.45
CA PRO D 92 13.12 -7.41 17.16
C PRO D 92 12.92 -7.60 18.66
N SER D 93 13.76 -6.93 19.43
CA SER D 93 13.40 -6.39 20.72
C SER D 93 13.96 -4.97 20.76
N THR D 94 13.03 -4.00 20.73
CA THR D 94 13.29 -2.59 20.80
C THR D 94 13.54 -2.19 22.25
N ILE D 95 14.74 -1.72 22.50
CA ILE D 95 15.28 -1.35 23.81
C ILE D 95 14.82 0.06 24.18
N ASP D 96 14.42 0.23 25.44
CA ASP D 96 13.92 1.52 25.91
C ASP D 96 15.04 2.56 25.94
N ALA D 97 14.66 3.82 25.97
CA ALA D 97 15.60 4.93 25.85
C ALA D 97 16.44 5.21 27.09
N TYR D 98 16.02 4.74 28.26
CA TYR D 98 16.85 4.90 29.45
C TYR D 98 18.04 3.94 29.34
N THR D 99 17.72 2.70 28.95
CA THR D 99 18.78 1.74 28.68
C THR D 99 19.83 2.30 27.72
N ARG D 100 19.33 2.98 26.68
CA ARG D 100 20.18 3.51 25.64
C ARG D 100 21.09 4.62 26.19
N GLN D 101 20.67 5.20 27.32
CA GLN D 101 21.50 6.22 27.94
C GLN D 101 22.21 5.69 29.18
N ASN D 102 22.16 4.39 29.37
CA ASN D 102 22.85 3.65 30.43
C ASN D 102 22.28 3.98 31.81
N ARG D 103 21.04 4.40 31.86
CA ARG D 103 20.35 4.74 33.11
C ARG D 103 19.47 3.60 33.61
N TYR D 104 20.09 2.55 34.15
CA TYR D 104 19.33 1.35 34.51
C TYR D 104 18.50 1.55 35.77
N ASP D 105 18.88 2.53 36.56
CA ASP D 105 18.07 3.02 37.67
C ASP D 105 16.71 3.49 37.16
N GLU D 106 16.72 4.25 36.06
CA GLU D 106 15.42 4.70 35.55
C GLU D 106 14.65 3.55 34.93
N CYS D 107 15.38 2.63 34.29
CA CYS D 107 14.71 1.42 33.81
C CYS D 107 13.92 0.71 34.91
N GLU D 108 14.58 0.51 36.06
CA GLU D 108 13.93 -0.19 37.18
C GLU D 108 12.68 0.55 37.66
N ASN D 109 12.82 1.85 37.86
CA ASN D 109 11.66 2.66 38.20
C ASN D 109 10.54 2.48 37.19
N GLY D 110 10.88 2.41 35.90
CA GLY D 110 9.79 2.34 34.93
C GLY D 110 9.15 0.98 34.88
N ILE D 111 9.93 -0.03 35.27
CA ILE D 111 9.38 -1.39 35.33
C ILE D 111 8.31 -1.36 36.42
N LYS D 112 8.67 -0.79 37.55
CA LYS D 112 7.75 -0.69 38.69
C LYS D 112 6.48 0.07 38.37
N GLU D 113 6.61 1.20 37.68
CA GLU D 113 5.47 2.03 37.32
C GLU D 113 4.60 1.29 36.32
N SER D 114 5.26 0.59 35.39
CA SER D 114 4.51 -0.19 34.41
C SER D 114 3.70 -1.29 35.10
N GLU D 115 4.28 -1.86 36.15
CA GLU D 115 3.58 -2.96 36.84
C GLU D 115 2.31 -2.42 37.52
N LYS D 116 2.44 -1.23 38.11
CA LYS D 116 1.34 -0.60 38.81
C LYS D 116 0.24 -0.15 37.86
N ALA D 117 0.65 0.42 36.74
CA ALA D 117 -0.23 1.04 35.77
C ALA D 117 -0.92 0.04 34.86
N GLY D 118 -0.36 -1.17 34.77
CA GLY D 118 -0.93 -2.14 33.85
C GLY D 118 -0.68 -1.80 32.39
N ARG D 119 0.32 -0.95 32.14
CA ARG D 119 0.65 -0.65 30.75
C ARG D 119 2.10 -0.19 30.71
N SER D 120 2.76 -0.22 29.55
CA SER D 120 4.17 0.07 29.60
C SER D 120 4.42 1.56 29.69
N LEU D 121 5.16 2.00 30.71
CA LEU D 121 5.54 3.42 30.74
C LEU D 121 6.93 3.62 30.16
N LEU D 122 7.60 2.54 29.79
CA LEU D 122 8.84 2.58 29.05
C LEU D 122 8.53 2.46 27.55
N ASN D 123 9.36 3.07 26.73
CA ASN D 123 9.15 3.00 25.28
C ASN D 123 9.91 1.81 24.69
N GLY D 124 10.25 0.83 25.51
CA GLY D 124 10.92 -0.35 25.00
C GLY D 124 11.23 -1.34 26.12
N PHE D 125 11.99 -2.38 25.83
CA PHE D 125 12.36 -3.51 26.65
C PHE D 125 13.68 -3.25 27.36
N PRO D 126 13.71 -3.12 28.69
CA PRO D 126 14.99 -2.85 29.39
C PRO D 126 15.87 -4.09 29.51
N GLY D 127 16.67 -4.33 28.46
CA GLY D 127 17.37 -5.60 28.35
C GLY D 127 18.43 -5.86 29.39
N VAL D 128 19.13 -4.80 29.78
CA VAL D 128 20.21 -4.95 30.77
C VAL D 128 19.63 -5.33 32.12
N ASN D 129 18.52 -4.66 32.46
CA ASN D 129 17.81 -4.93 33.70
C ASN D 129 17.23 -6.33 33.70
N PHE D 130 16.79 -6.81 32.55
CA PHE D 130 16.18 -8.13 32.55
C PHE D 130 17.22 -9.24 32.53
N GLY D 131 18.41 -8.85 32.14
CA GLY D 131 19.59 -9.67 32.19
C GLY D 131 19.56 -10.80 31.18
N VAL D 132 20.59 -11.65 31.28
CA VAL D 132 20.69 -12.81 30.39
C VAL D 132 19.52 -13.76 30.61
N LYS D 133 19.09 -13.93 31.87
CA LYS D 133 17.97 -14.84 32.11
C LYS D 133 16.68 -14.38 31.49
N GLY D 134 16.40 -13.07 31.51
CA GLY D 134 15.24 -12.56 30.78
C GLY D 134 15.33 -12.64 29.28
N CYS D 135 16.51 -12.28 28.75
CA CYS D 135 16.64 -12.29 27.28
C CYS D 135 16.53 -13.71 26.75
N ARG D 136 16.98 -14.69 27.55
CA ARG D 136 16.82 -16.09 27.18
C ARG D 136 15.36 -16.52 27.23
N LYS D 137 14.61 -16.05 28.24
CA LYS D 137 13.20 -16.36 28.30
C LYS D 137 12.50 -15.90 27.03
N VAL D 138 12.83 -14.68 26.60
CA VAL D 138 12.27 -14.18 25.34
C VAL D 138 12.58 -15.09 24.17
N LEU D 139 13.88 -15.38 23.97
CA LEU D 139 14.25 -16.23 22.85
C LEU D 139 13.57 -17.61 22.88
N GLU D 140 13.45 -18.16 24.07
CA GLU D 140 12.87 -19.48 24.28
C GLU D 140 11.38 -19.47 23.96
N ALA D 141 10.67 -18.38 24.21
CA ALA D 141 9.25 -18.23 23.99
C ALA D 141 8.88 -17.98 22.53
N VAL D 142 9.84 -17.68 21.67
CA VAL D 142 9.49 -17.45 20.25
C VAL D 142 10.13 -18.49 19.34
N ASN D 143 9.79 -18.44 18.06
CA ASN D 143 10.22 -19.42 17.06
C ASN D 143 10.98 -18.81 15.90
N LEU D 144 11.47 -17.59 16.11
CA LEU D 144 12.15 -16.85 15.07
C LEU D 144 13.42 -16.18 15.60
N PRO D 145 14.32 -15.80 14.72
CA PRO D 145 15.55 -15.14 15.23
C PRO D 145 15.20 -13.81 15.88
N LEU D 146 16.02 -13.44 16.85
CA LEU D 146 15.89 -12.20 17.57
C LEU D 146 17.10 -11.26 17.42
N GLN D 147 16.76 -9.99 17.30
CA GLN D 147 17.71 -8.89 17.15
C GLN D 147 17.44 -7.75 18.12
N ALA D 148 18.51 -7.27 18.76
CA ALA D 148 18.43 -6.04 19.51
C ALA D 148 18.43 -4.87 18.52
N ARG D 149 17.38 -4.06 18.59
CA ARG D 149 17.14 -2.83 17.86
C ARG D 149 17.02 -1.71 18.86
N HIS D 150 17.81 -0.64 18.65
CA HIS D 150 17.88 0.37 19.71
C HIS D 150 18.50 1.65 19.22
N GLY D 151 19.55 2.17 19.83
CA GLY D 151 20.13 3.46 19.46
C GLY D 151 20.96 3.97 20.63
N THR D 152 22.07 3.29 20.87
CA THR D 152 22.84 3.36 22.08
C THR D 152 24.30 3.70 21.85
N PRO D 153 24.74 4.89 22.22
CA PRO D 153 26.15 5.22 22.02
C PRO D 153 27.12 4.28 22.75
N ASP D 154 26.83 3.86 23.98
CA ASP D 154 27.68 2.91 24.70
C ASP D 154 26.83 1.65 24.99
N SER D 155 26.97 0.68 24.11
CA SER D 155 26.13 -0.50 24.03
C SER D 155 26.89 -1.75 24.47
N ARG D 156 27.99 -1.59 25.20
CA ARG D 156 28.88 -2.73 25.43
C ARG D 156 28.24 -3.76 26.37
N LEU D 157 27.71 -3.27 27.48
CA LEU D 157 27.01 -4.16 28.38
C LEU D 157 25.76 -4.74 27.75
N LEU D 158 24.93 -3.92 27.11
CA LEU D 158 23.75 -4.44 26.42
C LEU D 158 24.09 -5.57 25.46
N ALA D 159 25.12 -5.35 24.64
CA ALA D 159 25.58 -6.38 23.71
C ALA D 159 26.03 -7.65 24.41
N GLU D 160 26.76 -7.53 25.51
CA GLU D 160 27.19 -8.74 26.23
C GLU D 160 25.97 -9.55 26.68
N ILE D 161 24.98 -8.86 27.23
CA ILE D 161 23.78 -9.52 27.75
C ILE D 161 22.89 -10.09 26.68
N ILE D 162 22.47 -9.30 25.68
CA ILE D 162 21.62 -9.88 24.64
C ILE D 162 22.27 -11.01 23.89
N HIS D 163 23.58 -10.96 23.59
CA HIS D 163 24.15 -12.07 22.85
C HIS D 163 24.24 -13.30 23.75
N ALA D 164 24.60 -13.11 25.02
CA ALA D 164 24.59 -14.29 25.91
C ALA D 164 23.16 -14.77 26.10
N GLY D 165 22.21 -13.87 25.87
CA GLY D 165 20.80 -14.17 25.94
C GLY D 165 20.30 -14.89 24.71
N GLY D 166 21.16 -15.18 23.75
CA GLY D 166 20.75 -15.94 22.59
C GLY D 166 20.23 -15.11 21.42
N TRP D 167 20.35 -13.79 21.51
CA TRP D 167 19.93 -12.88 20.46
C TRP D 167 21.08 -12.80 19.44
N THR D 168 20.82 -13.22 18.20
CA THR D 168 21.84 -13.47 17.20
C THR D 168 22.02 -12.37 16.16
N SER D 169 21.61 -11.16 16.51
CA SER D 169 21.87 -9.94 15.81
C SER D 169 21.83 -8.75 16.78
N ASN D 170 22.66 -7.76 16.52
CA ASN D 170 22.81 -6.50 17.22
C ASN D 170 22.87 -5.41 16.17
N GLU D 171 21.95 -4.46 16.28
CA GLU D 171 21.92 -3.34 15.33
C GLU D 171 22.78 -2.20 15.86
N GLY D 172 23.32 -1.36 14.97
CA GLY D 172 24.04 -0.18 15.40
C GLY D 172 25.44 -0.06 14.87
N GLY D 173 26.08 1.02 15.28
CA GLY D 173 27.45 1.37 14.93
C GLY D 173 27.83 2.67 15.59
N GLY D 174 29.11 2.99 15.51
CA GLY D 174 29.69 4.09 16.26
C GLY D 174 29.35 5.47 15.73
N ILE D 175 28.89 5.58 14.50
CA ILE D 175 28.33 6.80 13.93
C ILE D 175 26.82 6.79 14.06
N SER D 176 26.20 5.69 13.62
CA SER D 176 24.75 5.69 13.46
C SER D 176 24.03 5.56 14.79
N TYR D 177 24.69 5.06 15.84
CA TYR D 177 24.05 5.01 17.15
C TYR D 177 24.70 6.03 18.08
N ASN D 178 25.34 6.99 17.45
CA ASN D 178 25.78 8.20 18.15
C ASN D 178 25.02 9.41 17.62
N VAL D 179 25.38 9.82 16.40
CA VAL D 179 24.92 11.14 15.96
C VAL D 179 23.42 11.32 15.95
N PRO D 180 22.58 10.36 15.60
CA PRO D 180 21.12 10.57 15.72
C PRO D 180 20.54 10.46 17.12
N TYR D 181 21.30 9.99 18.09
CA TYR D 181 20.82 9.49 19.38
C TYR D 181 21.54 10.08 20.60
N ALA D 182 22.39 11.06 20.38
CA ALA D 182 23.24 11.63 21.41
C ALA D 182 23.59 13.09 21.14
N LYS D 183 23.98 13.78 22.21
CA LYS D 183 24.37 15.16 22.15
C LYS D 183 25.85 15.38 22.47
N ASN D 184 26.32 14.69 23.51
CA ASN D 184 27.61 14.99 24.12
C ASN D 184 28.67 13.92 24.00
N VAL D 185 28.43 12.90 23.19
CA VAL D 185 29.37 11.78 23.11
C VAL D 185 30.36 12.00 21.99
N THR D 186 31.68 11.97 22.25
CA THR D 186 32.57 12.21 21.12
C THR D 186 32.42 11.07 20.11
N ILE D 187 32.76 11.35 18.86
CA ILE D 187 32.85 10.33 17.82
C ILE D 187 33.97 9.35 18.15
N GLU D 188 35.10 9.81 18.70
CA GLU D 188 36.11 8.86 19.17
C GLU D 188 35.57 7.79 20.12
N LYS D 189 34.83 8.22 21.15
CA LYS D 189 34.37 7.30 22.17
C LYS D 189 33.27 6.36 21.68
N SER D 190 32.32 6.86 20.89
CA SER D 190 31.33 5.91 20.32
C SER D 190 31.95 4.92 19.35
N LEU D 191 32.90 5.34 18.54
CA LEU D 191 33.63 4.37 17.71
C LEU D 191 34.42 3.38 18.55
N LEU D 192 35.03 3.79 19.66
CA LEU D 192 35.73 2.84 20.52
C LEU D 192 34.77 1.83 21.14
N ASP D 193 33.63 2.33 21.62
CA ASP D 193 32.67 1.46 22.27
C ASP D 193 31.98 0.56 21.24
N TRP D 194 31.87 1.01 19.98
CA TRP D 194 31.28 0.12 18.99
C TRP D 194 32.33 -0.88 18.51
N GLN D 195 33.63 -0.54 18.58
CA GLN D 195 34.62 -1.58 18.30
C GLN D 195 34.43 -2.73 19.28
N TYR D 196 34.12 -2.40 20.54
CA TYR D 196 33.84 -3.46 21.51
C TYR D 196 32.71 -4.33 20.98
N CYS D 197 31.61 -3.75 20.59
CA CYS D 197 30.45 -4.56 20.22
C CYS D 197 30.77 -5.47 19.03
N ASP D 198 31.58 -4.94 18.11
CA ASP D 198 32.01 -5.68 16.95
C ASP D 198 33.03 -6.74 17.34
N ARG D 199 33.94 -6.40 18.25
CA ARG D 199 34.95 -7.36 18.66
C ARG D 199 34.36 -8.57 19.36
N LEU D 200 33.28 -8.33 20.09
CA LEU D 200 32.52 -9.35 20.81
C LEU D 200 31.91 -10.32 19.81
N VAL D 201 31.28 -9.76 18.77
CA VAL D 201 30.84 -10.63 17.65
C VAL D 201 32.02 -11.34 17.03
N GLY D 202 33.18 -10.68 16.89
CA GLY D 202 34.35 -11.33 16.35
C GLY D 202 34.79 -12.58 17.11
N PHE D 203 34.75 -12.43 18.44
CA PHE D 203 35.06 -13.54 19.35
C PHE D 203 34.13 -14.72 19.08
N TYR D 204 32.83 -14.41 19.10
CA TYR D 204 31.84 -15.46 18.88
C TYR D 204 32.06 -16.14 17.53
N GLU D 205 32.29 -15.38 16.46
CA GLU D 205 32.57 -16.02 15.18
C GLU D 205 33.85 -16.84 15.23
N GLU D 206 34.89 -16.42 15.94
CA GLU D 206 36.10 -17.25 16.07
C GLU D 206 35.79 -18.56 16.77
N GLN D 207 34.66 -18.62 17.50
CA GLN D 207 34.30 -19.89 18.11
C GLN D 207 33.29 -20.65 17.25
N GLY D 208 32.92 -20.13 16.09
CA GLY D 208 31.95 -20.81 15.24
C GLY D 208 30.51 -20.44 15.52
N VAL D 209 30.28 -19.37 16.26
CA VAL D 209 28.96 -18.82 16.51
C VAL D 209 28.66 -17.63 15.58
N HIS D 210 27.56 -17.72 14.82
CA HIS D 210 27.33 -16.78 13.73
C HIS D 210 26.35 -15.73 14.24
N ILE D 211 26.80 -14.48 14.17
CA ILE D 211 25.93 -13.42 14.69
C ILE D 211 25.96 -12.23 13.75
N ASN D 212 24.76 -11.83 13.33
CA ASN D 212 24.61 -10.70 12.44
C ASN D 212 24.84 -9.35 13.12
N ARG D 213 25.40 -8.42 12.36
CA ARG D 213 25.45 -7.02 12.75
C ARG D 213 24.83 -6.12 11.68
N GLU D 214 24.11 -5.10 12.16
CA GLU D 214 23.38 -4.22 11.24
C GLU D 214 23.58 -2.74 11.55
N PRO D 215 24.50 -2.09 10.86
CA PRO D 215 24.60 -0.63 10.97
C PRO D 215 23.23 0.00 10.67
N PHE D 216 22.89 1.04 11.43
CA PHE D 216 21.64 1.78 11.29
C PHE D 216 21.65 2.84 10.20
N GLY D 217 21.19 2.48 9.01
CA GLY D 217 21.17 3.28 7.82
C GLY D 217 20.46 4.60 7.85
N PRO D 218 19.18 4.66 8.22
CA PRO D 218 18.43 5.92 8.14
C PRO D 218 18.88 7.08 9.02
N LEU D 219 19.69 6.83 10.06
CA LEU D 219 20.25 7.90 10.89
C LEU D 219 19.15 8.80 11.43
N THR D 220 19.04 10.08 11.06
CA THR D 220 17.99 10.88 11.64
C THR D 220 16.64 10.74 10.95
N GLY D 221 16.56 9.92 9.91
CA GLY D 221 15.39 9.68 9.13
C GLY D 221 14.77 10.90 8.49
N THR D 222 15.54 11.95 8.35
CA THR D 222 15.06 13.24 7.89
C THR D 222 15.87 13.81 6.74
N LEU D 223 15.38 13.54 5.54
CA LEU D 223 15.96 13.92 4.27
C LEU D 223 17.46 13.64 4.25
N VAL D 224 17.89 12.41 4.53
CA VAL D 224 19.34 12.13 4.47
C VAL D 224 19.71 11.77 3.04
N PRO D 225 20.62 12.51 2.43
CA PRO D 225 21.05 12.13 1.07
C PRO D 225 21.56 10.70 1.07
N PRO D 226 21.14 9.86 0.13
CA PRO D 226 21.72 8.53 -0.04
C PRO D 226 23.23 8.47 0.03
N SER D 227 23.98 9.33 -0.65
CA SER D 227 25.44 9.25 -0.57
C SER D 227 26.01 9.45 0.83
N MET D 228 25.49 10.36 1.62
CA MET D 228 25.92 10.50 3.03
C MET D 228 25.55 9.28 3.88
N SER D 229 24.32 8.78 3.77
CA SER D 229 23.89 7.61 4.53
C SER D 229 24.71 6.39 4.13
N ASN D 230 24.92 6.15 2.83
CA ASN D 230 25.73 5.01 2.41
C ASN D 230 27.20 5.11 2.84
N ALA D 231 27.78 6.29 2.78
CA ALA D 231 29.14 6.43 3.31
C ALA D 231 29.20 6.01 4.78
N VAL D 232 28.17 6.30 5.56
CA VAL D 232 28.21 5.89 6.96
C VAL D 232 28.10 4.37 7.07
N GLY D 233 27.16 3.75 6.34
CA GLY D 233 27.04 2.31 6.42
C GLY D 233 28.28 1.55 5.98
N ILE D 234 28.86 2.00 4.87
CA ILE D 234 30.08 1.36 4.37
C ILE D 234 31.21 1.47 5.40
N THR D 235 31.30 2.65 6.01
CA THR D 235 32.31 2.85 7.06
C THR D 235 32.10 1.90 8.24
N GLU D 236 30.85 1.84 8.68
CA GLU D 236 30.54 0.99 9.83
C GLU D 236 30.74 -0.47 9.46
N ALA D 237 30.43 -0.87 8.23
CA ALA D 237 30.74 -2.25 7.82
C ALA D 237 32.22 -2.53 7.81
N LEU D 238 33.02 -1.57 7.30
CA LEU D 238 34.45 -1.78 7.33
C LEU D 238 35.02 -1.85 8.73
N LEU D 239 34.58 -0.98 9.63
CA LEU D 239 35.13 -1.00 10.98
C LEU D 239 34.70 -2.26 11.74
N ALA D 240 33.52 -2.78 11.44
CA ALA D 240 33.07 -4.05 12.02
C ALA D 240 33.91 -5.21 11.53
N ALA D 241 34.11 -5.26 10.21
CA ALA D 241 34.87 -6.36 9.64
C ALA D 241 36.28 -6.44 10.22
N GLU D 242 36.89 -5.26 10.47
CA GLU D 242 38.23 -5.29 11.08
C GLU D 242 38.26 -5.98 12.43
N GLN D 243 37.21 -5.92 13.25
CA GLN D 243 37.12 -6.59 14.55
C GLN D 243 36.67 -8.04 14.39
N GLY D 244 36.45 -8.51 13.15
CA GLY D 244 36.14 -9.90 12.97
C GLY D 244 34.70 -10.25 12.67
N VAL D 245 33.87 -9.26 12.35
CA VAL D 245 32.45 -9.52 12.06
C VAL D 245 32.36 -10.14 10.70
N LYS D 246 31.49 -11.14 10.55
CA LYS D 246 31.46 -11.83 9.27
C LYS D 246 30.11 -11.78 8.56
N ASN D 247 29.06 -11.36 9.26
CA ASN D 247 27.71 -11.28 8.68
C ASN D 247 27.15 -9.90 8.94
N ILE D 248 27.06 -9.09 7.88
CA ILE D 248 26.64 -7.71 8.00
C ILE D 248 25.43 -7.36 7.15
N THR D 249 24.48 -6.66 7.77
CA THR D 249 23.32 -6.14 7.04
C THR D 249 23.46 -4.63 6.93
N VAL D 250 23.73 -4.12 5.72
CA VAL D 250 23.80 -2.67 5.60
C VAL D 250 22.41 -2.14 5.28
N GLY D 251 22.11 -0.95 5.79
CA GLY D 251 20.76 -0.46 5.66
C GLY D 251 20.60 0.89 5.02
N TYR D 252 19.35 1.16 4.60
CA TYR D 252 19.03 2.40 3.93
C TYR D 252 17.58 2.78 4.23
N GLY D 253 17.38 4.04 4.57
CA GLY D 253 16.08 4.58 4.84
C GLY D 253 15.44 5.18 3.60
N GLU D 254 14.19 4.78 3.32
CA GLU D 254 13.51 5.30 2.14
C GLU D 254 13.49 6.83 2.09
N CYS D 255 13.79 7.38 0.91
CA CYS D 255 13.66 8.80 0.66
C CYS D 255 12.37 9.11 -0.10
N GLY D 256 11.86 8.15 -0.86
CA GLY D 256 10.56 8.28 -1.49
C GLY D 256 10.56 8.20 -2.99
N ASN D 257 11.62 8.63 -3.68
CA ASN D 257 11.66 8.44 -5.11
C ASN D 257 12.15 7.03 -5.41
N MET D 258 11.31 6.23 -6.06
CA MET D 258 11.63 4.83 -6.26
C MET D 258 12.98 4.57 -6.92
N ILE D 259 13.31 5.26 -8.00
CA ILE D 259 14.59 5.06 -8.67
C ILE D 259 15.72 5.52 -7.77
N GLN D 260 15.60 6.69 -7.14
CA GLN D 260 16.66 7.08 -6.20
C GLN D 260 16.85 6.02 -5.10
N ASP D 261 15.78 5.49 -4.57
CA ASP D 261 15.82 4.54 -3.47
C ASP D 261 16.47 3.21 -3.87
N ILE D 262 16.08 2.74 -5.06
CA ILE D 262 16.63 1.46 -5.54
C ILE D 262 18.09 1.62 -5.92
N ALA D 263 18.43 2.76 -6.52
CA ALA D 263 19.80 3.11 -6.77
C ALA D 263 20.64 3.17 -5.49
N ALA D 264 20.13 3.80 -4.45
CA ALA D 264 20.80 3.88 -3.16
C ALA D 264 21.08 2.54 -2.52
N LEU D 265 20.04 1.70 -2.53
CA LEU D 265 20.22 0.36 -1.95
C LEU D 265 21.17 -0.47 -2.77
N ARG D 266 21.08 -0.40 -4.10
CA ARG D 266 22.03 -1.20 -4.88
C ARG D 266 23.46 -0.70 -4.74
N CYS D 267 23.63 0.62 -4.71
CA CYS D 267 24.96 1.21 -4.59
C CYS D 267 25.59 0.84 -3.24
N LEU D 268 24.71 0.89 -2.24
CA LEU D 268 25.08 0.54 -0.88
C LEU D 268 25.61 -0.90 -0.90
N GLU D 269 24.86 -1.83 -1.48
CA GLU D 269 25.30 -3.23 -1.42
C GLU D 269 26.58 -3.42 -2.22
N GLU D 270 26.59 -2.78 -3.40
CA GLU D 270 27.76 -3.00 -4.26
C GLU D 270 29.02 -2.36 -3.72
N GLN D 271 28.93 -1.13 -3.23
CA GLN D 271 30.15 -0.47 -2.77
C GLN D 271 30.61 -1.06 -1.44
N THR D 272 29.63 -1.48 -0.64
CA THR D 272 30.05 -2.17 0.59
C THR D 272 30.87 -3.43 0.30
N ASN D 273 30.38 -4.27 -0.59
CA ASN D 273 31.12 -5.46 -1.02
C ASN D 273 32.45 -5.07 -1.65
N GLU D 274 32.47 -4.06 -2.52
CA GLU D 274 33.68 -3.59 -3.17
C GLU D 274 34.76 -3.14 -2.17
N TYR D 275 34.37 -2.36 -1.19
CA TYR D 275 35.25 -1.82 -0.17
C TYR D 275 35.76 -2.92 0.74
N LEU D 276 34.86 -3.81 1.17
CA LEU D 276 35.32 -4.92 2.02
C LEU D 276 36.42 -5.73 1.36
N LYS D 277 36.16 -6.09 0.10
CA LYS D 277 37.13 -6.85 -0.66
C LYS D 277 38.38 -6.05 -0.95
N ALA D 278 38.24 -4.75 -1.21
CA ALA D 278 39.45 -3.95 -1.47
C ALA D 278 40.36 -3.88 -0.25
N TYR D 279 39.79 -4.01 0.94
CA TYR D 279 40.59 -3.87 2.16
C TYR D 279 40.96 -5.22 2.73
N GLY D 280 40.66 -6.26 1.99
CA GLY D 280 41.06 -7.62 2.27
C GLY D 280 40.09 -8.43 3.09
N TYR D 281 38.86 -7.95 3.24
CA TYR D 281 37.90 -8.71 4.03
C TYR D 281 37.09 -9.56 3.05
N ASN D 282 37.48 -10.83 2.91
CA ASN D 282 37.03 -11.62 1.79
C ASN D 282 35.99 -12.70 2.12
N ASP D 283 35.61 -12.77 3.38
CA ASP D 283 34.67 -13.78 3.87
C ASP D 283 33.47 -13.17 4.59
N VAL D 284 33.04 -12.00 4.15
CA VAL D 284 31.97 -11.28 4.82
C VAL D 284 30.68 -11.46 4.02
N PHE D 285 29.63 -11.84 4.74
CA PHE D 285 28.37 -12.07 4.04
C PHE D 285 27.48 -10.85 4.23
N VAL D 286 27.22 -10.18 3.12
CA VAL D 286 26.52 -8.91 3.12
C VAL D 286 25.06 -9.05 2.63
N THR D 287 24.16 -8.52 3.41
CA THR D 287 22.73 -8.39 3.16
C THR D 287 22.38 -6.91 3.30
N THR D 288 21.17 -6.56 2.90
CA THR D 288 20.58 -5.26 2.88
C THR D 288 19.24 -5.22 3.60
N VAL D 289 19.04 -4.07 4.23
CA VAL D 289 17.76 -3.77 4.91
C VAL D 289 17.27 -2.41 4.42
N PHE D 290 16.01 -2.39 3.99
CA PHE D 290 15.31 -1.19 3.59
C PHE D 290 14.29 -0.81 4.66
N HIS D 291 14.40 0.41 5.20
CA HIS D 291 13.44 0.89 6.19
C HIS D 291 12.35 1.74 5.52
N GLN D 292 11.11 1.37 5.78
CA GLN D 292 10.00 2.17 5.31
C GLN D 292 10.11 3.56 5.93
N TRP D 293 9.59 4.53 5.25
CA TRP D 293 9.60 5.95 5.56
C TRP D 293 9.76 6.24 7.06
N MET D 294 10.92 6.72 7.42
CA MET D 294 11.35 7.06 8.74
C MET D 294 11.13 8.51 9.12
N GLY D 295 10.49 9.31 8.28
CA GLY D 295 10.11 10.65 8.71
C GLY D 295 8.68 10.66 9.23
N GLY D 296 8.13 11.87 9.37
CA GLY D 296 6.81 12.03 9.95
C GLY D 296 5.73 11.36 9.14
N PHE D 297 4.88 10.57 9.78
CA PHE D 297 3.73 9.98 9.12
C PHE D 297 2.45 10.80 9.22
N PRO D 298 1.55 10.54 8.26
CA PRO D 298 0.18 11.04 8.35
C PRO D 298 -0.52 10.36 9.52
N GLN D 299 -1.38 11.09 10.21
CA GLN D 299 -2.15 10.52 11.32
C GLN D 299 -3.27 9.60 10.85
N ASP D 300 -3.84 9.86 9.68
CA ASP D 300 -4.89 8.99 9.15
C ASP D 300 -4.38 7.60 8.84
N GLU D 301 -5.01 6.59 9.43
CA GLU D 301 -4.50 5.23 9.30
C GLU D 301 -4.52 4.72 7.88
N SER D 302 -5.44 5.16 7.03
CA SER D 302 -5.50 4.68 5.66
C SER D 302 -4.34 5.25 4.86
N LYS D 303 -4.09 6.55 5.03
CA LYS D 303 -2.92 7.21 4.48
C LYS D 303 -1.65 6.54 5.00
N ALA D 304 -1.62 6.13 6.27
CA ALA D 304 -0.40 5.43 6.72
C ALA D 304 -0.11 4.17 5.95
N PHE D 305 -1.16 3.43 5.60
CA PHE D 305 -1.02 2.26 4.77
C PHE D 305 -0.50 2.66 3.40
N GLY D 306 -0.97 3.79 2.88
CA GLY D 306 -0.41 4.22 1.59
C GLY D 306 1.11 4.35 1.66
N VAL D 307 1.59 4.80 2.83
CA VAL D 307 3.06 4.97 3.00
C VAL D 307 3.71 3.62 3.19
N ILE D 308 3.13 2.80 4.08
CA ILE D 308 3.72 1.49 4.36
C ILE D 308 3.88 0.64 3.12
N VAL D 309 2.83 0.60 2.29
CA VAL D 309 2.89 -0.32 1.14
C VAL D 309 3.62 0.24 -0.04
N THR D 310 3.61 1.57 -0.26
CA THR D 310 4.45 2.03 -1.36
C THR D 310 5.91 1.81 -0.96
N ALA D 311 6.22 2.03 0.31
CA ALA D 311 7.59 1.78 0.77
C ALA D 311 8.02 0.33 0.55
N THR D 312 7.11 -0.56 0.87
CA THR D 312 7.37 -2.00 0.72
C THR D 312 7.60 -2.35 -0.74
N THR D 313 6.80 -1.75 -1.62
CA THR D 313 6.96 -2.02 -3.06
C THR D 313 8.35 -1.66 -3.55
N ILE D 314 8.86 -0.54 -3.04
CA ILE D 314 10.21 -0.07 -3.37
C ILE D 314 11.25 -1.08 -2.89
N ALA D 315 11.12 -1.49 -1.63
CA ALA D 315 11.95 -2.49 -1.03
C ALA D 315 11.96 -3.79 -1.84
N ALA D 316 10.77 -4.23 -2.19
CA ALA D 316 10.56 -5.45 -2.94
C ALA D 316 11.34 -5.33 -4.25
N LEU D 317 11.12 -4.24 -4.98
CA LEU D 317 11.70 -4.08 -6.31
C LEU D 317 13.20 -3.81 -6.23
N ALA D 318 13.67 -3.30 -5.08
CA ALA D 318 15.09 -3.09 -4.86
C ALA D 318 15.85 -4.39 -4.65
N GLY D 319 15.15 -5.45 -4.25
CA GLY D 319 15.76 -6.70 -3.92
C GLY D 319 16.36 -6.71 -2.51
N ALA D 320 15.75 -5.96 -1.61
CA ALA D 320 16.14 -5.86 -0.21
C ALA D 320 16.05 -7.20 0.47
N THR D 321 17.01 -7.51 1.34
CA THR D 321 16.96 -8.80 2.03
C THR D 321 15.90 -8.74 3.11
N LYS D 322 15.79 -7.54 3.68
CA LYS D 322 14.90 -7.29 4.78
C LYS D 322 14.22 -5.94 4.64
N VAL D 323 13.01 -5.81 5.15
CA VAL D 323 12.29 -4.54 5.20
C VAL D 323 11.75 -4.35 6.62
N ILE D 324 11.93 -3.16 7.20
CA ILE D 324 11.44 -2.84 8.54
C ILE D 324 10.07 -2.19 8.45
N VAL D 325 9.09 -2.79 9.11
CA VAL D 325 7.70 -2.40 9.07
C VAL D 325 7.34 -1.25 10.02
N LYS D 326 6.70 -0.24 9.47
CA LYS D 326 6.02 0.85 10.14
C LYS D 326 4.56 0.49 10.37
N THR D 327 3.88 1.25 11.23
CA THR D 327 2.50 0.93 11.58
C THR D 327 1.59 2.14 11.39
N PRO D 328 0.30 1.89 11.23
CA PRO D 328 -0.70 2.98 11.22
C PRO D 328 -0.71 3.88 12.44
N HIS D 329 -0.18 3.55 13.59
CA HIS D 329 -0.01 4.38 14.78
C HIS D 329 1.24 5.23 14.81
N GLU D 330 2.05 5.20 13.76
CA GLU D 330 3.34 5.86 13.80
C GLU D 330 3.31 7.33 14.15
N ALA D 331 2.34 8.07 13.63
CA ALA D 331 2.26 9.50 13.95
C ALA D 331 1.94 9.73 15.42
N ILE D 332 1.39 8.74 16.12
CA ILE D 332 0.81 8.99 17.43
C ILE D 332 1.58 8.42 18.60
N GLY D 333 1.89 7.13 18.59
CA GLY D 333 2.60 6.51 19.67
C GLY D 333 2.93 5.05 19.40
N ILE D 334 3.66 4.45 20.35
CA ILE D 334 4.11 3.08 20.17
C ILE D 334 2.91 2.21 19.84
N PRO D 335 3.00 1.45 18.74
CA PRO D 335 1.84 0.69 18.28
C PRO D 335 1.37 -0.37 19.28
N THR D 336 0.05 -0.57 19.31
CA THR D 336 -0.54 -1.70 20.03
C THR D 336 -0.14 -2.95 19.26
N LYS D 337 -0.20 -4.13 19.84
CA LYS D 337 0.11 -5.34 19.07
C LYS D 337 -0.73 -5.45 17.80
N GLU D 338 -2.00 -5.00 17.87
CA GLU D 338 -2.87 -5.07 16.71
C GLU D 338 -2.46 -4.25 15.51
N ALA D 339 -2.07 -3.04 15.65
CA ALA D 339 -1.64 -1.98 14.77
C ALA D 339 -0.32 -2.43 14.15
N ASN D 340 0.49 -3.04 15.03
CA ASN D 340 1.77 -3.60 14.57
C ASN D 340 1.51 -4.76 13.60
N ALA D 341 0.70 -5.73 14.00
CA ALA D 341 0.45 -6.83 13.06
C ALA D 341 -0.23 -6.38 11.79
N ALA D 342 -1.03 -5.30 11.82
CA ALA D 342 -1.63 -4.74 10.61
C ALA D 342 -0.53 -4.24 9.66
N GLY D 343 0.42 -3.49 10.20
CA GLY D 343 1.60 -3.11 9.45
C GLY D 343 2.30 -4.30 8.84
N ILE D 344 2.54 -5.35 9.62
CA ILE D 344 3.26 -6.50 9.07
C ILE D 344 2.45 -7.21 7.99
N LYS D 345 1.16 -7.36 8.22
CA LYS D 345 0.27 -8.08 7.29
C LYS D 345 0.21 -7.33 5.97
N ALA D 346 0.13 -6.00 6.05
CA ALA D 346 0.05 -5.18 4.84
C ALA D 346 1.35 -5.28 4.07
N THR D 347 2.45 -5.22 4.84
CA THR D 347 3.78 -5.37 4.26
C THR D 347 4.01 -6.69 3.57
N LYS D 348 3.76 -7.79 4.29
CA LYS D 348 3.98 -9.11 3.72
C LYS D 348 3.08 -9.35 2.53
N MET D 349 1.85 -8.81 2.58
CA MET D 349 0.97 -8.98 1.42
C MET D 349 1.53 -8.28 0.19
N ALA D 350 2.10 -7.09 0.38
CA ALA D 350 2.75 -6.41 -0.75
C ALA D 350 3.91 -7.21 -1.29
N LEU D 351 4.75 -7.71 -0.39
CA LEU D 351 5.88 -8.55 -0.81
C LEU D 351 5.37 -9.75 -1.60
N ASN D 352 4.30 -10.39 -1.11
CA ASN D 352 3.84 -11.61 -1.77
C ASN D 352 3.17 -11.31 -3.09
N MET D 353 2.62 -10.11 -3.24
CA MET D 353 2.04 -9.67 -4.50
C MET D 353 3.14 -9.31 -5.51
N LEU D 354 4.39 -9.27 -5.09
CA LEU D 354 5.50 -8.85 -5.93
C LEU D 354 6.60 -9.89 -6.04
N GLU D 355 6.29 -11.13 -5.69
CA GLU D 355 7.28 -12.20 -5.59
C GLU D 355 8.13 -12.31 -6.86
N GLY D 356 9.43 -12.26 -6.70
CA GLY D 356 10.51 -12.33 -7.65
C GLY D 356 10.68 -11.16 -8.58
N GLN D 357 9.80 -10.17 -8.44
CA GLN D 357 9.88 -8.97 -9.26
C GLN D 357 10.96 -8.01 -8.80
N ARG D 358 11.71 -7.51 -9.76
CA ARG D 358 12.79 -6.56 -9.57
C ARG D 358 12.68 -5.41 -10.56
N MET D 359 13.17 -4.25 -10.10
CA MET D 359 13.27 -3.12 -11.00
C MET D 359 14.36 -3.39 -12.03
N PRO D 360 14.02 -3.41 -13.31
CA PRO D 360 15.00 -3.66 -14.36
C PRO D 360 15.89 -2.43 -14.56
N MET D 361 17.06 -2.67 -15.14
CA MET D 361 17.99 -1.58 -15.38
C MET D 361 17.40 -0.66 -16.45
N SER D 362 17.67 0.62 -16.21
CA SER D 362 17.31 1.68 -17.11
C SER D 362 18.42 2.75 -17.11
N LYS D 363 18.37 3.58 -18.15
CA LYS D 363 19.35 4.68 -18.16
C LYS D 363 19.15 5.56 -16.94
N GLU D 364 17.90 5.83 -16.64
CA GLU D 364 17.59 6.63 -15.45
C GLU D 364 18.26 6.05 -14.20
N LEU D 365 18.11 4.76 -13.98
CA LEU D 365 18.70 4.08 -12.83
C LEU D 365 20.23 4.13 -12.90
N GLU D 366 20.77 3.81 -14.07
CA GLU D 366 22.22 3.80 -14.27
C GLU D 366 22.86 5.13 -13.87
N THR D 367 22.21 6.21 -14.28
CA THR D 367 22.63 7.59 -14.06
C THR D 367 22.65 7.91 -12.59
N GLU D 368 21.53 7.61 -11.94
CA GLU D 368 21.41 7.82 -10.52
C GLU D 368 22.43 6.98 -9.76
N MET D 369 22.64 5.70 -10.10
CA MET D 369 23.65 4.94 -9.38
C MET D 369 25.03 5.51 -9.53
N ALA D 370 25.32 6.00 -10.73
CA ALA D 370 26.64 6.58 -10.95
C ALA D 370 26.80 7.85 -10.09
N VAL D 371 25.74 8.66 -9.95
CA VAL D 371 25.83 9.84 -9.10
C VAL D 371 26.12 9.49 -7.65
N ILE D 372 25.29 8.62 -7.11
CA ILE D 372 25.45 8.15 -5.74
C ILE D 372 26.80 7.51 -5.48
N LYS D 373 27.31 6.62 -6.34
CA LYS D 373 28.65 6.08 -6.04
C LYS D 373 29.71 7.18 -6.07
N ALA D 374 29.66 8.13 -7.03
CA ALA D 374 30.69 9.16 -7.09
C ALA D 374 30.70 10.06 -5.86
N GLU D 375 29.52 10.49 -5.44
CA GLU D 375 29.30 11.27 -4.22
C GLU D 375 29.86 10.57 -3.00
N THR D 376 29.46 9.30 -2.86
CA THR D 376 29.89 8.47 -1.75
C THR D 376 31.42 8.33 -1.73
N LYS D 377 32.00 8.13 -2.92
CA LYS D 377 33.44 7.94 -3.06
C LYS D 377 34.21 9.22 -2.71
N CYS D 378 33.68 10.38 -3.02
CA CYS D 378 34.26 11.64 -2.59
C CYS D 378 34.44 11.71 -1.08
N ILE D 379 33.37 11.30 -0.40
CA ILE D 379 33.36 11.34 1.06
C ILE D 379 34.34 10.36 1.66
N LEU D 380 34.20 9.12 1.24
CA LEU D 380 35.08 8.06 1.70
C LEU D 380 36.55 8.34 1.37
N ASP D 381 36.83 8.84 0.20
CA ASP D 381 38.21 9.15 -0.19
C ASP D 381 38.80 10.16 0.80
N LYS D 382 38.01 11.18 1.11
CA LYS D 382 38.45 12.24 2.00
C LYS D 382 38.70 11.69 3.41
N MET D 383 37.82 10.79 3.83
CA MET D 383 37.96 10.21 5.15
C MET D 383 39.28 9.44 5.25
N PHE D 384 39.58 8.64 4.23
CA PHE D 384 40.83 7.87 4.26
C PHE D 384 42.03 8.80 4.23
N GLU D 385 41.95 9.88 3.45
CA GLU D 385 43.05 10.85 3.43
C GLU D 385 43.26 11.51 4.78
N LEU D 386 42.19 12.00 5.39
CA LEU D 386 42.31 12.62 6.70
C LEU D 386 42.86 11.67 7.76
N GLY D 387 42.54 10.39 7.72
CA GLY D 387 43.00 9.40 8.67
C GLY D 387 44.36 8.81 8.32
N LYS D 388 44.92 9.33 7.24
CA LYS D 388 46.16 8.79 6.73
C LYS D 388 46.12 7.27 6.58
N GLY D 389 45.08 6.78 5.92
CA GLY D 389 44.81 5.37 5.70
C GLY D 389 43.95 4.72 6.76
N ASP D 390 43.79 5.34 7.92
CA ASP D 390 42.99 4.78 9.00
C ASP D 390 41.57 5.33 9.03
N LEU D 391 40.62 4.44 8.71
CA LEU D 391 39.25 4.92 8.55
C LEU D 391 38.63 5.35 9.87
N ALA D 392 39.06 4.77 10.98
CA ALA D 392 38.48 5.22 12.26
C ALA D 392 38.93 6.64 12.62
N ILE D 393 40.23 6.89 12.53
CA ILE D 393 40.71 8.28 12.73
C ILE D 393 40.12 9.23 11.71
N GLY D 394 39.94 8.79 10.47
CA GLY D 394 39.41 9.59 9.37
C GLY D 394 37.98 10.03 9.63
N THR D 395 37.21 9.18 10.28
CA THR D 395 35.84 9.44 10.68
C THR D 395 35.81 10.53 11.74
N VAL D 396 36.67 10.41 12.75
CA VAL D 396 36.75 11.46 13.78
C VAL D 396 36.98 12.83 13.16
N LYS D 397 37.98 12.94 12.31
CA LYS D 397 38.40 14.13 11.61
C LYS D 397 37.37 14.57 10.59
N ALA D 398 36.74 13.62 9.89
CA ALA D 398 35.67 14.00 8.97
C ALA D 398 34.54 14.73 9.69
N PHE D 399 34.18 14.29 10.89
CA PHE D 399 33.13 14.95 11.65
C PHE D 399 33.60 16.33 12.15
N GLU D 400 34.84 16.38 12.58
CA GLU D 400 35.45 17.63 13.06
C GLU D 400 35.44 18.67 11.94
N THR D 401 35.58 18.23 10.70
CA THR D 401 35.71 19.20 9.61
C THR D 401 34.48 19.26 8.70
N GLY D 402 33.35 18.64 9.08
CA GLY D 402 32.20 18.79 8.18
C GLY D 402 32.23 17.99 6.92
N VAL D 403 33.22 17.11 6.77
CA VAL D 403 33.26 16.22 5.60
C VAL D 403 32.14 15.18 5.64
N MET D 404 31.88 14.62 6.82
CA MET D 404 30.70 13.80 7.08
C MET D 404 29.82 14.67 7.98
N ASP D 405 28.56 14.80 7.63
CA ASP D 405 27.66 15.76 8.26
C ASP D 405 26.22 15.28 8.07
N ILE D 406 25.58 14.87 9.18
CA ILE D 406 24.27 14.26 9.16
C ILE D 406 23.14 15.25 9.43
N PRO D 407 22.21 15.45 8.49
CA PRO D 407 21.13 16.43 8.70
C PRO D 407 20.36 16.21 9.99
N PHE D 408 20.24 17.31 10.76
CA PHE D 408 19.49 17.46 11.97
C PHE D 408 20.01 16.58 13.10
N GLY D 409 21.26 16.10 13.04
CA GLY D 409 21.70 15.28 14.18
C GLY D 409 21.86 16.10 15.45
N PRO D 410 21.40 15.64 16.60
CA PRO D 410 21.61 16.39 17.85
C PRO D 410 23.06 16.43 18.33
N SER D 411 23.94 15.58 17.82
CA SER D 411 25.29 15.52 18.35
C SER D 411 26.03 16.84 18.14
N LYS D 412 26.63 17.31 19.22
CA LYS D 412 27.41 18.55 19.13
C LYS D 412 28.68 18.32 18.33
N TYR D 413 29.02 17.08 17.98
CA TYR D 413 30.15 16.77 17.11
C TYR D 413 29.80 16.74 15.63
N ASN D 414 28.53 16.89 15.28
CA ASN D 414 28.02 17.00 13.92
C ASN D 414 28.02 18.45 13.51
N ALA D 415 28.55 18.79 12.34
CA ALA D 415 28.65 20.21 11.95
C ALA D 415 27.34 20.94 11.78
N GLY D 416 26.33 20.24 11.28
CA GLY D 416 25.02 20.77 11.04
C GLY D 416 25.04 21.82 9.94
N LYS D 417 26.01 21.75 9.03
CA LYS D 417 26.15 22.74 7.98
C LYS D 417 25.45 22.32 6.69
N MET D 418 25.64 21.08 6.29
CA MET D 418 25.00 20.55 5.10
C MET D 418 23.48 20.58 5.28
N MET D 419 22.79 20.99 4.22
CA MET D 419 21.34 21.10 4.14
C MET D 419 20.81 20.32 2.94
N PRO D 420 19.93 19.36 3.21
CA PRO D 420 19.27 18.61 2.14
C PRO D 420 17.94 19.23 1.76
N VAL D 421 17.51 18.94 0.54
CA VAL D 421 16.15 19.36 0.18
C VAL D 421 15.71 18.48 -0.99
N ARG D 422 14.44 18.29 -1.28
CA ARG D 422 14.07 17.50 -2.44
C ARG D 422 14.08 18.25 -3.76
N ASP D 423 14.34 17.50 -4.83
CA ASP D 423 14.29 18.09 -6.18
C ASP D 423 12.86 17.94 -6.72
N ASN D 424 12.59 18.23 -8.00
CA ASN D 424 11.25 18.31 -8.51
C ASN D 424 10.59 16.93 -8.71
N LEU D 425 11.37 15.87 -8.74
CA LEU D 425 10.85 14.50 -8.74
C LEU D 425 10.88 13.85 -7.35
N GLY D 426 11.23 14.62 -6.33
CA GLY D 426 11.19 14.14 -4.97
C GLY D 426 12.49 13.49 -4.53
N CYS D 427 13.53 13.49 -5.37
CA CYS D 427 14.79 12.93 -4.91
C CYS D 427 15.47 13.86 -3.93
N VAL D 428 16.01 13.31 -2.84
CA VAL D 428 16.78 14.11 -1.89
C VAL D 428 18.15 14.49 -2.49
N ARG D 429 18.46 15.76 -2.43
CA ARG D 429 19.63 16.42 -2.96
C ARG D 429 20.24 17.30 -1.89
N TYR D 430 21.41 17.81 -2.27
CA TYR D 430 22.18 18.71 -1.42
C TYR D 430 21.83 20.16 -1.76
N LEU D 431 21.25 20.90 -0.81
CA LEU D 431 20.90 22.31 -1.03
C LEU D 431 22.11 23.18 -0.69
N GLU D 432 22.64 22.97 0.51
CA GLU D 432 23.85 23.61 0.98
C GLU D 432 24.89 22.54 1.22
N PHE D 433 26.11 22.70 0.72
CA PHE D 433 27.08 21.60 0.75
C PHE D 433 27.91 21.60 2.00
N GLY D 434 27.98 22.72 2.72
CA GLY D 434 28.84 22.74 3.89
C GLY D 434 30.25 22.39 3.43
N ASN D 435 30.88 21.49 4.18
CA ASN D 435 32.24 21.06 3.89
C ASN D 435 32.27 19.66 3.28
N VAL D 436 31.10 19.20 2.79
CA VAL D 436 31.11 17.88 2.13
C VAL D 436 31.94 18.00 0.87
N PRO D 437 32.97 17.18 0.71
CA PRO D 437 34.01 17.38 -0.31
C PRO D 437 33.72 16.91 -1.74
N PHE D 438 32.72 17.51 -2.35
CA PHE D 438 32.31 17.22 -3.72
C PHE D 438 33.06 18.08 -4.72
N THR D 439 33.16 17.50 -5.91
CA THR D 439 33.71 18.19 -7.07
C THR D 439 32.66 19.18 -7.57
N GLU D 440 33.09 20.09 -8.45
CA GLU D 440 32.15 21.04 -9.02
C GLU D 440 31.08 20.32 -9.83
N GLU D 441 31.44 19.23 -10.48
CA GLU D 441 30.46 18.57 -11.34
C GLU D 441 29.27 18.00 -10.57
N ILE D 442 29.47 17.33 -9.47
CA ILE D 442 28.62 16.76 -8.46
C ILE D 442 27.81 17.89 -7.86
N LYS D 443 28.47 18.96 -7.40
CA LYS D 443 27.70 20.08 -6.87
C LYS D 443 26.78 20.64 -7.94
N ASN D 444 27.30 20.83 -9.15
CA ASN D 444 26.42 21.43 -10.18
C ASN D 444 25.24 20.54 -10.57
N TYR D 445 25.37 19.22 -10.50
CA TYR D 445 24.23 18.36 -10.81
C TYR D 445 23.11 18.48 -9.78
N ASN D 446 23.45 18.53 -8.50
CA ASN D 446 22.51 18.85 -7.44
C ASN D 446 21.84 20.19 -7.70
N ARG D 447 22.60 21.23 -8.09
CA ARG D 447 21.96 22.52 -8.30
C ARG D 447 21.00 22.52 -9.47
N GLU D 448 21.40 21.83 -10.52
CA GLU D 448 20.57 21.70 -11.72
C GLU D 448 19.26 20.98 -11.40
N ARG D 449 19.35 19.89 -10.67
CA ARG D 449 18.16 19.15 -10.26
C ARG D 449 17.23 20.04 -9.46
N LEU D 450 17.79 20.83 -8.54
CA LEU D 450 17.00 21.67 -7.67
C LEU D 450 16.42 22.87 -8.40
N GLN D 451 17.08 23.39 -9.41
CA GLN D 451 16.48 24.51 -10.15
C GLN D 451 15.20 24.12 -10.86
N GLU D 452 15.07 22.83 -11.23
CA GLU D 452 13.89 22.40 -11.93
C GLU D 452 12.69 22.52 -10.98
N ARG D 453 12.91 22.33 -9.68
CA ARG D 453 11.87 22.50 -8.69
C ARG D 453 11.49 23.98 -8.49
N ALA D 454 12.51 24.82 -8.43
CA ALA D 454 12.28 26.26 -8.36
C ALA D 454 11.41 26.76 -9.52
N LYS D 455 11.77 26.36 -10.74
CA LYS D 455 11.02 26.72 -11.93
C LYS D 455 9.57 26.23 -11.82
N PHE D 456 9.42 24.95 -11.49
CA PHE D 456 8.06 24.42 -11.41
C PHE D 456 7.26 25.05 -10.30
N GLU D 457 7.82 25.26 -9.11
CA GLU D 457 7.02 25.89 -8.04
C GLU D 457 7.00 27.40 -8.07
N GLY D 458 7.84 28.04 -8.86
CA GLY D 458 7.86 29.49 -8.96
C GLY D 458 8.36 30.15 -7.69
N ARG D 459 9.32 29.48 -7.06
CA ARG D 459 9.97 30.04 -5.89
C ARG D 459 11.42 29.55 -5.83
N ASP D 460 12.27 30.42 -5.29
CA ASP D 460 13.67 30.07 -5.15
C ASP D 460 13.85 28.90 -4.20
N VAL D 461 14.80 28.03 -4.52
CA VAL D 461 15.05 26.92 -3.58
C VAL D 461 15.53 27.49 -2.25
N SER D 462 15.15 26.90 -1.12
CA SER D 462 15.42 27.60 0.13
C SER D 462 15.18 26.72 1.33
N PHE D 463 15.57 27.22 2.50
CA PHE D 463 15.28 26.46 3.73
C PHE D 463 13.80 26.28 3.97
N GLN D 464 12.97 27.21 3.49
CA GLN D 464 11.53 27.07 3.56
C GLN D 464 11.06 25.81 2.82
N MET D 465 11.65 25.46 1.69
CA MET D 465 11.35 24.21 1.01
C MET D 465 11.69 23.00 1.88
N VAL D 466 12.76 23.16 2.64
CA VAL D 466 13.20 22.07 3.52
C VAL D 466 12.16 21.78 4.59
N ILE D 467 11.68 22.86 5.21
CA ILE D 467 10.65 22.76 6.22
C ILE D 467 9.41 22.17 5.60
N ASP D 468 9.06 22.64 4.38
CA ASP D 468 7.90 22.06 3.70
C ASP D 468 8.09 20.56 3.49
N ASP D 469 9.31 20.15 3.14
CA ASP D 469 9.56 18.74 2.88
C ASP D 469 9.49 17.94 4.18
N ILE D 470 9.88 18.55 5.30
CA ILE D 470 9.86 17.87 6.59
C ILE D 470 8.41 17.53 6.96
N PHE D 471 7.49 18.39 6.58
CA PHE D 471 6.09 18.24 6.91
C PHE D 471 5.27 17.51 5.84
N ALA D 472 5.78 17.37 4.64
CA ALA D 472 4.97 16.97 3.49
C ALA D 472 4.27 15.63 3.70
N VAL D 473 5.01 14.61 4.11
CA VAL D 473 4.34 13.28 4.16
C VAL D 473 3.23 13.23 5.18
N GLY D 474 3.46 13.80 6.36
CA GLY D 474 2.42 13.94 7.37
C GLY D 474 1.21 14.70 6.85
N LYS D 475 1.46 15.59 5.88
CA LYS D 475 0.35 16.35 5.29
C LYS D 475 -0.16 15.74 4.00
N GLY D 476 0.27 14.53 3.65
CA GLY D 476 -0.37 13.85 2.55
C GLY D 476 0.33 13.71 1.23
N ARG D 477 1.58 14.14 1.10
CA ARG D 477 2.33 13.96 -0.12
C ARG D 477 3.84 13.95 0.09
N LEU D 478 4.61 13.56 -0.93
CA LEU D 478 6.05 13.39 -0.78
C LEU D 478 6.79 14.74 -0.75
N ILE D 479 6.44 15.57 -1.72
CA ILE D 479 7.13 16.83 -1.96
C ILE D 479 6.39 18.00 -1.33
N GLY D 480 7.09 18.84 -0.58
CA GLY D 480 6.53 20.03 0.04
C GLY D 480 6.26 21.11 -0.99
N ARG D 481 5.19 20.91 -1.77
CA ARG D 481 4.70 21.86 -2.74
C ARG D 481 4.11 23.08 -2.04
N PRO D 482 4.17 24.25 -2.67
CA PRO D 482 3.53 25.42 -2.06
C PRO D 482 2.02 25.24 -1.93
N GLU D 483 1.47 25.75 -0.84
CA GLU D 483 0.05 25.71 -0.50
C GLU D 483 -0.61 24.37 -0.85
CO B12 E . -18.38 -8.56 -8.65
N21 B12 E . -18.97 -8.31 -6.88
N22 B12 E . -19.85 -7.39 -9.40
N23 B12 E . -17.50 -8.73 -10.36
N24 B12 E . -16.91 -9.45 -7.82
C1 B12 E . -18.25 -9.09 -5.82
C20 B12 E . -18.88 -10.47 -5.72
C2 B12 E . -18.53 -8.22 -4.53
C25 B12 E . -18.51 -9.00 -3.21
C26 B12 E . -17.57 -7.03 -4.41
C27 B12 E . -17.88 -6.01 -3.35
O28 B12 E . -18.63 -5.04 -3.58
N29 B12 E . -17.29 -6.17 -2.19
C3 B12 E . -19.89 -7.59 -4.90
C30 B12 E . -21.15 -8.10 -4.15
C31 B12 E . -21.50 -7.18 -3.02
C32 B12 E . -22.30 -7.71 -1.88
O34 B12 E . -22.48 -6.93 -0.93
N33 B12 E . -22.81 -8.89 -1.92
C4 B12 E . -19.93 -7.61 -6.40
C5 B12 E . -20.92 -6.90 -7.22
C35 B12 E . -21.67 -5.81 -6.45
C6 B12 E . -20.84 -6.87 -8.58
C7 B12 E . -21.95 -6.48 -9.60
C36 B12 E . -23.30 -7.11 -9.19
C37 B12 E . -22.11 -4.91 -9.55
C38 B12 E . -23.47 -4.33 -9.55
O39 B12 E . -24.31 -4.69 -10.39
N40 B12 E . -23.77 -3.40 -8.66
C8 B12 E . -21.52 -6.91 -11.04
C41 B12 E . -22.27 -8.01 -11.73
C42 B12 E . -23.56 -7.63 -12.40
C43 B12 E . -24.61 -8.67 -12.18
O44 B12 E . -24.59 -9.50 -11.29
N45 B12 E . -25.56 -8.65 -13.05
C9 B12 E . -20.08 -7.18 -10.71
C10 B12 E . -19.20 -7.64 -11.66
C11 B12 E . -17.96 -8.23 -11.51
C12 B12 E . -17.04 -8.60 -12.64
C46 B12 E . -15.90 -7.55 -12.67
C47 B12 E . -17.68 -8.65 -14.00
C13 B12 E . -16.42 -9.91 -12.10
C48 B12 E . -17.22 -11.17 -12.40
C49 B12 E . -16.99 -11.86 -13.75
C50 B12 E . -17.95 -13.03 -13.83
O51 B12 E . -17.80 -13.98 -13.11
N52 B12 E . -18.92 -12.88 -14.68
C14 B12 E . -16.52 -9.65 -10.60
C15 B12 E . -15.67 -10.21 -9.70
C53 B12 E . -14.60 -11.10 -10.29
C16 B12 E . -15.92 -10.13 -8.29
C17 B12 E . -14.95 -10.46 -7.15
C54 B12 E . -13.82 -9.42 -7.24
C55 B12 E . -14.38 -11.89 -7.02
C56 B12 E . -15.41 -12.95 -7.39
C57 B12 E . -14.82 -14.30 -7.75
O58 B12 E . -14.97 -14.77 -8.85
N59 B12 E . -14.19 -14.94 -6.79
C18 B12 E . -15.83 -10.21 -5.91
C60 B12 E . -15.11 -9.75 -4.65
C61 B12 E . -14.21 -10.68 -3.91
O63 B12 E . -13.05 -10.31 -3.70
N62 B12 E . -14.68 -11.84 -3.52
C19 B12 E . -16.83 -9.15 -6.40
C1P B12 E . -13.56 -16.22 -6.98
C2P B12 E . -14.50 -17.39 -6.79
C3P B12 E . -13.79 -18.70 -6.92
O3 B12 E . -15.11 -17.24 -5.54
O4 B12 E . -17.14 -16.25 -6.46
O5 B12 E . -16.56 -16.02 -3.96
P B12 E . -16.57 -16.78 -5.23
O2 B12 E . -17.26 -18.18 -4.89
C3R B12 E . -16.76 -19.04 -3.88
C2R B12 E . -17.35 -18.80 -2.51
O7R B12 E . -18.18 -17.71 -2.36
C1R B12 E . -18.10 -20.09 -2.23
O6R B12 E . -17.33 -21.04 -2.92
C4R B12 E . -17.11 -20.47 -4.22
C5R B12 E . -16.20 -21.31 -5.01
O8R B12 E . -14.83 -21.31 -4.55
N1B B12 E . -19.47 -20.18 -2.58
C8B B12 E . -20.39 -21.11 -2.11
C2B B12 E . -20.14 -19.40 -3.42
N3B B12 E . -21.43 -19.69 -3.50
C9B B12 E . -21.61 -20.79 -2.71
C4B B12 E . -22.70 -21.62 -2.48
C5B B12 E . -22.64 -22.65 -1.54
C5M B12 E . -23.95 -23.39 -1.31
C6B B12 E . -21.39 -22.97 -0.99
C6M B12 E . -21.14 -24.04 0.04
C7B B12 E . -20.31 -22.17 -1.23
N1 5AD F . -20.77 0.21 -4.56
N1 5AD F . -20.64 0.34 -4.19
C2 5AD F . -19.42 0.15 -4.49
C2 5AD F . -19.31 0.13 -4.16
N3 5AD F . -18.61 -0.65 -5.18
N3 5AD F . -18.58 -0.67 -4.93
C4 5AD F . -19.31 -1.48 -5.96
C4 5AD F . -19.36 -1.33 -5.80
N9 5AD F . -18.83 -2.41 -6.87
N9 5AD F . -18.97 -2.20 -6.83
C8 5AD F . -19.92 -3.03 -7.42
C8 5AD F . -20.14 -2.63 -7.42
N7 5AD F . -21.05 -2.48 -7.07
N7 5AD F . -21.20 -2.07 -6.94
C5 5AD F . -20.65 -1.53 -6.10
C5 5AD F . -20.70 -1.25 -5.91
C6 5AD F . -21.45 -0.61 -5.36
C6 5AD F . -21.40 -0.34 -5.06
N6 5AD F . -22.75 -0.44 -5.51
N6 5AD F . -22.71 -0.10 -5.12
C1' 5AD F . -17.43 -2.71 -7.10
C1' 5AD F . -17.64 -2.70 -7.02
C2' 5AD F . -16.93 -3.98 -6.40
C2' 5AD F . -17.26 -3.85 -6.03
C3' 5AD F . -16.81 -4.98 -7.51
C3' 5AD F . -15.99 -4.29 -6.73
C4' 5AD F . -16.52 -4.14 -8.77
C4' 5AD F . -16.46 -4.37 -8.21
C5' 5AD F . -17.05 -4.84 -10.02
C5' 5AD F . -16.89 -5.77 -8.62
O4' 5AD F . -17.21 -2.90 -8.52
O4' 5AD F . -17.53 -3.39 -8.30
O2' 5AD F . -15.76 -3.64 -5.70
O2' 5AD F . -17.13 -3.32 -4.74
O3' 5AD F . -15.97 -6.06 -7.37
O3' 5AD F . -14.93 -3.41 -6.60
N GLU G . -17.58 -1.69 -15.47
CA GLU G . -17.80 -1.38 -14.08
C GLU G . -16.76 -0.44 -13.46
O GLU G . -15.65 -0.40 -14.03
CB GLU G . -17.78 -2.67 -13.23
CG GLU G . -18.24 -2.34 -11.81
CD GLU G . -19.71 -2.71 -11.69
OE1 GLU G . -20.02 -3.88 -11.99
OE2 GLU G . -20.49 -1.81 -11.33
OXT GLU G . -17.07 0.18 -12.43
C 2AS H . -16.86 -0.48 -13.21
O 2AS H . -17.03 0.22 -12.18
CA 2AS H . -18.03 -1.39 -13.56
N 2AS H . -17.96 -1.96 -14.90
CB 2AS H . -18.05 -2.50 -12.50
CG 2AS H . -19.44 -2.99 -12.21
OD1 2AS H . -20.10 -2.25 -11.46
C4 2AS H . -17.07 -3.63 -12.77
OD2 2AS H . -19.80 -4.06 -12.72
OXT 2AS H . -15.88 -0.53 -13.97
CO B12 I . 11.28 8.41 16.90
N21 B12 I . 9.64 8.11 17.75
N22 B12 I . 12.27 7.22 18.21
N23 B12 I . 12.82 8.61 15.77
N24 B12 I . 10.22 9.30 15.61
C1 B12 I . 8.47 8.89 17.24
C20 B12 I . 8.43 10.28 17.89
C2 B12 I . 7.26 7.98 17.73
C25 B12 I . 5.92 8.67 17.90
C26 B12 I . 7.08 6.79 16.77
C27 B12 I . 6.14 5.71 17.29
O28 B12 I . 6.50 4.81 18.02
N29 B12 I . 4.90 5.82 16.90
C3 B12 I . 7.86 7.39 19.01
C30 B12 I . 7.31 7.84 20.38
C31 B12 I . 6.28 6.87 20.89
C32 B12 I . 5.29 7.32 21.91
O34 B12 I . 4.42 6.50 22.22
N33 B12 I . 5.35 8.51 22.42
C4 B12 I . 9.35 7.40 18.80
C5 B12 I . 10.30 6.65 19.60
C35 B12 I . 9.67 5.57 20.47
C6 B12 I . 11.63 6.64 19.30
C7 B12 I . 12.82 6.22 20.22
C36 B12 I . 12.69 6.79 21.64
C37 B12 I . 12.80 4.65 20.34
C38 B12 I . 13.04 4.03 21.66
O39 B12 I . 14.04 4.42 22.30
N40 B12 I . 12.33 3.04 22.16
C8 B12 I . 14.17 6.65 19.57
C41 B12 I . 14.97 7.77 20.20
C42 B12 I . 15.89 7.43 21.34
C43 B12 I . 15.80 8.45 22.44
O44 B12 I . 14.91 9.28 22.57
N45 B12 I . 16.77 8.37 23.28
C9 B12 I . 13.60 7.01 18.22
C10 B12 I . 14.39 7.49 17.22
C11 B12 I . 14.03 8.11 16.04
C12 B12 I . 15.03 8.53 15.01
C46 B12 I . 14.93 7.49 13.86
C47 B12 I . 16.45 8.56 15.48
C13 B12 I . 14.37 9.83 14.51
C48 B12 I . 14.77 11.07 15.29
C49 B12 I . 16.07 11.75 14.82
C50 B12 I . 16.32 12.88 15.79
O51 B12 I . 15.57 13.82 15.75
N52 B12 I . 17.32 12.74 16.61
C14 B12 I . 12.90 9.57 14.78
C15 B12 I . 11.87 10.11 14.09
C53 B12 I . 12.27 11.07 13.01
C16 B12 I . 10.51 10.01 14.56
C17 B12 I . 9.22 10.32 13.80
C54 B12 I . 9.15 9.32 12.64
C55 B12 I . 8.99 11.77 13.29
C56 B12 I . 9.49 12.82 14.30
C57 B12 I . 9.76 14.15 13.65
O58 B12 I . 10.89 14.59 13.58
N59 B12 I . 8.73 14.82 13.16
C18 B12 I . 8.12 10.04 14.85
C60 B12 I . 6.78 9.61 14.30
C61 B12 I . 5.94 10.52 13.49
O63 B12 I . 5.46 10.10 12.43
N62 B12 I . 5.71 11.75 13.90
C19 B12 I . 8.79 9.02 15.75
C1P B12 I . 8.87 16.11 12.52
C2P B12 I . 8.92 17.24 13.53
C3P B12 I . 8.89 18.57 12.78
O3 B12 I . 7.77 17.14 14.33
O4 B12 I . 8.90 16.07 16.24
O5 B12 I . 6.37 15.82 15.84
P B12 I . 7.61 16.59 15.79
O2 B12 I . 7.35 17.96 16.58
C3R B12 I . 6.31 18.83 16.26
C2R B12 I . 5.06 18.60 17.07
O7R B12 I . 5.06 17.49 17.89
C1R B12 I . 4.95 19.89 17.86
O6R B12 I . 5.54 20.87 17.05
C4R B12 I . 6.71 20.26 16.51
C5R B12 I . 7.29 21.02 15.38
O8R B12 I . 6.35 21.24 14.29
N1B B12 I . 5.52 19.89 19.17
C8B B12 I . 5.12 20.73 20.22
C2B B12 I . 6.45 19.09 19.71
N3B B12 I . 6.82 19.44 20.94
C9B B12 I . 5.98 20.48 21.28
C4B B12 I . 5.84 21.23 22.43
C5B B12 I . 4.92 22.26 22.49
C5M B12 I . 4.87 23.00 23.81
C6B B12 I . 4.15 22.58 21.34
C6M B12 I . 3.21 23.75 21.21
C7B B12 I . 4.28 21.82 20.21
N1 5AD J . 7.55 -0.50 19.48
N1 5AD J . 7.72 -0.53 19.74
C2 5AD J . 7.42 -0.42 18.13
C2 5AD J . 7.40 -0.31 18.44
N3 5AD J . 8.02 0.42 17.30
N3 5AD J . 7.96 0.52 17.58
C4 5AD J . 8.79 1.26 17.97
C4 5AD J . 8.94 1.21 18.17
N9 5AD J . 9.63 2.24 17.44
N9 5AD J . 9.79 2.14 17.60
C8 5AD J . 10.28 2.81 18.49
C8 5AD J . 10.68 2.52 18.56
N7 5AD J . 10.03 2.24 19.63
N7 5AD J . 10.47 1.94 19.71
C5 5AD J . 9.08 1.27 19.29
C5 5AD J . 9.36 1.12 19.45
C6 5AD J . 8.35 0.36 20.12
C6 5AD J . 8.70 0.19 20.31
N6 5AD J . 8.51 0.21 21.44
N6 5AD J . 9.04 -0.08 21.57
C1' 5AD J . 9.72 2.55 16.04
C1' 5AD J . 9.65 2.59 16.24
C2' 5AD J . 8.89 3.78 15.64
C2' 5AD J . 8.60 3.72 16.09
C3' 5AD J . 9.94 4.83 15.38
C3' 5AD J . 9.01 4.22 14.72
C4' 5AD J . 11.18 4.03 14.92
C4' 5AD J . 10.56 4.30 14.87
C5' 5AD J . 12.49 4.73 15.28
C5' 5AD J . 11.06 5.65 15.36
O4' 5AD J . 11.09 2.79 15.67
O4' 5AD J . 10.88 3.26 15.84
O2' 5AD J . 8.07 3.39 14.57
O2' 5AD J . 7.31 3.17 16.20
O3' 5AD J . 9.60 5.90 14.57
O3' 5AD J . 8.66 3.42 13.65
N GLU K . 18.03 1.55 15.03
CA GLU K . 16.66 1.26 15.40
C GLU K . 15.93 0.40 14.36
O GLU K . 16.33 0.45 13.18
CB GLU K . 15.87 2.56 15.55
CG GLU K . 14.48 2.24 16.10
CD GLU K . 14.44 2.63 17.57
OE1 GLU K . 14.97 3.71 17.91
OE2 GLU K . 13.88 1.82 18.34
OXT GLU K . 14.96 -0.27 14.76
C 2AS L . 15.74 0.50 14.44
O 2AS L . 14.82 -0.32 14.70
CA 2AS L . 16.18 1.37 15.62
N 2AS L . 17.48 2.00 15.41
CB 2AS L . 15.09 2.42 15.83
CG 2AS L . 15.10 2.92 17.27
OD1 2AS L . 14.57 2.16 18.08
C4 2AS L . 15.20 3.59 14.87
OD2 2AS L . 15.63 4.02 17.50
OXT 2AS L . 16.29 0.67 13.35
#